data_6UCL
# 
_entry.id   6UCL 
# 
_audit_conform.dict_name       mmcif_pdbx.dic 
_audit_conform.dict_version    5.399 
_audit_conform.dict_location   http://mmcif.pdb.org/dictionaries/ascii/mmcif_pdbx.dic 
# 
loop_
_database_2.database_id 
_database_2.database_code 
_database_2.pdbx_database_accession 
_database_2.pdbx_DOI 
PDB   6UCL         pdb_00006ucl 10.2210/pdb6ucl/pdb 
WWPDB D_1000244349 ?            ?                   
# 
loop_
_pdbx_audit_revision_history.ordinal 
_pdbx_audit_revision_history.data_content_type 
_pdbx_audit_revision_history.major_revision 
_pdbx_audit_revision_history.minor_revision 
_pdbx_audit_revision_history.revision_date 
1 'Structure model' 1 0 2020-01-15 
2 'Structure model' 1 1 2020-07-01 
3 'Structure model' 1 2 2023-10-11 
4 'Structure model' 1 3 2024-11-20 
# 
_pdbx_audit_revision_details.ordinal             1 
_pdbx_audit_revision_details.revision_ordinal    1 
_pdbx_audit_revision_details.data_content_type   'Structure model' 
_pdbx_audit_revision_details.provider            repository 
_pdbx_audit_revision_details.type                'Initial release' 
_pdbx_audit_revision_details.description         ? 
_pdbx_audit_revision_details.details             ? 
# 
loop_
_pdbx_audit_revision_group.ordinal 
_pdbx_audit_revision_group.revision_ordinal 
_pdbx_audit_revision_group.data_content_type 
_pdbx_audit_revision_group.group 
1 2 'Structure model' 'Database references'    
2 3 'Structure model' 'Data collection'        
3 3 'Structure model' 'Database references'    
4 3 'Structure model' 'Refinement description' 
5 4 'Structure model' 'Structure summary'      
# 
loop_
_pdbx_audit_revision_category.ordinal 
_pdbx_audit_revision_category.revision_ordinal 
_pdbx_audit_revision_category.data_content_type 
_pdbx_audit_revision_category.category 
1 2 'Structure model' citation                      
2 2 'Structure model' citation_author               
3 3 'Structure model' chem_comp_atom                
4 3 'Structure model' chem_comp_bond                
5 3 'Structure model' database_2                    
6 3 'Structure model' pdbx_initial_refinement_model 
7 4 'Structure model' pdbx_entry_details            
8 4 'Structure model' pdbx_modification_feature     
# 
loop_
_pdbx_audit_revision_item.ordinal 
_pdbx_audit_revision_item.revision_ordinal 
_pdbx_audit_revision_item.data_content_type 
_pdbx_audit_revision_item.item 
1  2 'Structure model' '_citation.country'                            
2  2 'Structure model' '_citation.journal_id_ISSN'                    
3  2 'Structure model' '_citation.journal_volume'                     
4  2 'Structure model' '_citation.page_first'                         
5  2 'Structure model' '_citation.page_last'                          
6  2 'Structure model' '_citation.pdbx_database_id_PubMed'            
7  2 'Structure model' '_citation.title'                              
8  2 'Structure model' '_citation.year'                               
9  2 'Structure model' '_citation_author.name'                        
10 3 'Structure model' '_database_2.pdbx_DOI'                         
11 3 'Structure model' '_database_2.pdbx_database_accession'          
12 4 'Structure model' '_pdbx_entry_details.has_protein_modification' 
# 
_pdbx_database_status.status_code                     REL 
_pdbx_database_status.status_code_sf                  REL 
_pdbx_database_status.status_code_mr                  ? 
_pdbx_database_status.entry_id                        6UCL 
_pdbx_database_status.recvd_initial_deposition_date   2019-09-16 
_pdbx_database_status.SG_entry                        N 
_pdbx_database_status.deposit_site                    RCSB 
_pdbx_database_status.process_site                    RCSB 
_pdbx_database_status.status_code_cs                  ? 
_pdbx_database_status.methods_development_category    ? 
_pdbx_database_status.pdb_format_compatible           Y 
_pdbx_database_status.status_code_nmr_data            ? 
# 
_pdbx_database_related.db_name        PDB 
_pdbx_database_related.details        . 
_pdbx_database_related.db_id          6UCI 
_pdbx_database_related.content_type   unspecified 
# 
loop_
_audit_author.name 
_audit_author.pdbx_ordinal 
_audit_author.identifier_ORCID 
'Yin, Z.'     1 ? 
'Machius, M.' 2 ? 
'Rudenko, G.' 3 ? 
# 
_citation.abstract                  ? 
_citation.abstract_id_CAS           ? 
_citation.book_id_ISBN              ? 
_citation.book_publisher            ? 
_citation.book_publisher_city       ? 
_citation.book_title                ? 
_citation.coordinate_linkage        ? 
_citation.country                   UK 
_citation.database_id_Medline       ? 
_citation.details                   ? 
_citation.id                        primary 
_citation.journal_abbrev            'Curr Res Struct Biol' 
_citation.journal_id_ASTM           ? 
_citation.journal_id_CSD            ? 
_citation.journal_id_ISSN           2665-928X 
_citation.journal_full              ? 
_citation.journal_issue             ? 
_citation.journal_volume            2 
_citation.language                  ? 
_citation.page_first                1 
_citation.page_last                 13 
_citation.title                     'Self-assembly of the bZIP transcription factor Delta FosB.' 
_citation.year                      2020 
_citation.database_id_CSD           ? 
_citation.pdbx_database_id_DOI      10.1016/j.crstbi.2019.12.001 
_citation.pdbx_database_id_PubMed   32542236 
_citation.unpublished_flag          ? 
# 
loop_
_citation_author.citation_id 
_citation_author.name 
_citation_author.ordinal 
_citation_author.identifier_ORCID 
primary 'Yin, Z.'          1 ? 
primary 'Venkannagari, H.' 2 ? 
primary 'Lynch, H.'        3 ? 
primary 'Aglyamova, G.'    4 ? 
primary 'Bhandari, M.'     5 ? 
primary 'Machius, M.'      6 ? 
primary 'Nestler, E.J.'    7 ? 
primary 'Robison, A.J.'    8 ? 
primary 'Rudenko, G.'      9 ? 
# 
loop_
_entity.id 
_entity.type 
_entity.src_method 
_entity.pdbx_description 
_entity.formula_weight 
_entity.pdbx_number_of_molecules 
_entity.pdbx_ec 
_entity.pdbx_mutation 
_entity.pdbx_fragment 
_entity.details 
1 polymer     man 'Protein fosB' 8267.290 1  ? ? ? ? 
2 non-polymer syn 'CHLORIDE ION' 35.453   3  ? ? ? ? 
3 water       nat water          18.015   11 ? ? ? ? 
# 
_entity_name_com.entity_id   1 
_entity_name_com.name        'G0/G1 switch regulatory protein 3' 
# 
_entity_poly.entity_id                      1 
_entity_poly.type                           'polypeptide(L)' 
_entity_poly.nstd_linkage                   no 
_entity_poly.nstd_monomer                   no 
_entity_poly.pdbx_seq_one_letter_code       SEEEEKRRVRRERNKLAAAKCRNRRRELTDRLQAETDQLEEEKAELESEIAELQKEKERLEFVLVAHK 
_entity_poly.pdbx_seq_one_letter_code_can   SEEEEKRRVRRERNKLAAAKCRNRRRELTDRLQAETDQLEEEKAELESEIAELQKEKERLEFVLVAHK 
_entity_poly.pdbx_strand_id                 A 
_entity_poly.pdbx_target_identifier         ? 
# 
loop_
_pdbx_entity_nonpoly.entity_id 
_pdbx_entity_nonpoly.name 
_pdbx_entity_nonpoly.comp_id 
2 'CHLORIDE ION' CL  
3 water          HOH 
# 
loop_
_entity_poly_seq.entity_id 
_entity_poly_seq.num 
_entity_poly_seq.mon_id 
_entity_poly_seq.hetero 
1 1  SER n 
1 2  GLU n 
1 3  GLU n 
1 4  GLU n 
1 5  GLU n 
1 6  LYS n 
1 7  ARG n 
1 8  ARG n 
1 9  VAL n 
1 10 ARG n 
1 11 ARG n 
1 12 GLU n 
1 13 ARG n 
1 14 ASN n 
1 15 LYS n 
1 16 LEU n 
1 17 ALA n 
1 18 ALA n 
1 19 ALA n 
1 20 LYS n 
1 21 CYS n 
1 22 ARG n 
1 23 ASN n 
1 24 ARG n 
1 25 ARG n 
1 26 ARG n 
1 27 GLU n 
1 28 LEU n 
1 29 THR n 
1 30 ASP n 
1 31 ARG n 
1 32 LEU n 
1 33 GLN n 
1 34 ALA n 
1 35 GLU n 
1 36 THR n 
1 37 ASP n 
1 38 GLN n 
1 39 LEU n 
1 40 GLU n 
1 41 GLU n 
1 42 GLU n 
1 43 LYS n 
1 44 ALA n 
1 45 GLU n 
1 46 LEU n 
1 47 GLU n 
1 48 SER n 
1 49 GLU n 
1 50 ILE n 
1 51 ALA n 
1 52 GLU n 
1 53 LEU n 
1 54 GLN n 
1 55 LYS n 
1 56 GLU n 
1 57 LYS n 
1 58 GLU n 
1 59 ARG n 
1 60 LEU n 
1 61 GLU n 
1 62 PHE n 
1 63 VAL n 
1 64 LEU n 
1 65 VAL n 
1 66 ALA n 
1 67 HIS n 
1 68 LYS n 
# 
_entity_src_gen.entity_id                          1 
_entity_src_gen.pdbx_src_id                        1 
_entity_src_gen.pdbx_alt_source_flag               sample 
_entity_src_gen.pdbx_seq_type                      'Biological sequence' 
_entity_src_gen.pdbx_beg_seq_num                   1 
_entity_src_gen.pdbx_end_seq_num                   68 
_entity_src_gen.gene_src_common_name               Human 
_entity_src_gen.gene_src_genus                     ? 
_entity_src_gen.pdbx_gene_src_gene                 'FOSB, G0S3' 
_entity_src_gen.gene_src_species                   ? 
_entity_src_gen.gene_src_strain                    ? 
_entity_src_gen.gene_src_tissue                    ? 
_entity_src_gen.gene_src_tissue_fraction           ? 
_entity_src_gen.gene_src_details                   'alternative splice form; identical to the mouse sequence in the region cloned' 
_entity_src_gen.pdbx_gene_src_fragment             ? 
_entity_src_gen.pdbx_gene_src_scientific_name      'Homo sapiens' 
_entity_src_gen.pdbx_gene_src_ncbi_taxonomy_id     9606 
_entity_src_gen.pdbx_gene_src_variant              ? 
_entity_src_gen.pdbx_gene_src_cell_line            ? 
_entity_src_gen.pdbx_gene_src_atcc                 ? 
_entity_src_gen.pdbx_gene_src_organ                ? 
_entity_src_gen.pdbx_gene_src_organelle            ? 
_entity_src_gen.pdbx_gene_src_cell                 ? 
_entity_src_gen.pdbx_gene_src_cellular_location    ? 
_entity_src_gen.host_org_common_name               ? 
_entity_src_gen.pdbx_host_org_scientific_name      'Escherichia coli' 
_entity_src_gen.pdbx_host_org_ncbi_taxonomy_id     562 
_entity_src_gen.host_org_genus                     ? 
_entity_src_gen.pdbx_host_org_gene                 ? 
_entity_src_gen.pdbx_host_org_organ                ? 
_entity_src_gen.host_org_species                   ? 
_entity_src_gen.pdbx_host_org_tissue               ? 
_entity_src_gen.pdbx_host_org_tissue_fraction      ? 
_entity_src_gen.pdbx_host_org_strain               ? 
_entity_src_gen.pdbx_host_org_variant              ? 
_entity_src_gen.pdbx_host_org_cell_line            ? 
_entity_src_gen.pdbx_host_org_atcc                 ? 
_entity_src_gen.pdbx_host_org_culture_collection   ? 
_entity_src_gen.pdbx_host_org_cell                 'Rosetta 2 (DE3)  ' 
_entity_src_gen.pdbx_host_org_organelle            ? 
_entity_src_gen.pdbx_host_org_cellular_location    ? 
_entity_src_gen.pdbx_host_org_vector_type          ? 
_entity_src_gen.pdbx_host_org_vector               ? 
_entity_src_gen.host_org_details                   ? 
_entity_src_gen.expression_system_id               ? 
_entity_src_gen.plasmid_name                       'pET21 NESG' 
_entity_src_gen.plasmid_details                    ? 
_entity_src_gen.pdbx_description                   ? 
# 
loop_
_chem_comp.id 
_chem_comp.type 
_chem_comp.mon_nstd_flag 
_chem_comp.name 
_chem_comp.pdbx_synonyms 
_chem_comp.formula 
_chem_comp.formula_weight 
ALA 'L-peptide linking' y ALANINE         ? 'C3 H7 N O2'     89.093  
ARG 'L-peptide linking' y ARGININE        ? 'C6 H15 N4 O2 1' 175.209 
ASN 'L-peptide linking' y ASPARAGINE      ? 'C4 H8 N2 O3'    132.118 
ASP 'L-peptide linking' y 'ASPARTIC ACID' ? 'C4 H7 N O4'     133.103 
CL  non-polymer         . 'CHLORIDE ION'  ? 'Cl -1'          35.453  
CYS 'L-peptide linking' y CYSTEINE        ? 'C3 H7 N O2 S'   121.158 
GLN 'L-peptide linking' y GLUTAMINE       ? 'C5 H10 N2 O3'   146.144 
GLU 'L-peptide linking' y 'GLUTAMIC ACID' ? 'C5 H9 N O4'     147.129 
HIS 'L-peptide linking' y HISTIDINE       ? 'C6 H10 N3 O2 1' 156.162 
HOH non-polymer         . WATER           ? 'H2 O'           18.015  
ILE 'L-peptide linking' y ISOLEUCINE      ? 'C6 H13 N O2'    131.173 
LEU 'L-peptide linking' y LEUCINE         ? 'C6 H13 N O2'    131.173 
LYS 'L-peptide linking' y LYSINE          ? 'C6 H15 N2 O2 1' 147.195 
PHE 'L-peptide linking' y PHENYLALANINE   ? 'C9 H11 N O2'    165.189 
SER 'L-peptide linking' y SERINE          ? 'C3 H7 N O3'     105.093 
THR 'L-peptide linking' y THREONINE       ? 'C4 H9 N O3'     119.119 
VAL 'L-peptide linking' y VALINE          ? 'C5 H11 N O2'    117.146 
# 
loop_
_pdbx_poly_seq_scheme.asym_id 
_pdbx_poly_seq_scheme.entity_id 
_pdbx_poly_seq_scheme.seq_id 
_pdbx_poly_seq_scheme.mon_id 
_pdbx_poly_seq_scheme.ndb_seq_num 
_pdbx_poly_seq_scheme.pdb_seq_num 
_pdbx_poly_seq_scheme.auth_seq_num 
_pdbx_poly_seq_scheme.pdb_mon_id 
_pdbx_poly_seq_scheme.auth_mon_id 
_pdbx_poly_seq_scheme.pdb_strand_id 
_pdbx_poly_seq_scheme.pdb_ins_code 
_pdbx_poly_seq_scheme.hetero 
A 1 1  SER 1  152 ?   ?   ?   A . n 
A 1 2  GLU 2  153 ?   ?   ?   A . n 
A 1 3  GLU 3  154 ?   ?   ?   A . n 
A 1 4  GLU 4  155 ?   ?   ?   A . n 
A 1 5  GLU 5  156 ?   ?   ?   A . n 
A 1 6  LYS 6  157 ?   ?   ?   A . n 
A 1 7  ARG 7  158 158 ARG ARG A . n 
A 1 8  ARG 8  159 159 ARG ARG A . n 
A 1 9  VAL 9  160 160 VAL VAL A . n 
A 1 10 ARG 10 161 161 ARG ARG A . n 
A 1 11 ARG 11 162 162 ARG ARG A . n 
A 1 12 GLU 12 163 163 GLU GLU A . n 
A 1 13 ARG 13 164 164 ARG ARG A . n 
A 1 14 ASN 14 165 165 ASN ASN A . n 
A 1 15 LYS 15 166 166 LYS LYS A . n 
A 1 16 LEU 16 167 167 LEU LEU A . n 
A 1 17 ALA 17 168 168 ALA ALA A . n 
A 1 18 ALA 18 169 169 ALA ALA A . n 
A 1 19 ALA 19 170 170 ALA ALA A . n 
A 1 20 LYS 20 171 171 LYS LYS A . n 
A 1 21 CYS 21 172 172 CYS CYS A . n 
A 1 22 ARG 22 173 173 ARG ARG A . n 
A 1 23 ASN 23 174 174 ASN ASN A . n 
A 1 24 ARG 24 175 175 ARG ARG A . n 
A 1 25 ARG 25 176 176 ARG ARG A . n 
A 1 26 ARG 26 177 177 ARG ARG A . n 
A 1 27 GLU 27 178 178 GLU GLU A . n 
A 1 28 LEU 28 179 179 LEU LEU A . n 
A 1 29 THR 29 180 180 THR THR A . n 
A 1 30 ASP 30 181 181 ASP ASP A . n 
A 1 31 ARG 31 182 182 ARG ARG A . n 
A 1 32 LEU 32 183 183 LEU LEU A . n 
A 1 33 GLN 33 184 184 GLN GLN A . n 
A 1 34 ALA 34 185 185 ALA ALA A . n 
A 1 35 GLU 35 186 186 GLU GLU A . n 
A 1 36 THR 36 187 187 THR THR A . n 
A 1 37 ASP 37 188 188 ASP ASP A . n 
A 1 38 GLN 38 189 189 GLN GLN A . n 
A 1 39 LEU 39 190 190 LEU LEU A . n 
A 1 40 GLU 40 191 191 GLU GLU A . n 
A 1 41 GLU 41 192 192 GLU GLU A . n 
A 1 42 GLU 42 193 193 GLU GLU A . n 
A 1 43 LYS 43 194 194 LYS LYS A . n 
A 1 44 ALA 44 195 195 ALA ALA A . n 
A 1 45 GLU 45 196 196 GLU GLU A . n 
A 1 46 LEU 46 197 197 LEU LEU A . n 
A 1 47 GLU 47 198 198 GLU GLU A . n 
A 1 48 SER 48 199 199 SER SER A . n 
A 1 49 GLU 49 200 200 GLU GLU A . n 
A 1 50 ILE 50 201 201 ILE ILE A . n 
A 1 51 ALA 51 202 202 ALA ALA A . n 
A 1 52 GLU 52 203 203 GLU GLU A . n 
A 1 53 LEU 53 204 204 LEU LEU A . n 
A 1 54 GLN 54 205 205 GLN GLN A . n 
A 1 55 LYS 55 206 206 LYS LYS A . n 
A 1 56 GLU 56 207 207 GLU GLU A . n 
A 1 57 LYS 57 208 208 LYS LYS A . n 
A 1 58 GLU 58 209 209 GLU GLU A . n 
A 1 59 ARG 59 210 210 ARG ARG A . n 
A 1 60 LEU 60 211 211 LEU LEU A . n 
A 1 61 GLU 61 212 212 GLU GLU A . n 
A 1 62 PHE 62 213 213 PHE PHE A . n 
A 1 63 VAL 63 214 214 VAL VAL A . n 
A 1 64 LEU 64 215 215 LEU LEU A . n 
A 1 65 VAL 65 216 216 VAL VAL A . n 
A 1 66 ALA 66 217 217 ALA ALA A . n 
A 1 67 HIS 67 218 ?   ?   ?   A . n 
A 1 68 LYS 68 219 ?   ?   ?   A . n 
# 
loop_
_pdbx_nonpoly_scheme.asym_id 
_pdbx_nonpoly_scheme.entity_id 
_pdbx_nonpoly_scheme.mon_id 
_pdbx_nonpoly_scheme.ndb_seq_num 
_pdbx_nonpoly_scheme.pdb_seq_num 
_pdbx_nonpoly_scheme.auth_seq_num 
_pdbx_nonpoly_scheme.pdb_mon_id 
_pdbx_nonpoly_scheme.auth_mon_id 
_pdbx_nonpoly_scheme.pdb_strand_id 
_pdbx_nonpoly_scheme.pdb_ins_code 
B 2 CL  1  301 1  CL  CL  A . 
C 2 CL  1  302 2  CL  CL  A . 
D 2 CL  1  303 3  CL  CL  A . 
E 3 HOH 1  401 3  HOH HOH A . 
E 3 HOH 2  402 5  HOH HOH A . 
E 3 HOH 3  403 2  HOH HOH A . 
E 3 HOH 4  404 6  HOH HOH A . 
E 3 HOH 5  405 1  HOH HOH A . 
E 3 HOH 6  406 8  HOH HOH A . 
E 3 HOH 7  407 9  HOH HOH A . 
E 3 HOH 8  408 4  HOH HOH A . 
E 3 HOH 9  409 11 HOH HOH A . 
E 3 HOH 10 410 10 HOH HOH A . 
E 3 HOH 11 411 7  HOH HOH A . 
# 
loop_
_pdbx_unobs_or_zero_occ_atoms.id 
_pdbx_unobs_or_zero_occ_atoms.PDB_model_num 
_pdbx_unobs_or_zero_occ_atoms.polymer_flag 
_pdbx_unobs_or_zero_occ_atoms.occupancy_flag 
_pdbx_unobs_or_zero_occ_atoms.auth_asym_id 
_pdbx_unobs_or_zero_occ_atoms.auth_comp_id 
_pdbx_unobs_or_zero_occ_atoms.auth_seq_id 
_pdbx_unobs_or_zero_occ_atoms.PDB_ins_code 
_pdbx_unobs_or_zero_occ_atoms.auth_atom_id 
_pdbx_unobs_or_zero_occ_atoms.label_alt_id 
_pdbx_unobs_or_zero_occ_atoms.label_asym_id 
_pdbx_unobs_or_zero_occ_atoms.label_comp_id 
_pdbx_unobs_or_zero_occ_atoms.label_seq_id 
_pdbx_unobs_or_zero_occ_atoms.label_atom_id 
1  1 Y 1 A ARG 158 ? CG  ? A ARG 7  CG  
2  1 Y 1 A ARG 158 ? CD  ? A ARG 7  CD  
3  1 Y 1 A ARG 158 ? NE  ? A ARG 7  NE  
4  1 Y 1 A ARG 158 ? CZ  ? A ARG 7  CZ  
5  1 Y 1 A ARG 158 ? NH1 ? A ARG 7  NH1 
6  1 Y 1 A ARG 158 ? NH2 ? A ARG 7  NH2 
7  1 Y 1 A ARG 159 ? CG  ? A ARG 8  CG  
8  1 Y 1 A ARG 159 ? CD  ? A ARG 8  CD  
9  1 Y 1 A ARG 159 ? NE  ? A ARG 8  NE  
10 1 Y 1 A ARG 159 ? CZ  ? A ARG 8  CZ  
11 1 Y 1 A ARG 159 ? NH1 ? A ARG 8  NH1 
12 1 Y 1 A ARG 159 ? NH2 ? A ARG 8  NH2 
13 1 Y 1 A VAL 160 ? CG1 ? A VAL 9  CG1 
14 1 Y 1 A VAL 160 ? CG2 ? A VAL 9  CG2 
15 1 Y 1 A ARG 161 ? CG  ? A ARG 10 CG  
16 1 Y 1 A ARG 161 ? CD  ? A ARG 10 CD  
17 1 Y 1 A ARG 161 ? NE  ? A ARG 10 NE  
18 1 Y 1 A ARG 161 ? CZ  ? A ARG 10 CZ  
19 1 Y 1 A ARG 161 ? NH1 ? A ARG 10 NH1 
20 1 Y 1 A ARG 161 ? NH2 ? A ARG 10 NH2 
21 1 Y 1 A ARG 162 ? CG  ? A ARG 11 CG  
22 1 Y 1 A ARG 162 ? CD  ? A ARG 11 CD  
23 1 Y 1 A ARG 162 ? NE  ? A ARG 11 NE  
24 1 Y 1 A ARG 162 ? CZ  ? A ARG 11 CZ  
25 1 Y 1 A ARG 162 ? NH1 ? A ARG 11 NH1 
26 1 Y 1 A ARG 162 ? NH2 ? A ARG 11 NH2 
27 1 Y 1 A GLU 163 ? CG  ? A GLU 12 CG  
28 1 Y 1 A GLU 163 ? CD  ? A GLU 12 CD  
29 1 Y 1 A GLU 163 ? OE1 ? A GLU 12 OE1 
30 1 Y 1 A GLU 163 ? OE2 ? A GLU 12 OE2 
31 1 Y 1 A LYS 166 ? CG  ? A LYS 15 CG  
32 1 Y 1 A LYS 166 ? CD  ? A LYS 15 CD  
33 1 Y 1 A LYS 166 ? CE  ? A LYS 15 CE  
34 1 Y 1 A LYS 166 ? NZ  ? A LYS 15 NZ  
35 1 Y 1 A GLU 198 ? CG  ? A GLU 47 CG  
36 1 Y 1 A GLU 198 ? CD  ? A GLU 47 CD  
37 1 Y 1 A GLU 198 ? OE1 ? A GLU 47 OE1 
38 1 Y 1 A GLU 198 ? OE2 ? A GLU 47 OE2 
39 1 Y 1 A GLU 200 ? CG  ? A GLU 49 CG  
40 1 Y 1 A GLU 200 ? CD  ? A GLU 49 CD  
41 1 Y 1 A GLU 200 ? OE1 ? A GLU 49 OE1 
42 1 Y 1 A GLU 200 ? OE2 ? A GLU 49 OE2 
43 1 Y 1 A GLU 203 ? CG  ? A GLU 52 CG  
44 1 Y 1 A GLU 203 ? CD  ? A GLU 52 CD  
45 1 Y 1 A GLU 203 ? OE1 ? A GLU 52 OE1 
46 1 Y 1 A GLU 203 ? OE2 ? A GLU 52 OE2 
47 1 Y 1 A LYS 206 ? CG  ? A LYS 55 CG  
48 1 Y 1 A LYS 206 ? CD  ? A LYS 55 CD  
49 1 Y 1 A LYS 206 ? CE  ? A LYS 55 CE  
50 1 Y 1 A LYS 206 ? NZ  ? A LYS 55 NZ  
51 1 Y 1 A GLU 207 ? CG  ? A GLU 56 CG  
52 1 Y 1 A GLU 207 ? CD  ? A GLU 56 CD  
53 1 Y 1 A GLU 207 ? OE1 ? A GLU 56 OE1 
54 1 Y 1 A GLU 207 ? OE2 ? A GLU 56 OE2 
55 1 Y 1 A GLU 209 ? CG  ? A GLU 58 CG  
56 1 Y 1 A GLU 209 ? CD  ? A GLU 58 CD  
57 1 Y 1 A GLU 209 ? OE1 ? A GLU 58 OE1 
58 1 Y 1 A GLU 209 ? OE2 ? A GLU 58 OE2 
# 
loop_
_software.citation_id 
_software.classification 
_software.compiler_name 
_software.compiler_version 
_software.contact_author 
_software.contact_author_email 
_software.date 
_software.description 
_software.dependencies 
_software.hardware 
_software.language 
_software.location 
_software.mods 
_software.name 
_software.os 
_software.os_version 
_software.type 
_software.version 
_software.pdbx_ordinal 
? 'data scaling'    ? ? ? ? ? ? ? ? ? ? ? SCALEPACK   ? ? ? .           1 
? refinement        ? ? ? ? ? ? ? ? ? ? ? PHENIX      ? ? ? 1.11.1_2575 2 
? 'data extraction' ? ? ? ? ? ? ? ? ? ? ? PDB_EXTRACT ? ? ? 3.22        3 
? 'data reduction'  ? ? ? ? ? ? ? ? ? ? ? DENZO       ? ? ? .           4 
? phasing           ? ? ? ? ? ? ? ? ? ? ? PHASER      ? ? ? .           5 
# 
_cell.angle_alpha                  90.000 
_cell.angle_alpha_esd              ? 
_cell.angle_beta                   90.000 
_cell.angle_beta_esd               ? 
_cell.angle_gamma                  90.000 
_cell.angle_gamma_esd              ? 
_cell.entry_id                     6UCL 
_cell.details                      ? 
_cell.formula_units_Z              ? 
_cell.length_a                     39.506 
_cell.length_a_esd                 ? 
_cell.length_b                     51.956 
_cell.length_b_esd                 ? 
_cell.length_c                     150.454 
_cell.length_c_esd                 ? 
_cell.volume                       ? 
_cell.volume_esd                   ? 
_cell.Z_PDB                        16 
_cell.reciprocal_angle_alpha       ? 
_cell.reciprocal_angle_beta        ? 
_cell.reciprocal_angle_gamma       ? 
_cell.reciprocal_angle_alpha_esd   ? 
_cell.reciprocal_angle_beta_esd    ? 
_cell.reciprocal_angle_gamma_esd   ? 
_cell.reciprocal_length_a          ? 
_cell.reciprocal_length_b          ? 
_cell.reciprocal_length_c          ? 
_cell.reciprocal_length_a_esd      ? 
_cell.reciprocal_length_b_esd      ? 
_cell.reciprocal_length_c_esd      ? 
_cell.pdbx_unique_axis             ? 
# 
_symmetry.entry_id                         6UCL 
_symmetry.cell_setting                     ? 
_symmetry.Int_Tables_number                22 
_symmetry.space_group_name_Hall            ? 
_symmetry.space_group_name_H-M             'F 2 2 2' 
_symmetry.pdbx_full_space_group_name_H-M   ? 
# 
_exptl.absorpt_coefficient_mu     ? 
_exptl.absorpt_correction_T_max   ? 
_exptl.absorpt_correction_T_min   ? 
_exptl.absorpt_correction_type    ? 
_exptl.absorpt_process_details    ? 
_exptl.entry_id                   6UCL 
_exptl.crystals_number            1 
_exptl.details                    ? 
_exptl.method                     'X-RAY DIFFRACTION' 
_exptl.method_details             ? 
# 
_exptl_crystal.colour                      ? 
_exptl_crystal.density_diffrn              ? 
_exptl_crystal.density_Matthews            2.33 
_exptl_crystal.density_method              ? 
_exptl_crystal.density_percent_sol         47.32 
_exptl_crystal.description                 ? 
_exptl_crystal.F_000                       ? 
_exptl_crystal.id                          1 
_exptl_crystal.preparation                 ? 
_exptl_crystal.size_max                    ? 
_exptl_crystal.size_mid                    ? 
_exptl_crystal.size_min                    ? 
_exptl_crystal.size_rad                    ? 
_exptl_crystal.colour_lustre               ? 
_exptl_crystal.colour_modifier             ? 
_exptl_crystal.colour_primary              ? 
_exptl_crystal.density_meas                ? 
_exptl_crystal.density_meas_esd            ? 
_exptl_crystal.density_meas_gt             ? 
_exptl_crystal.density_meas_lt             ? 
_exptl_crystal.density_meas_temp           ? 
_exptl_crystal.density_meas_temp_esd       ? 
_exptl_crystal.density_meas_temp_gt        ? 
_exptl_crystal.density_meas_temp_lt        ? 
_exptl_crystal.pdbx_crystal_image_url      ? 
_exptl_crystal.pdbx_crystal_image_format   ? 
_exptl_crystal.pdbx_mosaicity              ? 
_exptl_crystal.pdbx_mosaicity_esd          ? 
# 
_exptl_crystal_grow.apparatus       ? 
_exptl_crystal_grow.atmosphere      ? 
_exptl_crystal_grow.crystal_id      1 
_exptl_crystal_grow.details         ? 
_exptl_crystal_grow.method          'VAPOR DIFFUSION' 
_exptl_crystal_grow.method_ref      ? 
_exptl_crystal_grow.pH              7.0 
_exptl_crystal_grow.pressure        ? 
_exptl_crystal_grow.pressure_esd    ? 
_exptl_crystal_grow.seeding         ? 
_exptl_crystal_grow.seeding_ref     ? 
_exptl_crystal_grow.temp            293 
_exptl_crystal_grow.temp_details    ? 
_exptl_crystal_grow.temp_esd        ? 
_exptl_crystal_grow.time            ? 
_exptl_crystal_grow.pdbx_details    '17% (w/v) PEG 4000, 0.2 M ammonium sulfate' 
_exptl_crystal_grow.pdbx_pH_range   ? 
# 
_diffrn.ambient_environment              ? 
_diffrn.ambient_temp                     100 
_diffrn.ambient_temp_details             ? 
_diffrn.ambient_temp_esd                 ? 
_diffrn.crystal_id                       1 
_diffrn.crystal_support                  ? 
_diffrn.crystal_treatment                ? 
_diffrn.details                          ? 
_diffrn.id                               1 
_diffrn.ambient_pressure                 ? 
_diffrn.ambient_pressure_esd             ? 
_diffrn.ambient_pressure_gt              ? 
_diffrn.ambient_pressure_lt              ? 
_diffrn.ambient_temp_gt                  ? 
_diffrn.ambient_temp_lt                  ? 
_diffrn.pdbx_serial_crystal_experiment   N 
# 
_diffrn_detector.details                      ? 
_diffrn_detector.detector                     PIXEL 
_diffrn_detector.diffrn_id                    1 
_diffrn_detector.type                         'DECTRIS PILATUS3 6M' 
_diffrn_detector.area_resol_mean              ? 
_diffrn_detector.dtime                        ? 
_diffrn_detector.pdbx_frames_total            ? 
_diffrn_detector.pdbx_collection_time_total   ? 
_diffrn_detector.pdbx_collection_date         2016-10-30 
_diffrn_detector.pdbx_frequency               ? 
# 
_diffrn_radiation.collimation                      ? 
_diffrn_radiation.diffrn_id                        1 
_diffrn_radiation.filter_edge                      ? 
_diffrn_radiation.inhomogeneity                    ? 
_diffrn_radiation.monochromator                    ? 
_diffrn_radiation.polarisn_norm                    ? 
_diffrn_radiation.polarisn_ratio                   ? 
_diffrn_radiation.probe                            ? 
_diffrn_radiation.type                             ? 
_diffrn_radiation.xray_symbol                      ? 
_diffrn_radiation.wavelength_id                    1 
_diffrn_radiation.pdbx_monochromatic_or_laue_m_l   M 
_diffrn_radiation.pdbx_wavelength_list             ? 
_diffrn_radiation.pdbx_wavelength                  ? 
_diffrn_radiation.pdbx_diffrn_protocol             'SINGLE WAVELENGTH' 
_diffrn_radiation.pdbx_analyzer                    ? 
_diffrn_radiation.pdbx_scattering_type             x-ray 
# 
_diffrn_radiation_wavelength.id           1 
_diffrn_radiation_wavelength.wavelength   0.9787 
_diffrn_radiation_wavelength.wt           1.0 
# 
_diffrn_source.current                     ? 
_diffrn_source.details                     ? 
_diffrn_source.diffrn_id                   1 
_diffrn_source.power                       ? 
_diffrn_source.size                        ? 
_diffrn_source.source                      SYNCHROTRON 
_diffrn_source.target                      ? 
_diffrn_source.type                        'APS BEAMLINE 17-ID' 
_diffrn_source.voltage                     ? 
_diffrn_source.take-off_angle              ? 
_diffrn_source.pdbx_wavelength_list        0.9787 
_diffrn_source.pdbx_wavelength             ? 
_diffrn_source.pdbx_synchrotron_beamline   17-ID 
_diffrn_source.pdbx_synchrotron_site       APS 
# 
_reflns.B_iso_Wilson_estimate            33.440 
_reflns.entry_id                         6UCL 
_reflns.data_reduction_details           ? 
_reflns.data_reduction_method            ? 
_reflns.d_resolution_high                2.190 
_reflns.d_resolution_low                 50.000 
_reflns.details                          ? 
_reflns.limit_h_max                      ? 
_reflns.limit_h_min                      ? 
_reflns.limit_k_max                      ? 
_reflns.limit_k_min                      ? 
_reflns.limit_l_max                      ? 
_reflns.limit_l_min                      ? 
_reflns.number_all                       ? 
_reflns.number_obs                       4096 
_reflns.observed_criterion               ? 
_reflns.observed_criterion_F_max         ? 
_reflns.observed_criterion_F_min         ? 
_reflns.observed_criterion_I_max         ? 
_reflns.observed_criterion_I_min         ? 
_reflns.observed_criterion_sigma_F       ? 
_reflns.observed_criterion_sigma_I       ? 
_reflns.percent_possible_obs             99.600 
_reflns.R_free_details                   ? 
_reflns.Rmerge_F_all                     ? 
_reflns.Rmerge_F_obs                     ? 
_reflns.Friedel_coverage                 ? 
_reflns.number_gt                        ? 
_reflns.threshold_expression             ? 
_reflns.pdbx_redundancy                  5.300 
_reflns.pdbx_Rmerge_I_obs                0.059 
_reflns.pdbx_Rmerge_I_all                ? 
_reflns.pdbx_Rsym_value                  ? 
_reflns.pdbx_netI_over_av_sigmaI         ? 
_reflns.pdbx_netI_over_sigmaI            7.300 
_reflns.pdbx_res_netI_over_av_sigmaI_2   ? 
_reflns.pdbx_res_netI_over_sigmaI_2      ? 
_reflns.pdbx_chi_squared                 0.953 
_reflns.pdbx_scaling_rejects             ? 
_reflns.pdbx_d_res_high_opt              ? 
_reflns.pdbx_d_res_low_opt               ? 
_reflns.pdbx_d_res_opt_method            ? 
_reflns.phase_calculation_details        ? 
_reflns.pdbx_Rrim_I_all                  0.066 
_reflns.pdbx_Rpim_I_all                  0.030 
_reflns.pdbx_d_opt                       ? 
_reflns.pdbx_number_measured_all         21906 
_reflns.pdbx_diffrn_id                   1 
_reflns.pdbx_ordinal                     1 
_reflns.pdbx_CC_half                     ? 
_reflns.pdbx_R_split                     ? 
# 
loop_
_reflns_shell.d_res_high 
_reflns_shell.d_res_low 
_reflns_shell.meanI_over_sigI_all 
_reflns_shell.meanI_over_sigI_obs 
_reflns_shell.number_measured_all 
_reflns_shell.number_measured_obs 
_reflns_shell.number_possible 
_reflns_shell.number_unique_all 
_reflns_shell.number_unique_obs 
_reflns_shell.percent_possible_all 
_reflns_shell.percent_possible_obs 
_reflns_shell.Rmerge_F_all 
_reflns_shell.Rmerge_F_obs 
_reflns_shell.Rmerge_I_all 
_reflns_shell.Rmerge_I_obs 
_reflns_shell.meanI_over_sigI_gt 
_reflns_shell.meanI_over_uI_all 
_reflns_shell.meanI_over_uI_gt 
_reflns_shell.number_measured_gt 
_reflns_shell.number_unique_gt 
_reflns_shell.percent_possible_gt 
_reflns_shell.Rmerge_F_gt 
_reflns_shell.Rmerge_I_gt 
_reflns_shell.pdbx_redundancy 
_reflns_shell.pdbx_Rsym_value 
_reflns_shell.pdbx_chi_squared 
_reflns_shell.pdbx_netI_over_sigmaI_all 
_reflns_shell.pdbx_netI_over_sigmaI_obs 
_reflns_shell.pdbx_Rrim_I_all 
_reflns_shell.pdbx_Rpim_I_all 
_reflns_shell.pdbx_rejects 
_reflns_shell.pdbx_ordinal 
_reflns_shell.pdbx_diffrn_id 
_reflns_shell.pdbx_CC_half 
_reflns_shell.pdbx_R_split 
2.190 2.230  ? ? ? ? ? ? 194 100.000 ? ? ? ? 0.845 ? ? ? ? ? ? ? ? 5.200 ? 1.277 ? ? 0.934 0.389 ? 1  1 0.886 ? 
2.230 2.270  ? ? ? ? ? ? 198 99.500  ? ? ? ? 0.665 ? ? ? ? ? ? ? ? 5.500 ? 1.071 ? ? 0.737 0.312 ? 2  1 0.939 ? 
2.270 2.310  ? ? ? ? ? ? 208 100.000 ? ? ? ? 0.470 ? ? ? ? ? ? ? ? 5.700 ? 1.104 ? ? 0.518 0.214 ? 3  1 0.990 ? 
2.310 2.360  ? ? ? ? ? ? 192 100.000 ? ? ? ? 0.509 ? ? ? ? ? ? ? ? 5.500 ? 0.998 ? ? 0.564 0.239 ? 4  1 0.978 ? 
2.360 2.410  ? ? ? ? ? ? 205 100.000 ? ? ? ? 0.283 ? ? ? ? ? ? ? ? 5.500 ? 0.968 ? ? 0.314 0.133 ? 5  1 0.995 ? 
2.410 2.470  ? ? ? ? ? ? 208 99.500  ? ? ? ? 0.281 ? ? ? ? ? ? ? ? 5.300 ? 0.975 ? ? 0.312 0.134 ? 6  1 0.995 ? 
2.470 2.530  ? ? ? ? ? ? 189 100.000 ? ? ? ? 0.266 ? ? ? ? ? ? ? ? 5.100 ? 0.902 ? ? 0.299 0.135 ? 7  1 0.986 ? 
2.530 2.600  ? ? ? ? ? ? 206 100.000 ? ? ? ? 0.242 ? ? ? ? ? ? ? ? 5.300 ? 0.994 ? ? 0.269 0.115 ? 8  1 0.997 ? 
2.600 2.670  ? ? ? ? ? ? 208 100.000 ? ? ? ? 0.226 ? ? ? ? ? ? ? ? 5.600 ? 0.934 ? ? 0.251 0.106 ? 9  1 0.993 ? 
2.670 2.760  ? ? ? ? ? ? 200 100.000 ? ? ? ? 0.176 ? ? ? ? ? ? ? ? 5.600 ? 0.837 ? ? 0.195 0.081 ? 10 1 0.997 ? 
2.760 2.860  ? ? ? ? ? ? 206 100.000 ? ? ? ? 0.115 ? ? ? ? ? ? ? ? 5.400 ? 0.924 ? ? 0.128 0.055 ? 11 1 0.998 ? 
2.860 2.970  ? ? ? ? ? ? 203 100.000 ? ? ? ? 0.097 ? ? ? ? ? ? ? ? 5.400 ? 0.881 ? ? 0.108 0.047 ? 12 1 0.998 ? 
2.970 3.110  ? ? ? ? ? ? 193 100.000 ? ? ? ? 0.078 ? ? ? ? ? ? ? ? 5.300 ? 0.898 ? ? 0.088 0.039 ? 13 1 0.999 ? 
3.110 3.270  ? ? ? ? ? ? 220 100.000 ? ? ? ? 0.088 ? ? ? ? ? ? ? ? 5.100 ? 0.907 ? ? 0.100 0.046 ? 14 1 0.996 ? 
3.270 3.480  ? ? ? ? ? ? 195 100.000 ? ? ? ? 0.070 ? ? ? ? ? ? ? ? 5.800 ? 0.995 ? ? 0.077 0.032 ? 15 1 0.998 ? 
3.480 3.740  ? ? ? ? ? ? 209 100.000 ? ? ? ? 0.063 ? ? ? ? ? ? ? ? 5.400 ? 1.008 ? ? 0.070 0.031 ? 16 1 0.998 ? 
3.740 4.120  ? ? ? ? ? ? 212 100.000 ? ? ? ? 0.050 ? ? ? ? ? ? ? ? 5.300 ? 1.003 ? ? 0.056 0.024 ? 17 1 0.999 ? 
4.120 4.720  ? ? ? ? ? ? 212 100.000 ? ? ? ? 0.041 ? ? ? ? ? ? ? ? 5.400 ? 0.907 ? ? 0.047 0.021 ? 18 1 0.998 ? 
4.720 5.940  ? ? ? ? ? ? 210 99.500  ? ? ? ? 0.030 ? ? ? ? ? ? ? ? 5.100 ? 0.749 ? ? 0.034 0.016 ? 19 1 0.999 ? 
5.940 50.000 ? ? ? ? ? ? 228 95.000  ? ? ? ? 0.038 ? ? ? ? ? ? ? ? 4.700 ? 0.724 ? ? 0.045 0.023 ? 20 1 0.993 ? 
# 
_refine.aniso_B[1][1]                            ? 
_refine.aniso_B[1][2]                            ? 
_refine.aniso_B[1][3]                            ? 
_refine.aniso_B[2][2]                            ? 
_refine.aniso_B[2][3]                            ? 
_refine.aniso_B[3][3]                            ? 
_refine.B_iso_max                                92.760 
_refine.B_iso_mean                               44.4932 
_refine.B_iso_min                                11.880 
_refine.correlation_coeff_Fo_to_Fc               ? 
_refine.correlation_coeff_Fo_to_Fc_free          ? 
_refine.details                                  ? 
_refine.diff_density_max                         ? 
_refine.diff_density_max_esd                     ? 
_refine.diff_density_min                         ? 
_refine.diff_density_min_esd                     ? 
_refine.diff_density_rms                         ? 
_refine.diff_density_rms_esd                     ? 
_refine.entry_id                                 6UCL 
_refine.pdbx_refine_id                           'X-RAY DIFFRACTION' 
_refine.ls_abs_structure_details                 ? 
_refine.ls_abs_structure_Flack                   ? 
_refine.ls_abs_structure_Flack_esd               ? 
_refine.ls_abs_structure_Rogers                  ? 
_refine.ls_abs_structure_Rogers_esd              ? 
_refine.ls_d_res_high                            2.2070 
_refine.ls_d_res_low                             30.7820 
_refine.ls_extinction_coef                       ? 
_refine.ls_extinction_coef_esd                   ? 
_refine.ls_extinction_expression                 ? 
_refine.ls_extinction_method                     ? 
_refine.ls_goodness_of_fit_all                   ? 
_refine.ls_goodness_of_fit_all_esd               ? 
_refine.ls_goodness_of_fit_obs                   ? 
_refine.ls_goodness_of_fit_obs_esd               ? 
_refine.ls_hydrogen_treatment                    ? 
_refine.ls_matrix_type                           ? 
_refine.ls_number_constraints                    ? 
_refine.ls_number_parameters                     ? 
_refine.ls_number_reflns_all                     ? 
_refine.ls_number_reflns_obs                     2929 
_refine.ls_number_reflns_R_free                  294 
_refine.ls_number_reflns_R_work                  ? 
_refine.ls_number_restraints                     ? 
_refine.ls_percent_reflns_obs                    71.6500 
_refine.ls_percent_reflns_R_free                 10.0400 
_refine.ls_R_factor_all                          ? 
_refine.ls_R_factor_obs                          0.2723 
_refine.ls_R_factor_R_free                       0.2870 
_refine.ls_R_factor_R_free_error                 ? 
_refine.ls_R_factor_R_free_error_details         ? 
_refine.ls_R_factor_R_work                       0.2705 
_refine.ls_R_Fsqd_factor_obs                     ? 
_refine.ls_R_I_factor_obs                        ? 
_refine.ls_redundancy_reflns_all                 ? 
_refine.ls_redundancy_reflns_obs                 ? 
_refine.ls_restrained_S_all                      ? 
_refine.ls_restrained_S_obs                      ? 
_refine.ls_shift_over_esd_max                    ? 
_refine.ls_shift_over_esd_mean                   ? 
_refine.ls_structure_factor_coef                 ? 
_refine.ls_weighting_details                     ? 
_refine.ls_weighting_scheme                      ? 
_refine.ls_wR_factor_all                         ? 
_refine.ls_wR_factor_obs                         ? 
_refine.ls_wR_factor_R_free                      ? 
_refine.ls_wR_factor_R_work                      ? 
_refine.occupancy_max                            ? 
_refine.occupancy_min                            ? 
_refine.solvent_model_details                    ? 
_refine.solvent_model_param_bsol                 ? 
_refine.solvent_model_param_ksol                 ? 
_refine.ls_R_factor_gt                           ? 
_refine.ls_goodness_of_fit_gt                    ? 
_refine.ls_goodness_of_fit_ref                   ? 
_refine.ls_shift_over_su_max                     ? 
_refine.ls_shift_over_su_max_lt                  ? 
_refine.ls_shift_over_su_mean                    ? 
_refine.ls_shift_over_su_mean_lt                 ? 
_refine.pdbx_ls_sigma_I                          ? 
_refine.pdbx_ls_sigma_F                          1.380 
_refine.pdbx_ls_sigma_Fsqd                       ? 
_refine.pdbx_data_cutoff_high_absF               ? 
_refine.pdbx_data_cutoff_high_rms_absF           ? 
_refine.pdbx_data_cutoff_low_absF                ? 
_refine.pdbx_isotropic_thermal_model             ? 
_refine.pdbx_ls_cross_valid_method               'FREE R-VALUE' 
_refine.pdbx_method_to_determine_struct          'MOLECULAR REPLACEMENT' 
_refine.pdbx_starting_model                      5VPE 
_refine.pdbx_stereochemistry_target_values       ? 
_refine.pdbx_R_Free_selection_details            ? 
_refine.pdbx_stereochem_target_val_spec_case     ? 
_refine.pdbx_overall_ESU_R                       ? 
_refine.pdbx_overall_ESU_R_Free                  ? 
_refine.pdbx_solvent_vdw_probe_radii             1.1100 
_refine.pdbx_solvent_ion_probe_radii             ? 
_refine.pdbx_solvent_shrinkage_radii             0.9000 
_refine.pdbx_real_space_R                        ? 
_refine.pdbx_density_correlation                 ? 
_refine.pdbx_pd_number_of_powder_patterns        ? 
_refine.pdbx_pd_number_of_points                 ? 
_refine.pdbx_pd_meas_number_of_points            ? 
_refine.pdbx_pd_proc_ls_prof_R_factor            ? 
_refine.pdbx_pd_proc_ls_prof_wR_factor           ? 
_refine.pdbx_pd_Marquardt_correlation_coeff      ? 
_refine.pdbx_pd_Fsqrd_R_factor                   ? 
_refine.pdbx_pd_ls_matrix_band_width             ? 
_refine.pdbx_overall_phase_error                 30.8200 
_refine.pdbx_overall_SU_R_free_Cruickshank_DPI   ? 
_refine.pdbx_overall_SU_R_free_Blow_DPI          ? 
_refine.pdbx_overall_SU_R_Blow_DPI               ? 
_refine.pdbx_TLS_residual_ADP_flag               ? 
_refine.pdbx_diffrn_id                           1 
_refine.overall_SU_B                             ? 
_refine.overall_SU_ML                            0.2300 
_refine.overall_SU_R_Cruickshank_DPI             ? 
_refine.overall_SU_R_free                        ? 
_refine.overall_FOM_free_R_set                   ? 
_refine.overall_FOM_work_R_set                   ? 
_refine.pdbx_average_fsc_overall                 ? 
_refine.pdbx_average_fsc_work                    ? 
_refine.pdbx_average_fsc_free                    ? 
# 
_refine_hist.pdbx_refine_id                   'X-RAY DIFFRACTION' 
_refine_hist.cycle_id                         final 
_refine_hist.details                          ? 
_refine_hist.d_res_high                       2.2070 
_refine_hist.d_res_low                        30.7820 
_refine_hist.number_atoms_solvent             11 
_refine_hist.number_atoms_total               463 
_refine_hist.number_reflns_all                ? 
_refine_hist.number_reflns_obs                ? 
_refine_hist.number_reflns_R_free             ? 
_refine_hist.number_reflns_R_work             ? 
_refine_hist.R_factor_all                     ? 
_refine_hist.R_factor_obs                     ? 
_refine_hist.R_factor_R_free                  ? 
_refine_hist.R_factor_R_work                  ? 
_refine_hist.pdbx_number_residues_total       60 
_refine_hist.pdbx_B_iso_mean_ligand           59.20 
_refine_hist.pdbx_B_iso_mean_solvent          35.03 
_refine_hist.pdbx_number_atoms_protein        449 
_refine_hist.pdbx_number_atoms_nucleic_acid   0 
_refine_hist.pdbx_number_atoms_ligand         3 
_refine_hist.pdbx_number_atoms_lipid          ? 
_refine_hist.pdbx_number_atoms_carb           ? 
_refine_hist.pdbx_pseudo_atom_details         ? 
# 
loop_
_refine_ls_restr.pdbx_refine_id 
_refine_ls_restr.criterion 
_refine_ls_restr.dev_ideal 
_refine_ls_restr.dev_ideal_target 
_refine_ls_restr.number 
_refine_ls_restr.rejects 
_refine_ls_restr.type 
_refine_ls_restr.weight 
_refine_ls_restr.pdbx_restraint_function 
'X-RAY DIFFRACTION' ? 0.003  ? 460 ? f_bond_d           ? ? 
'X-RAY DIFFRACTION' ? 0.476  ? 621 ? f_angle_d          ? ? 
'X-RAY DIFFRACTION' ? 0.022  ? 75  ? f_chiral_restr     ? ? 
'X-RAY DIFFRACTION' ? 0.002  ? 84  ? f_plane_restr      ? ? 
'X-RAY DIFFRACTION' ? 13.857 ? 176 ? f_dihedral_angle_d ? ? 
# 
loop_
_refine_ls_shell.pdbx_refine_id 
_refine_ls_shell.d_res_high 
_refine_ls_shell.d_res_low 
_refine_ls_shell.number_reflns_all 
_refine_ls_shell.number_reflns_obs 
_refine_ls_shell.number_reflns_R_free 
_refine_ls_shell.number_reflns_R_work 
_refine_ls_shell.percent_reflns_obs 
_refine_ls_shell.percent_reflns_R_free 
_refine_ls_shell.R_factor_all 
_refine_ls_shell.R_factor_obs 
_refine_ls_shell.R_factor_R_free 
_refine_ls_shell.R_factor_R_free_error 
_refine_ls_shell.R_factor_R_work 
_refine_ls_shell.redundancy_reflns_all 
_refine_ls_shell.redundancy_reflns_obs 
_refine_ls_shell.wR_factor_all 
_refine_ls_shell.wR_factor_obs 
_refine_ls_shell.wR_factor_R_free 
_refine_ls_shell.wR_factor_R_work 
_refine_ls_shell.pdbx_total_number_of_bins_used 
_refine_ls_shell.pdbx_phase_error 
_refine_ls_shell.pdbx_fsc_work 
_refine_ls_shell.pdbx_fsc_free 
'X-RAY DIFFRACTION' 2.2074 2.7808  . . 86  777  43.0000 . . . 0.3402 0.0000 0.2995 . . . . . . . . . . 
'X-RAY DIFFRACTION' 2.7808 30.7820 . . 208 1858 99.0000 . . . 0.2781 0.0000 0.2657 . . . . . . . . . . 
# 
_struct.entry_id                     6UCL 
_struct.title                        'Transcription factor deltaFosB bZIP domain self-assembly, type-I crystal' 
_struct.pdbx_model_details           ? 
_struct.pdbx_formula_weight          ? 
_struct.pdbx_formula_weight_method   ? 
_struct.pdbx_model_type_details      ? 
_struct.pdbx_CASP_flag               N 
# 
_struct_keywords.entry_id        6UCL 
_struct_keywords.text            
;activator protein-1, basic leucine zipper, bZIP, deltaFosB, fos, jun, transcription factor, DNA-binding protein, coiled-coil, TRANSCRIPTION
;
_struct_keywords.pdbx_keywords   TRANSCRIPTION 
# 
loop_
_struct_asym.id 
_struct_asym.pdbx_blank_PDB_chainid_flag 
_struct_asym.pdbx_modified 
_struct_asym.entity_id 
_struct_asym.details 
A N N 1 ? 
B N N 2 ? 
C N N 2 ? 
D N N 2 ? 
E N N 3 ? 
# 
_struct_ref.id                         1 
_struct_ref.db_name                    UNP 
_struct_ref.db_code                    FOSB_HUMAN 
_struct_ref.pdbx_db_accession          P53539 
_struct_ref.pdbx_db_isoform            ? 
_struct_ref.entity_id                  1 
_struct_ref.pdbx_seq_one_letter_code   EEEEKRRVRRERNKLAAAKCRNRRRELTDRLQAETDQLEEEKAELESEIAELQKEKERLEFVLVAHK 
_struct_ref.pdbx_align_begin           153 
# 
_struct_ref_seq.align_id                      1 
_struct_ref_seq.ref_id                        1 
_struct_ref_seq.pdbx_PDB_id_code              6UCL 
_struct_ref_seq.pdbx_strand_id                A 
_struct_ref_seq.seq_align_beg                 2 
_struct_ref_seq.pdbx_seq_align_beg_ins_code   ? 
_struct_ref_seq.seq_align_end                 68 
_struct_ref_seq.pdbx_seq_align_end_ins_code   ? 
_struct_ref_seq.pdbx_db_accession             P53539 
_struct_ref_seq.db_align_beg                  153 
_struct_ref_seq.pdbx_db_align_beg_ins_code    ? 
_struct_ref_seq.db_align_end                  219 
_struct_ref_seq.pdbx_db_align_end_ins_code    ? 
_struct_ref_seq.pdbx_auth_seq_align_beg       153 
_struct_ref_seq.pdbx_auth_seq_align_end       219 
# 
_struct_ref_seq_dif.align_id                     1 
_struct_ref_seq_dif.pdbx_pdb_id_code             6UCL 
_struct_ref_seq_dif.mon_id                       SER 
_struct_ref_seq_dif.pdbx_pdb_strand_id           A 
_struct_ref_seq_dif.seq_num                      1 
_struct_ref_seq_dif.pdbx_pdb_ins_code            ? 
_struct_ref_seq_dif.pdbx_seq_db_name             UNP 
_struct_ref_seq_dif.pdbx_seq_db_accession_code   P53539 
_struct_ref_seq_dif.db_mon_id                    ? 
_struct_ref_seq_dif.pdbx_seq_db_seq_num          ? 
_struct_ref_seq_dif.details                      'expression tag' 
_struct_ref_seq_dif.pdbx_auth_seq_num            152 
_struct_ref_seq_dif.pdbx_ordinal                 1 
# 
_pdbx_struct_assembly.id                   1 
_pdbx_struct_assembly.details              author_and_software_defined_assembly 
_pdbx_struct_assembly.method_details       PISA 
_pdbx_struct_assembly.oligomeric_details   tetrameric 
_pdbx_struct_assembly.oligomeric_count     4 
# 
loop_
_pdbx_struct_assembly_prop.biol_id 
_pdbx_struct_assembly_prop.type 
_pdbx_struct_assembly_prop.value 
_pdbx_struct_assembly_prop.details 
1 'ABSA (A^2)' 8400  ? 
1 MORE         -111  ? 
1 'SSA (A^2)'  15440 ? 
# 
_pdbx_struct_assembly_gen.assembly_id       1 
_pdbx_struct_assembly_gen.oper_expression   1,2,3,4 
_pdbx_struct_assembly_gen.asym_id_list      A,B,C,D,E 
# 
_pdbx_struct_assembly_auth_evidence.id                     1 
_pdbx_struct_assembly_auth_evidence.assembly_id            1 
_pdbx_struct_assembly_auth_evidence.experimental_support   'assay for oligomerization' 
_pdbx_struct_assembly_auth_evidence.details                'see details in publication' 
# 
loop_
_pdbx_struct_oper_list.id 
_pdbx_struct_oper_list.type 
_pdbx_struct_oper_list.name 
_pdbx_struct_oper_list.symmetry_operation 
_pdbx_struct_oper_list.matrix[1][1] 
_pdbx_struct_oper_list.matrix[1][2] 
_pdbx_struct_oper_list.matrix[1][3] 
_pdbx_struct_oper_list.vector[1] 
_pdbx_struct_oper_list.matrix[2][1] 
_pdbx_struct_oper_list.matrix[2][2] 
_pdbx_struct_oper_list.matrix[2][3] 
_pdbx_struct_oper_list.vector[2] 
_pdbx_struct_oper_list.matrix[3][1] 
_pdbx_struct_oper_list.matrix[3][2] 
_pdbx_struct_oper_list.matrix[3][3] 
_pdbx_struct_oper_list.vector[3] 
1 'identity operation'         1_555 x,y,z   1.0000000000  0.0000000000  0.0000000000  0.0000000000  0.0000000000  1.0000000000  0.0000000000  0.0000000000   0.0000000000  0.0000000000  1.0000000000  0.0000000000   
2 'crystal symmetry operation' 2_555 -x,-y,z -0.5483454053 -0.4992721627 -0.6708536533 0.4582401193  -0.4992721627 -0.4480899888 0.7415811955  -5.9258908776  -0.6708536533 0.7415811955  -0.0035646059 4.7187618256   
3 'crystal symmetry operation' 3_555 -x,y,-z 0.4406521638  0.1054210115  0.8914662533  17.6064451839 0.1054210115  -0.9922857231 0.0652338409  -27.3818784168 0.8914662533  0.0652338409  -0.4483664407 -25.2147941089 
4 'crystal symmetry operation' 4_555 x,-y,-z -0.8923067586 0.3938511512  -0.2206126001 21.3902731990 0.3938511512  0.4403757120  -0.8068150364 -21.1455704067 -0.2206126001 -0.8068150364 -0.5480689534 -27.3085915739 
# 
_struct_conf.conf_type_id            HELX_P 
_struct_conf.id                      HELX_P1 
_struct_conf.pdbx_PDB_helix_id       AA1 
_struct_conf.beg_label_comp_id       ARG 
_struct_conf.beg_label_asym_id       A 
_struct_conf.beg_label_seq_id        7 
_struct_conf.pdbx_beg_PDB_ins_code   ? 
_struct_conf.end_label_comp_id       ALA 
_struct_conf.end_label_asym_id       A 
_struct_conf.end_label_seq_id        66 
_struct_conf.pdbx_end_PDB_ins_code   ? 
_struct_conf.beg_auth_comp_id        ARG 
_struct_conf.beg_auth_asym_id        A 
_struct_conf.beg_auth_seq_id         158 
_struct_conf.end_auth_comp_id        ALA 
_struct_conf.end_auth_asym_id        A 
_struct_conf.end_auth_seq_id         217 
_struct_conf.pdbx_PDB_helix_class    1 
_struct_conf.details                 ? 
_struct_conf.pdbx_PDB_helix_length   60 
# 
_struct_conf_type.id          HELX_P 
_struct_conf_type.criteria    ? 
_struct_conf_type.reference   ? 
# 
loop_
_struct_conn.id 
_struct_conn.conn_type_id 
_struct_conn.pdbx_leaving_atom_flag 
_struct_conn.pdbx_PDB_id 
_struct_conn.ptnr1_label_asym_id 
_struct_conn.ptnr1_label_comp_id 
_struct_conn.ptnr1_label_seq_id 
_struct_conn.ptnr1_label_atom_id 
_struct_conn.pdbx_ptnr1_label_alt_id 
_struct_conn.pdbx_ptnr1_PDB_ins_code 
_struct_conn.pdbx_ptnr1_standard_comp_id 
_struct_conn.ptnr1_symmetry 
_struct_conn.ptnr2_label_asym_id 
_struct_conn.ptnr2_label_comp_id 
_struct_conn.ptnr2_label_seq_id 
_struct_conn.ptnr2_label_atom_id 
_struct_conn.pdbx_ptnr2_label_alt_id 
_struct_conn.pdbx_ptnr2_PDB_ins_code 
_struct_conn.ptnr1_auth_asym_id 
_struct_conn.ptnr1_auth_comp_id 
_struct_conn.ptnr1_auth_seq_id 
_struct_conn.ptnr2_auth_asym_id 
_struct_conn.ptnr2_auth_comp_id 
_struct_conn.ptnr2_auth_seq_id 
_struct_conn.ptnr2_symmetry 
_struct_conn.pdbx_ptnr3_label_atom_id 
_struct_conn.pdbx_ptnr3_label_seq_id 
_struct_conn.pdbx_ptnr3_label_comp_id 
_struct_conn.pdbx_ptnr3_label_asym_id 
_struct_conn.pdbx_ptnr3_label_alt_id 
_struct_conn.pdbx_ptnr3_PDB_ins_code 
_struct_conn.details 
_struct_conn.pdbx_dist_value 
_struct_conn.pdbx_value_order 
_struct_conn.pdbx_role 
disulf1 disulf ? ? A CYS 21 SG A ? ? 1_555 A CYS 21 SG A ? A CYS 172 A CYS 172 2_555 ? ? ? ? ? ? ? 2.005 ? ? 
disulf2 disulf ? ? A CYS 21 SG B ? ? 1_555 A CYS 21 SG B ? A CYS 172 A CYS 172 2_555 ? ? ? ? ? ? ? 2.799 ? ? 
# 
_struct_conn_type.id          disulf 
_struct_conn_type.criteria    ? 
_struct_conn_type.reference   ? 
# 
loop_
_pdbx_modification_feature.ordinal 
_pdbx_modification_feature.label_comp_id 
_pdbx_modification_feature.label_asym_id 
_pdbx_modification_feature.label_seq_id 
_pdbx_modification_feature.label_alt_id 
_pdbx_modification_feature.modified_residue_label_comp_id 
_pdbx_modification_feature.modified_residue_label_asym_id 
_pdbx_modification_feature.modified_residue_label_seq_id 
_pdbx_modification_feature.modified_residue_label_alt_id 
_pdbx_modification_feature.auth_comp_id 
_pdbx_modification_feature.auth_asym_id 
_pdbx_modification_feature.auth_seq_id 
_pdbx_modification_feature.PDB_ins_code 
_pdbx_modification_feature.symmetry 
_pdbx_modification_feature.modified_residue_auth_comp_id 
_pdbx_modification_feature.modified_residue_auth_asym_id 
_pdbx_modification_feature.modified_residue_auth_seq_id 
_pdbx_modification_feature.modified_residue_PDB_ins_code 
_pdbx_modification_feature.modified_residue_symmetry 
_pdbx_modification_feature.comp_id_linking_atom 
_pdbx_modification_feature.modified_residue_id_linking_atom 
_pdbx_modification_feature.modified_residue_id 
_pdbx_modification_feature.ref_pcm_id 
_pdbx_modification_feature.ref_comp_id 
_pdbx_modification_feature.type 
_pdbx_modification_feature.category 
1 CYS A 21 A CYS A 21 A CYS A 172 ? 1_555 CYS A 172 ? 2_555 SG SG . . . None 'Disulfide bridge' 
2 CYS A 21 B CYS A 21 B CYS A 172 ? 1_555 CYS A 172 ? 2_555 SG SG . . . None 'Disulfide bridge' 
# 
_struct_site.id                   AC1 
_struct_site.pdbx_evidence_code   Software 
_struct_site.pdbx_auth_asym_id    A 
_struct_site.pdbx_auth_comp_id    CL 
_struct_site.pdbx_auth_seq_id     301 
_struct_site.pdbx_auth_ins_code   ? 
_struct_site.pdbx_num_residues    2 
_struct_site.details              'binding site for residue CL A 301' 
# 
loop_
_struct_site_gen.id 
_struct_site_gen.site_id 
_struct_site_gen.pdbx_num_res 
_struct_site_gen.label_comp_id 
_struct_site_gen.label_asym_id 
_struct_site_gen.label_seq_id 
_struct_site_gen.pdbx_auth_ins_code 
_struct_site_gen.auth_comp_id 
_struct_site_gen.auth_asym_id 
_struct_site_gen.auth_seq_id 
_struct_site_gen.label_atom_id 
_struct_site_gen.label_alt_id 
_struct_site_gen.symmetry 
_struct_site_gen.details 
1 AC1 2 ARG A 25 ? ARG A 176 . ? 1_555 ? 
2 AC1 2 ARG A 26 ? ARG A 177 . ? 1_555 ? 
# 
_pdbx_entry_details.entry_id                   6UCL 
_pdbx_entry_details.has_ligand_of_interest     N 
_pdbx_entry_details.compound_details           ? 
_pdbx_entry_details.source_details             ? 
_pdbx_entry_details.nonpolymer_details         ? 
_pdbx_entry_details.sequence_details           ? 
_pdbx_entry_details.has_protein_modification   Y 
# 
loop_
_pdbx_unobs_or_zero_occ_residues.id 
_pdbx_unobs_or_zero_occ_residues.PDB_model_num 
_pdbx_unobs_or_zero_occ_residues.polymer_flag 
_pdbx_unobs_or_zero_occ_residues.occupancy_flag 
_pdbx_unobs_or_zero_occ_residues.auth_asym_id 
_pdbx_unobs_or_zero_occ_residues.auth_comp_id 
_pdbx_unobs_or_zero_occ_residues.auth_seq_id 
_pdbx_unobs_or_zero_occ_residues.PDB_ins_code 
_pdbx_unobs_or_zero_occ_residues.label_asym_id 
_pdbx_unobs_or_zero_occ_residues.label_comp_id 
_pdbx_unobs_or_zero_occ_residues.label_seq_id 
1 1 Y 1 A SER 152 ? A SER 1  
2 1 Y 1 A GLU 153 ? A GLU 2  
3 1 Y 1 A GLU 154 ? A GLU 3  
4 1 Y 1 A GLU 155 ? A GLU 4  
5 1 Y 1 A GLU 156 ? A GLU 5  
6 1 Y 1 A LYS 157 ? A LYS 6  
7 1 Y 1 A HIS 218 ? A HIS 67 
8 1 Y 1 A LYS 219 ? A LYS 68 
# 
loop_
_chem_comp_atom.comp_id 
_chem_comp_atom.atom_id 
_chem_comp_atom.type_symbol 
_chem_comp_atom.pdbx_aromatic_flag 
_chem_comp_atom.pdbx_stereo_config 
_chem_comp_atom.pdbx_ordinal 
ALA N    N  N N 1   
ALA CA   C  N S 2   
ALA C    C  N N 3   
ALA O    O  N N 4   
ALA CB   C  N N 5   
ALA OXT  O  N N 6   
ALA H    H  N N 7   
ALA H2   H  N N 8   
ALA HA   H  N N 9   
ALA HB1  H  N N 10  
ALA HB2  H  N N 11  
ALA HB3  H  N N 12  
ALA HXT  H  N N 13  
ARG N    N  N N 14  
ARG CA   C  N S 15  
ARG C    C  N N 16  
ARG O    O  N N 17  
ARG CB   C  N N 18  
ARG CG   C  N N 19  
ARG CD   C  N N 20  
ARG NE   N  N N 21  
ARG CZ   C  N N 22  
ARG NH1  N  N N 23  
ARG NH2  N  N N 24  
ARG OXT  O  N N 25  
ARG H    H  N N 26  
ARG H2   H  N N 27  
ARG HA   H  N N 28  
ARG HB2  H  N N 29  
ARG HB3  H  N N 30  
ARG HG2  H  N N 31  
ARG HG3  H  N N 32  
ARG HD2  H  N N 33  
ARG HD3  H  N N 34  
ARG HE   H  N N 35  
ARG HH11 H  N N 36  
ARG HH12 H  N N 37  
ARG HH21 H  N N 38  
ARG HH22 H  N N 39  
ARG HXT  H  N N 40  
ASN N    N  N N 41  
ASN CA   C  N S 42  
ASN C    C  N N 43  
ASN O    O  N N 44  
ASN CB   C  N N 45  
ASN CG   C  N N 46  
ASN OD1  O  N N 47  
ASN ND2  N  N N 48  
ASN OXT  O  N N 49  
ASN H    H  N N 50  
ASN H2   H  N N 51  
ASN HA   H  N N 52  
ASN HB2  H  N N 53  
ASN HB3  H  N N 54  
ASN HD21 H  N N 55  
ASN HD22 H  N N 56  
ASN HXT  H  N N 57  
ASP N    N  N N 58  
ASP CA   C  N S 59  
ASP C    C  N N 60  
ASP O    O  N N 61  
ASP CB   C  N N 62  
ASP CG   C  N N 63  
ASP OD1  O  N N 64  
ASP OD2  O  N N 65  
ASP OXT  O  N N 66  
ASP H    H  N N 67  
ASP H2   H  N N 68  
ASP HA   H  N N 69  
ASP HB2  H  N N 70  
ASP HB3  H  N N 71  
ASP HD2  H  N N 72  
ASP HXT  H  N N 73  
CL  CL   CL N N 74  
CYS N    N  N N 75  
CYS CA   C  N R 76  
CYS C    C  N N 77  
CYS O    O  N N 78  
CYS CB   C  N N 79  
CYS SG   S  N N 80  
CYS OXT  O  N N 81  
CYS H    H  N N 82  
CYS H2   H  N N 83  
CYS HA   H  N N 84  
CYS HB2  H  N N 85  
CYS HB3  H  N N 86  
CYS HG   H  N N 87  
CYS HXT  H  N N 88  
GLN N    N  N N 89  
GLN CA   C  N S 90  
GLN C    C  N N 91  
GLN O    O  N N 92  
GLN CB   C  N N 93  
GLN CG   C  N N 94  
GLN CD   C  N N 95  
GLN OE1  O  N N 96  
GLN NE2  N  N N 97  
GLN OXT  O  N N 98  
GLN H    H  N N 99  
GLN H2   H  N N 100 
GLN HA   H  N N 101 
GLN HB2  H  N N 102 
GLN HB3  H  N N 103 
GLN HG2  H  N N 104 
GLN HG3  H  N N 105 
GLN HE21 H  N N 106 
GLN HE22 H  N N 107 
GLN HXT  H  N N 108 
GLU N    N  N N 109 
GLU CA   C  N S 110 
GLU C    C  N N 111 
GLU O    O  N N 112 
GLU CB   C  N N 113 
GLU CG   C  N N 114 
GLU CD   C  N N 115 
GLU OE1  O  N N 116 
GLU OE2  O  N N 117 
GLU OXT  O  N N 118 
GLU H    H  N N 119 
GLU H2   H  N N 120 
GLU HA   H  N N 121 
GLU HB2  H  N N 122 
GLU HB3  H  N N 123 
GLU HG2  H  N N 124 
GLU HG3  H  N N 125 
GLU HE2  H  N N 126 
GLU HXT  H  N N 127 
HIS N    N  N N 128 
HIS CA   C  N S 129 
HIS C    C  N N 130 
HIS O    O  N N 131 
HIS CB   C  N N 132 
HIS CG   C  Y N 133 
HIS ND1  N  Y N 134 
HIS CD2  C  Y N 135 
HIS CE1  C  Y N 136 
HIS NE2  N  Y N 137 
HIS OXT  O  N N 138 
HIS H    H  N N 139 
HIS H2   H  N N 140 
HIS HA   H  N N 141 
HIS HB2  H  N N 142 
HIS HB3  H  N N 143 
HIS HD1  H  N N 144 
HIS HD2  H  N N 145 
HIS HE1  H  N N 146 
HIS HE2  H  N N 147 
HIS HXT  H  N N 148 
HOH O    O  N N 149 
HOH H1   H  N N 150 
HOH H2   H  N N 151 
ILE N    N  N N 152 
ILE CA   C  N S 153 
ILE C    C  N N 154 
ILE O    O  N N 155 
ILE CB   C  N S 156 
ILE CG1  C  N N 157 
ILE CG2  C  N N 158 
ILE CD1  C  N N 159 
ILE OXT  O  N N 160 
ILE H    H  N N 161 
ILE H2   H  N N 162 
ILE HA   H  N N 163 
ILE HB   H  N N 164 
ILE HG12 H  N N 165 
ILE HG13 H  N N 166 
ILE HG21 H  N N 167 
ILE HG22 H  N N 168 
ILE HG23 H  N N 169 
ILE HD11 H  N N 170 
ILE HD12 H  N N 171 
ILE HD13 H  N N 172 
ILE HXT  H  N N 173 
LEU N    N  N N 174 
LEU CA   C  N S 175 
LEU C    C  N N 176 
LEU O    O  N N 177 
LEU CB   C  N N 178 
LEU CG   C  N N 179 
LEU CD1  C  N N 180 
LEU CD2  C  N N 181 
LEU OXT  O  N N 182 
LEU H    H  N N 183 
LEU H2   H  N N 184 
LEU HA   H  N N 185 
LEU HB2  H  N N 186 
LEU HB3  H  N N 187 
LEU HG   H  N N 188 
LEU HD11 H  N N 189 
LEU HD12 H  N N 190 
LEU HD13 H  N N 191 
LEU HD21 H  N N 192 
LEU HD22 H  N N 193 
LEU HD23 H  N N 194 
LEU HXT  H  N N 195 
LYS N    N  N N 196 
LYS CA   C  N S 197 
LYS C    C  N N 198 
LYS O    O  N N 199 
LYS CB   C  N N 200 
LYS CG   C  N N 201 
LYS CD   C  N N 202 
LYS CE   C  N N 203 
LYS NZ   N  N N 204 
LYS OXT  O  N N 205 
LYS H    H  N N 206 
LYS H2   H  N N 207 
LYS HA   H  N N 208 
LYS HB2  H  N N 209 
LYS HB3  H  N N 210 
LYS HG2  H  N N 211 
LYS HG3  H  N N 212 
LYS HD2  H  N N 213 
LYS HD3  H  N N 214 
LYS HE2  H  N N 215 
LYS HE3  H  N N 216 
LYS HZ1  H  N N 217 
LYS HZ2  H  N N 218 
LYS HZ3  H  N N 219 
LYS HXT  H  N N 220 
PHE N    N  N N 221 
PHE CA   C  N S 222 
PHE C    C  N N 223 
PHE O    O  N N 224 
PHE CB   C  N N 225 
PHE CG   C  Y N 226 
PHE CD1  C  Y N 227 
PHE CD2  C  Y N 228 
PHE CE1  C  Y N 229 
PHE CE2  C  Y N 230 
PHE CZ   C  Y N 231 
PHE OXT  O  N N 232 
PHE H    H  N N 233 
PHE H2   H  N N 234 
PHE HA   H  N N 235 
PHE HB2  H  N N 236 
PHE HB3  H  N N 237 
PHE HD1  H  N N 238 
PHE HD2  H  N N 239 
PHE HE1  H  N N 240 
PHE HE2  H  N N 241 
PHE HZ   H  N N 242 
PHE HXT  H  N N 243 
SER N    N  N N 244 
SER CA   C  N S 245 
SER C    C  N N 246 
SER O    O  N N 247 
SER CB   C  N N 248 
SER OG   O  N N 249 
SER OXT  O  N N 250 
SER H    H  N N 251 
SER H2   H  N N 252 
SER HA   H  N N 253 
SER HB2  H  N N 254 
SER HB3  H  N N 255 
SER HG   H  N N 256 
SER HXT  H  N N 257 
THR N    N  N N 258 
THR CA   C  N S 259 
THR C    C  N N 260 
THR O    O  N N 261 
THR CB   C  N R 262 
THR OG1  O  N N 263 
THR CG2  C  N N 264 
THR OXT  O  N N 265 
THR H    H  N N 266 
THR H2   H  N N 267 
THR HA   H  N N 268 
THR HB   H  N N 269 
THR HG1  H  N N 270 
THR HG21 H  N N 271 
THR HG22 H  N N 272 
THR HG23 H  N N 273 
THR HXT  H  N N 274 
VAL N    N  N N 275 
VAL CA   C  N S 276 
VAL C    C  N N 277 
VAL O    O  N N 278 
VAL CB   C  N N 279 
VAL CG1  C  N N 280 
VAL CG2  C  N N 281 
VAL OXT  O  N N 282 
VAL H    H  N N 283 
VAL H2   H  N N 284 
VAL HA   H  N N 285 
VAL HB   H  N N 286 
VAL HG11 H  N N 287 
VAL HG12 H  N N 288 
VAL HG13 H  N N 289 
VAL HG21 H  N N 290 
VAL HG22 H  N N 291 
VAL HG23 H  N N 292 
VAL HXT  H  N N 293 
# 
loop_
_chem_comp_bond.comp_id 
_chem_comp_bond.atom_id_1 
_chem_comp_bond.atom_id_2 
_chem_comp_bond.value_order 
_chem_comp_bond.pdbx_aromatic_flag 
_chem_comp_bond.pdbx_stereo_config 
_chem_comp_bond.pdbx_ordinal 
ALA N   CA   sing N N 1   
ALA N   H    sing N N 2   
ALA N   H2   sing N N 3   
ALA CA  C    sing N N 4   
ALA CA  CB   sing N N 5   
ALA CA  HA   sing N N 6   
ALA C   O    doub N N 7   
ALA C   OXT  sing N N 8   
ALA CB  HB1  sing N N 9   
ALA CB  HB2  sing N N 10  
ALA CB  HB3  sing N N 11  
ALA OXT HXT  sing N N 12  
ARG N   CA   sing N N 13  
ARG N   H    sing N N 14  
ARG N   H2   sing N N 15  
ARG CA  C    sing N N 16  
ARG CA  CB   sing N N 17  
ARG CA  HA   sing N N 18  
ARG C   O    doub N N 19  
ARG C   OXT  sing N N 20  
ARG CB  CG   sing N N 21  
ARG CB  HB2  sing N N 22  
ARG CB  HB3  sing N N 23  
ARG CG  CD   sing N N 24  
ARG CG  HG2  sing N N 25  
ARG CG  HG3  sing N N 26  
ARG CD  NE   sing N N 27  
ARG CD  HD2  sing N N 28  
ARG CD  HD3  sing N N 29  
ARG NE  CZ   sing N N 30  
ARG NE  HE   sing N N 31  
ARG CZ  NH1  sing N N 32  
ARG CZ  NH2  doub N N 33  
ARG NH1 HH11 sing N N 34  
ARG NH1 HH12 sing N N 35  
ARG NH2 HH21 sing N N 36  
ARG NH2 HH22 sing N N 37  
ARG OXT HXT  sing N N 38  
ASN N   CA   sing N N 39  
ASN N   H    sing N N 40  
ASN N   H2   sing N N 41  
ASN CA  C    sing N N 42  
ASN CA  CB   sing N N 43  
ASN CA  HA   sing N N 44  
ASN C   O    doub N N 45  
ASN C   OXT  sing N N 46  
ASN CB  CG   sing N N 47  
ASN CB  HB2  sing N N 48  
ASN CB  HB3  sing N N 49  
ASN CG  OD1  doub N N 50  
ASN CG  ND2  sing N N 51  
ASN ND2 HD21 sing N N 52  
ASN ND2 HD22 sing N N 53  
ASN OXT HXT  sing N N 54  
ASP N   CA   sing N N 55  
ASP N   H    sing N N 56  
ASP N   H2   sing N N 57  
ASP CA  C    sing N N 58  
ASP CA  CB   sing N N 59  
ASP CA  HA   sing N N 60  
ASP C   O    doub N N 61  
ASP C   OXT  sing N N 62  
ASP CB  CG   sing N N 63  
ASP CB  HB2  sing N N 64  
ASP CB  HB3  sing N N 65  
ASP CG  OD1  doub N N 66  
ASP CG  OD2  sing N N 67  
ASP OD2 HD2  sing N N 68  
ASP OXT HXT  sing N N 69  
CYS N   CA   sing N N 70  
CYS N   H    sing N N 71  
CYS N   H2   sing N N 72  
CYS CA  C    sing N N 73  
CYS CA  CB   sing N N 74  
CYS CA  HA   sing N N 75  
CYS C   O    doub N N 76  
CYS C   OXT  sing N N 77  
CYS CB  SG   sing N N 78  
CYS CB  HB2  sing N N 79  
CYS CB  HB3  sing N N 80  
CYS SG  HG   sing N N 81  
CYS OXT HXT  sing N N 82  
GLN N   CA   sing N N 83  
GLN N   H    sing N N 84  
GLN N   H2   sing N N 85  
GLN CA  C    sing N N 86  
GLN CA  CB   sing N N 87  
GLN CA  HA   sing N N 88  
GLN C   O    doub N N 89  
GLN C   OXT  sing N N 90  
GLN CB  CG   sing N N 91  
GLN CB  HB2  sing N N 92  
GLN CB  HB3  sing N N 93  
GLN CG  CD   sing N N 94  
GLN CG  HG2  sing N N 95  
GLN CG  HG3  sing N N 96  
GLN CD  OE1  doub N N 97  
GLN CD  NE2  sing N N 98  
GLN NE2 HE21 sing N N 99  
GLN NE2 HE22 sing N N 100 
GLN OXT HXT  sing N N 101 
GLU N   CA   sing N N 102 
GLU N   H    sing N N 103 
GLU N   H2   sing N N 104 
GLU CA  C    sing N N 105 
GLU CA  CB   sing N N 106 
GLU CA  HA   sing N N 107 
GLU C   O    doub N N 108 
GLU C   OXT  sing N N 109 
GLU CB  CG   sing N N 110 
GLU CB  HB2  sing N N 111 
GLU CB  HB3  sing N N 112 
GLU CG  CD   sing N N 113 
GLU CG  HG2  sing N N 114 
GLU CG  HG3  sing N N 115 
GLU CD  OE1  doub N N 116 
GLU CD  OE2  sing N N 117 
GLU OE2 HE2  sing N N 118 
GLU OXT HXT  sing N N 119 
HIS N   CA   sing N N 120 
HIS N   H    sing N N 121 
HIS N   H2   sing N N 122 
HIS CA  C    sing N N 123 
HIS CA  CB   sing N N 124 
HIS CA  HA   sing N N 125 
HIS C   O    doub N N 126 
HIS C   OXT  sing N N 127 
HIS CB  CG   sing N N 128 
HIS CB  HB2  sing N N 129 
HIS CB  HB3  sing N N 130 
HIS CG  ND1  sing Y N 131 
HIS CG  CD2  doub Y N 132 
HIS ND1 CE1  doub Y N 133 
HIS ND1 HD1  sing N N 134 
HIS CD2 NE2  sing Y N 135 
HIS CD2 HD2  sing N N 136 
HIS CE1 NE2  sing Y N 137 
HIS CE1 HE1  sing N N 138 
HIS NE2 HE2  sing N N 139 
HIS OXT HXT  sing N N 140 
HOH O   H1   sing N N 141 
HOH O   H2   sing N N 142 
ILE N   CA   sing N N 143 
ILE N   H    sing N N 144 
ILE N   H2   sing N N 145 
ILE CA  C    sing N N 146 
ILE CA  CB   sing N N 147 
ILE CA  HA   sing N N 148 
ILE C   O    doub N N 149 
ILE C   OXT  sing N N 150 
ILE CB  CG1  sing N N 151 
ILE CB  CG2  sing N N 152 
ILE CB  HB   sing N N 153 
ILE CG1 CD1  sing N N 154 
ILE CG1 HG12 sing N N 155 
ILE CG1 HG13 sing N N 156 
ILE CG2 HG21 sing N N 157 
ILE CG2 HG22 sing N N 158 
ILE CG2 HG23 sing N N 159 
ILE CD1 HD11 sing N N 160 
ILE CD1 HD12 sing N N 161 
ILE CD1 HD13 sing N N 162 
ILE OXT HXT  sing N N 163 
LEU N   CA   sing N N 164 
LEU N   H    sing N N 165 
LEU N   H2   sing N N 166 
LEU CA  C    sing N N 167 
LEU CA  CB   sing N N 168 
LEU CA  HA   sing N N 169 
LEU C   O    doub N N 170 
LEU C   OXT  sing N N 171 
LEU CB  CG   sing N N 172 
LEU CB  HB2  sing N N 173 
LEU CB  HB3  sing N N 174 
LEU CG  CD1  sing N N 175 
LEU CG  CD2  sing N N 176 
LEU CG  HG   sing N N 177 
LEU CD1 HD11 sing N N 178 
LEU CD1 HD12 sing N N 179 
LEU CD1 HD13 sing N N 180 
LEU CD2 HD21 sing N N 181 
LEU CD2 HD22 sing N N 182 
LEU CD2 HD23 sing N N 183 
LEU OXT HXT  sing N N 184 
LYS N   CA   sing N N 185 
LYS N   H    sing N N 186 
LYS N   H2   sing N N 187 
LYS CA  C    sing N N 188 
LYS CA  CB   sing N N 189 
LYS CA  HA   sing N N 190 
LYS C   O    doub N N 191 
LYS C   OXT  sing N N 192 
LYS CB  CG   sing N N 193 
LYS CB  HB2  sing N N 194 
LYS CB  HB3  sing N N 195 
LYS CG  CD   sing N N 196 
LYS CG  HG2  sing N N 197 
LYS CG  HG3  sing N N 198 
LYS CD  CE   sing N N 199 
LYS CD  HD2  sing N N 200 
LYS CD  HD3  sing N N 201 
LYS CE  NZ   sing N N 202 
LYS CE  HE2  sing N N 203 
LYS CE  HE3  sing N N 204 
LYS NZ  HZ1  sing N N 205 
LYS NZ  HZ2  sing N N 206 
LYS NZ  HZ3  sing N N 207 
LYS OXT HXT  sing N N 208 
PHE N   CA   sing N N 209 
PHE N   H    sing N N 210 
PHE N   H2   sing N N 211 
PHE CA  C    sing N N 212 
PHE CA  CB   sing N N 213 
PHE CA  HA   sing N N 214 
PHE C   O    doub N N 215 
PHE C   OXT  sing N N 216 
PHE CB  CG   sing N N 217 
PHE CB  HB2  sing N N 218 
PHE CB  HB3  sing N N 219 
PHE CG  CD1  doub Y N 220 
PHE CG  CD2  sing Y N 221 
PHE CD1 CE1  sing Y N 222 
PHE CD1 HD1  sing N N 223 
PHE CD2 CE2  doub Y N 224 
PHE CD2 HD2  sing N N 225 
PHE CE1 CZ   doub Y N 226 
PHE CE1 HE1  sing N N 227 
PHE CE2 CZ   sing Y N 228 
PHE CE2 HE2  sing N N 229 
PHE CZ  HZ   sing N N 230 
PHE OXT HXT  sing N N 231 
SER N   CA   sing N N 232 
SER N   H    sing N N 233 
SER N   H2   sing N N 234 
SER CA  C    sing N N 235 
SER CA  CB   sing N N 236 
SER CA  HA   sing N N 237 
SER C   O    doub N N 238 
SER C   OXT  sing N N 239 
SER CB  OG   sing N N 240 
SER CB  HB2  sing N N 241 
SER CB  HB3  sing N N 242 
SER OG  HG   sing N N 243 
SER OXT HXT  sing N N 244 
THR N   CA   sing N N 245 
THR N   H    sing N N 246 
THR N   H2   sing N N 247 
THR CA  C    sing N N 248 
THR CA  CB   sing N N 249 
THR CA  HA   sing N N 250 
THR C   O    doub N N 251 
THR C   OXT  sing N N 252 
THR CB  OG1  sing N N 253 
THR CB  CG2  sing N N 254 
THR CB  HB   sing N N 255 
THR OG1 HG1  sing N N 256 
THR CG2 HG21 sing N N 257 
THR CG2 HG22 sing N N 258 
THR CG2 HG23 sing N N 259 
THR OXT HXT  sing N N 260 
VAL N   CA   sing N N 261 
VAL N   H    sing N N 262 
VAL N   H2   sing N N 263 
VAL CA  C    sing N N 264 
VAL CA  CB   sing N N 265 
VAL CA  HA   sing N N 266 
VAL C   O    doub N N 267 
VAL C   OXT  sing N N 268 
VAL CB  CG1  sing N N 269 
VAL CB  CG2  sing N N 270 
VAL CB  HB   sing N N 271 
VAL CG1 HG11 sing N N 272 
VAL CG1 HG12 sing N N 273 
VAL CG1 HG13 sing N N 274 
VAL CG2 HG21 sing N N 275 
VAL CG2 HG22 sing N N 276 
VAL CG2 HG23 sing N N 277 
VAL OXT HXT  sing N N 278 
# 
_pdbx_audit_support.funding_organization   'National Institutes of Health/National Human Genome Research Institute (NIH/NHGRI)' 
_pdbx_audit_support.country                'United States' 
_pdbx_audit_support.grant_number           'R01 DA040621' 
_pdbx_audit_support.ordinal                1 
# 
_pdbx_initial_refinement_model.id               1 
_pdbx_initial_refinement_model.entity_id_list   ? 
_pdbx_initial_refinement_model.type             'experimental model' 
_pdbx_initial_refinement_model.source_name      PDB 
_pdbx_initial_refinement_model.accession_code   5VPE 
_pdbx_initial_refinement_model.details          ? 
# 
_atom_sites.entry_id                    6UCL 
_atom_sites.Cartn_transf_matrix[1][1]   ? 
_atom_sites.Cartn_transf_matrix[1][2]   ? 
_atom_sites.Cartn_transf_matrix[1][3]   ? 
_atom_sites.Cartn_transf_matrix[2][1]   ? 
_atom_sites.Cartn_transf_matrix[2][2]   ? 
_atom_sites.Cartn_transf_matrix[2][3]   ? 
_atom_sites.Cartn_transf_matrix[3][1]   ? 
_atom_sites.Cartn_transf_matrix[3][2]   ? 
_atom_sites.Cartn_transf_matrix[3][3]   ? 
_atom_sites.Cartn_transf_vector[1]      ? 
_atom_sites.Cartn_transf_vector[2]      ? 
_atom_sites.Cartn_transf_vector[3]      ? 
_atom_sites.fract_transf_matrix[1][1]   0.00587385 
_atom_sites.fract_transf_matrix[1][2]   0.02148159 
_atom_sites.fract_transf_matrix[1][3]   -0.01203274 
_atom_sites.fract_transf_matrix[2][1]   0.01633532 
_atom_sites.fract_transf_matrix[2][2]   0.00119535 
_atom_sites.fract_transf_matrix[2][3]   0.01010819 
_atom_sites.fract_transf_matrix[3][1]   0.00315874 
_atom_sites.fract_transf_matrix[3][2]   -0.00349176 
_atom_sites.fract_transf_matrix[3][3]   -0.00469175 
_atom_sites.fract_transf_vector[1]      0.090693 
_atom_sites.fract_transf_vector[2]      -0.024050 
_atom_sites.fract_transf_vector[3]      -0.134763 
_atom_sites.solution_primary            ? 
_atom_sites.solution_secondary          ? 
_atom_sites.solution_hydrogens          ? 
_atom_sites.special_details             ? 
# 
loop_
_atom_type.symbol 
C  
CL 
H  
N  
O  
S  
# 
loop_
_atom_site.group_PDB 
_atom_site.id 
_atom_site.type_symbol 
_atom_site.label_atom_id 
_atom_site.label_alt_id 
_atom_site.label_comp_id 
_atom_site.label_asym_id 
_atom_site.label_entity_id 
_atom_site.label_seq_id 
_atom_site.pdbx_PDB_ins_code 
_atom_site.Cartn_x 
_atom_site.Cartn_y 
_atom_site.Cartn_z 
_atom_site.occupancy 
_atom_site.B_iso_or_equiv 
_atom_site.pdbx_formal_charge 
_atom_site.auth_seq_id 
_atom_site.auth_comp_id 
_atom_site.auth_asym_id 
_atom_site.auth_atom_id 
_atom_site.pdbx_PDB_model_num 
ATOM   1   N  N    . ARG A 1 7  ? -15.585 20.737  36.844  1.00 74.63 ? 158 ARG A N    1 
ATOM   2   C  CA   . ARG A 1 7  ? -16.132 21.168  35.562  1.00 73.57 ? 158 ARG A CA   1 
ATOM   3   C  C    . ARG A 1 7  ? -15.024 21.369  34.531  1.00 72.16 ? 158 ARG A C    1 
ATOM   4   O  O    . ARG A 1 7  ? -15.000 20.710  33.490  1.00 67.11 ? 158 ARG A O    1 
ATOM   5   C  CB   . ARG A 1 7  ? -16.936 22.460  35.729  1.00 20.00 ? 158 ARG A CB   1 
ATOM   6   H  HA   . ARG A 1 7  ? -16.732 20.484  35.229  1.00 88.77 ? 158 ARG A HA   1 
ATOM   7   N  N    . ARG A 1 8  ? -14.109 22.296  34.826  1.00 70.16 ? 159 ARG A N    1 
ATOM   8   C  CA   . ARG A 1 8  ? -13.030 22.601  33.891  1.00 59.03 ? 159 ARG A CA   1 
ATOM   9   C  C    . ARG A 1 8  ? -12.156 21.377  33.636  1.00 66.20 ? 159 ARG A C    1 
ATOM   10  O  O    . ARG A 1 8  ? -11.838 21.053  32.486  1.00 61.77 ? 159 ARG A O    1 
ATOM   11  C  CB   . ARG A 1 8  ? -12.176 23.756  34.419  1.00 20.00 ? 159 ARG A CB   1 
ATOM   12  H  H    . ARG A 1 8  ? -14.093 22.755  35.552  1.00 84.68 ? 159 ARG A H    1 
ATOM   13  H  HA   . ARG A 1 8  ? -13.415 22.875  33.044  1.00 71.32 ? 159 ARG A HA   1 
ATOM   14  N  N    . VAL A 1 9  ? -11.765 20.676  34.705  1.00 66.09 ? 160 VAL A N    1 
ATOM   15  C  CA   . VAL A 1 9  ? -10.868 19.535  34.553  1.00 56.19 ? 160 VAL A CA   1 
ATOM   16  C  C    . VAL A 1 9  ? -11.495 18.447  33.689  1.00 56.11 ? 160 VAL A C    1 
ATOM   17  O  O    . VAL A 1 9  ? -10.801 17.792  32.903  1.00 51.59 ? 160 VAL A O    1 
ATOM   18  C  CB   . VAL A 1 9  ? -10.485 18.934  35.917  1.00 20.00 ? 160 VAL A CB   1 
ATOM   19  H  H    . VAL A 1 9  ? -12.002 20.840  35.516  1.00 79.79 ? 160 VAL A H    1 
ATOM   20  H  HA   . VAL A 1 9  ? -10.055 19.831  34.115  1.00 67.91 ? 160 VAL A HA   1 
ATOM   21  N  N    . ARG A 1 10 ? -12.807 18.235  33.821  1.00 54.40 ? 161 ARG A N    1 
ATOM   22  C  CA   . ARG A 1 10 ? -13.478 17.241  32.989  1.00 55.26 ? 161 ARG A CA   1 
ATOM   23  C  C    . ARG A 1 10 ? -13.354 17.602  31.515  1.00 48.36 ? 161 ARG A C    1 
ATOM   24  O  O    . ARG A 1 10 ? -12.978 16.768  30.680  1.00 48.58 ? 161 ARG A O    1 
ATOM   25  C  CB   . ARG A 1 10 ? -14.952 17.116  33.380  1.00 20.00 ? 161 ARG A CB   1 
ATOM   26  H  H    . ARG A 1 10 ? -13.320 18.647  34.375  1.00 65.76 ? 161 ARG A H    1 
ATOM   27  H  HA   . ARG A 1 10 ? -13.060 16.376  33.125  1.00 66.80 ? 161 ARG A HA   1 
ATOM   28  N  N    . ARG A 1 11 ? -13.660 18.856  31.178  1.00 41.89 ? 162 ARG A N    1 
ATOM   29  C  CA   . ARG A 1 11 ? -13.513 19.315  29.804  1.00 45.40 ? 162 ARG A CA   1 
ATOM   30  C  C    . ARG A 1 11 ? -12.088 19.099  29.311  1.00 44.84 ? 162 ARG A C    1 
ATOM   31  O  O    . ARG A 1 11 ? -11.872 18.548  28.228  1.00 52.97 ? 162 ARG A O    1 
ATOM   32  C  CB   . ARG A 1 11 ? -13.894 20.792  29.686  1.00 20.00 ? 162 ARG A CB   1 
ATOM   33  H  H    . ARG A 1 11 ? -13.953 19.453  31.723  1.00 50.76 ? 162 ARG A H    1 
ATOM   34  H  HA   . ARG A 1 11 ? -14.109 18.804  29.234  1.00 54.97 ? 162 ARG A HA   1 
ATOM   35  N  N    . GLU A 1 12 ? -11.097 19.509  30.109  1.00 47.71 ? 163 GLU A N    1 
ATOM   36  C  CA   . GLU A 1 12 ? -9.703  19.370  29.696  1.00 47.03 ? 163 GLU A CA   1 
ATOM   37  C  C    . GLU A 1 12 ? -9.351  17.909  29.421  1.00 51.14 ? 163 GLU A C    1 
ATOM   38  O  O    . GLU A 1 12 ? -8.833  17.571  28.349  1.00 45.69 ? 163 GLU A O    1 
ATOM   39  C  CB   . GLU A 1 12 ? -8.769  19.944  30.763  1.00 20.00 ? 163 GLU A CB   1 
ATOM   40  H  H    . GLU A 1 12 ? -11.205 19.865  30.884  1.00 57.74 ? 163 GLU A H    1 
ATOM   41  H  HA   . GLU A 1 12 ? -9.566  19.870  28.876  1.00 56.92 ? 163 GLU A HA   1 
ATOM   42  N  N    . ARG A 1 13 ? -9.622  17.031  30.388  1.00 42.08 ? 164 ARG A N    1 
ATOM   43  C  CA   . ARG A 1 13 ? -9.365  15.605  30.208  1.00 40.22 ? 164 ARG A CA   1 
ATOM   44  C  C    . ARG A 1 13 ? -10.006 15.083  28.926  1.00 53.37 ? 164 ARG A C    1 
ATOM   45  O  O    . ARG A 1 13 ? -9.364  14.381  28.134  1.00 47.02 ? 164 ARG A O    1 
ATOM   46  C  CB   . ARG A 1 13 ? -9.880  14.837  31.427  1.00 42.16 ? 164 ARG A CB   1 
ATOM   47  C  CG   . ARG A 1 13 ? -10.079 13.333  31.217  1.00 50.04 ? 164 ARG A CG   1 
ATOM   48  C  CD   . ARG A 1 13 ? -10.622 12.648  32.463  1.00 61.68 ? 164 ARG A CD   1 
ATOM   49  N  NE   . ARG A 1 13 ? -9.757  12.829  33.632  1.00 69.23 ? 164 ARG A NE   1 
ATOM   50  C  CZ   . ARG A 1 13 ? -10.110 13.450  34.758  1.00 71.38 ? 164 ARG A CZ   1 
ATOM   51  N  NH1  . ARG A 1 13 ? -11.327 13.964  34.912  1.00 67.70 ? 164 ARG A NH1  1 
ATOM   52  N  NH2  . ARG A 1 13 ? -9.239  13.554  35.749  1.00 76.90 ? 164 ARG A NH2  1 
ATOM   53  H  H    . ARG A 1 13 ? -9.954  17.236  31.153  1.00 50.98 ? 164 ARG A H    1 
ATOM   54  H  HA   . ARG A 1 13 ? -8.408  15.462  30.144  1.00 48.75 ? 164 ARG A HA   1 
ATOM   55  H  HB2  . ARG A 1 13 ? -9.244  14.948  32.152  1.00 51.08 ? 164 ARG A HB2  1 
ATOM   56  H  HB3  . ARG A 1 13 ? -10.736 15.211  31.687  1.00 51.08 ? 164 ARG A HB3  1 
ATOM   57  H  HG2  . ARG A 1 13 ? -10.719 13.184  30.504  1.00 60.54 ? 164 ARG A HG2  1 
ATOM   58  H  HG3  . ARG A 1 13 ? -9.227  12.926  30.993  1.00 60.54 ? 164 ARG A HG3  1 
ATOM   59  H  HD2  . ARG A 1 13 ? -11.502 13.000  32.652  1.00 74.50 ? 164 ARG A HD2  1 
ATOM   60  H  HD3  . ARG A 1 13 ? -10.684 11.696  32.290  1.00 74.50 ? 164 ARG A HD3  1 
ATOM   61  H  HE   . ARG A 1 13 ? -8.960  12.510  33.588  1.00 83.56 ? 164 ARG A HE   1 
ATOM   62  H  HH11 . ARG A 1 13 ? -11.910 13.910  34.285  1.00 81.72 ? 164 ARG A HH11 1 
ATOM   63  H  HH12 . ARG A 1 13 ? -11.531 14.359  35.648  1.00 81.72 ? 164 ARG A HH12 1 
ATOM   64  H  HH21 . ARG A 1 13 ? -8.448  13.225  35.663  1.00 92.76 ? 164 ARG A HH21 1 
ATOM   65  H  HH22 . ARG A 1 13 ? -9.462  13.952  36.478  1.00 92.76 ? 164 ARG A HH22 1 
ATOM   66  N  N    . ASN A 1 14 ? -11.281 15.408  28.703  1.00 55.41 ? 165 ASN A N    1 
ATOM   67  C  CA   . ASN A 1 14 ? -11.944 14.943  27.489  1.00 52.94 ? 165 ASN A CA   1 
ATOM   68  C  C    . ASN A 1 14 ? -11.242 15.464  26.242  1.00 37.68 ? 165 ASN A C    1 
ATOM   69  O  O    . ASN A 1 14 ? -11.096 14.738  25.250  1.00 37.89 ? 165 ASN A O    1 
ATOM   70  C  CB   . ASN A 1 14 ? -13.410 15.367  27.498  1.00 52.06 ? 165 ASN A CB   1 
ATOM   71  C  CG   . ASN A 1 14 ? -14.290 14.392  28.247  1.00 58.68 ? 165 ASN A CG   1 
ATOM   72  O  OD1  . ASN A 1 14 ? -13.805 13.425  28.835  1.00 62.89 ? 165 ASN A OD1  1 
ATOM   73  N  ND2  . ASN A 1 14 ? -15.593 14.637  28.229  1.00 47.06 ? 165 ASN A ND2  1 
ATOM   74  H  H    . ASN A 1 14 ? -11.771 15.884  29.225  1.00 66.98 ? 165 ASN A H    1 
ATOM   75  H  HA   . ASN A 1 14 ? -11.911 13.973  27.464  1.00 64.02 ? 165 ASN A HA   1 
ATOM   76  H  HB2  . ASN A 1 14 ? -13.487 16.233  27.929  1.00 62.96 ? 165 ASN A HB2  1 
ATOM   77  H  HB3  . ASN A 1 14 ? -13.730 15.420  26.584  1.00 62.96 ? 165 ASN A HB3  1 
ATOM   78  H  HD21 . ASN A 1 14 ? -16.144 14.051  28.531  1.00 56.95 ? 165 ASN A HD21 1 
ATOM   79  H  HD22 . ASN A 1 14 ? -15.884 15.382  27.915  1.00 56.95 ? 165 ASN A HD22 1 
ATOM   80  N  N    . LYS A 1 15 ? -10.795 16.719  26.273  1.00 34.69 ? 166 LYS A N    1 
ATOM   81  C  CA   . LYS A 1 15 ? -10.073 17.261  25.130  1.00 36.84 ? 166 LYS A CA   1 
ATOM   82  C  C    . LYS A 1 15 ? -8.806  16.462  24.865  1.00 41.67 ? 166 LYS A C    1 
ATOM   83  O  O    . LYS A 1 15 ? -8.481  16.164  23.709  1.00 38.22 ? 166 LYS A O    1 
ATOM   84  C  CB   . LYS A 1 15 ? -9.752  18.740  25.359  1.00 31.82 ? 166 LYS A CB   1 
ATOM   85  H  H    . LYS A 1 15 ? -10.895 17.264  26.931  1.00 42.11 ? 166 LYS A H    1 
ATOM   86  H  HA   . LYS A 1 15 ? -10.636 17.197  24.343  1.00 44.69 ? 166 LYS A HA   1 
ATOM   87  N  N    . LEU A 1 16 ? -8.092  16.074  25.926  1.00 40.13 ? 167 LEU A N    1 
ATOM   88  C  CA   . LEU A 1 16 ? -6.875  15.292  25.733  1.00 39.45 ? 167 LEU A CA   1 
ATOM   89  C  C    . LEU A 1 16 ? -7.190  13.903  25.193  1.00 33.25 ? 167 LEU A C    1 
ATOM   90  O  O    . LEU A 1 16 ? -6.436  13.367  24.376  1.00 28.52 ? 167 LEU A O    1 
ATOM   91  C  CB   . LEU A 1 16 ? -6.091  15.196  27.042  1.00 41.20 ? 167 LEU A CB   1 
ATOM   92  C  CG   . LEU A 1 16 ? -5.545  16.513  27.606  1.00 45.29 ? 167 LEU A CG   1 
ATOM   93  C  CD1  . LEU A 1 16 ? -4.470  16.217  28.631  1.00 46.47 ? 167 LEU A CD1  1 
ATOM   94  C  CD2  . LEU A 1 16 ? -4.999  17.440  26.523  1.00 43.71 ? 167 LEU A CD2  1 
ATOM   95  H  H    . LEU A 1 16 ? -8.286  16.247  26.746  1.00 48.64 ? 167 LEU A H    1 
ATOM   96  H  HA   . LEU A 1 16 ? -6.319  15.735  25.075  1.00 47.82 ? 167 LEU A HA   1 
ATOM   97  H  HB2  . LEU A 1 16 ? -6.673  14.813  27.717  1.00 49.92 ? 167 LEU A HB2  1 
ATOM   98  H  HB3  . LEU A 1 16 ? -5.333  14.607  26.899  1.00 49.92 ? 167 LEU A HB3  1 
ATOM   99  H  HG   . LEU A 1 16 ? -6.265  16.980  28.059  1.00 54.83 ? 167 LEU A HG   1 
ATOM   100 H  HD11 . LEU A 1 16 ? -4.161  17.055  29.009  1.00 56.25 ? 167 LEU A HD11 1 
ATOM   101 H  HD12 . LEU A 1 16 ? -4.845  15.657  29.329  1.00 56.25 ? 167 LEU A HD12 1 
ATOM   102 H  HD13 . LEU A 1 16 ? -3.736  15.758  28.195  1.00 56.25 ? 167 LEU A HD13 1 
ATOM   103 H  HD21 . LEU A 1 16 ? -4.525  18.173  26.946  1.00 52.93 ? 167 LEU A HD21 1 
ATOM   104 H  HD22 . LEU A 1 16 ? -4.394  16.939  25.955  1.00 52.93 ? 167 LEU A HD22 1 
ATOM   105 H  HD23 . LEU A 1 16 ? -5.739  17.784  25.998  1.00 52.93 ? 167 LEU A HD23 1 
ATOM   106 N  N    . ALA A 1 17 ? -8.294  13.297  25.633  1.00 31.61 ? 168 ALA A N    1 
ATOM   107 C  CA   . ALA A 1 17 ? -8.680  12.004  25.077  1.00 36.96 ? 168 ALA A CA   1 
ATOM   108 C  C    . ALA A 1 17 ? -8.964  12.124  23.586  1.00 28.82 ? 168 ALA A C    1 
ATOM   109 O  O    . ALA A 1 17 ? -8.486  11.315  22.775  1.00 32.88 ? 168 ALA A O    1 
ATOM   110 C  CB   . ALA A 1 17 ? -9.900  11.460  25.817  1.00 41.67 ? 168 ALA A CB   1 
ATOM   111 H  H    . ALA A 1 17 ? -8.823  13.606  26.237  1.00 38.42 ? 168 ALA A H    1 
ATOM   112 H  HA   . ALA A 1 17 ? -7.950  11.376  25.195  1.00 44.83 ? 168 ALA A HA   1 
ATOM   113 H  HB1  . ALA A 1 17 ? -10.143 10.602  25.436  1.00 50.50 ? 168 ALA A HB1  1 
ATOM   114 H  HB2  . ALA A 1 17 ? -9.678  11.355  26.756  1.00 50.50 ? 168 ALA A HB2  1 
ATOM   115 H  HB3  . ALA A 1 17 ? -10.633 12.087  25.718  1.00 50.50 ? 168 ALA A HB3  1 
ATOM   116 N  N    . ALA A 1 18 ? -9.739  13.143  23.203  1.00 23.08 ? 169 ALA A N    1 
ATOM   117 C  CA   . ALA A 1 18 ? -10.032 13.369  21.793  1.00 25.90 ? 169 ALA A CA   1 
ATOM   118 C  C    . ALA A 1 18 ? -8.755  13.578  20.990  1.00 24.39 ? 169 ALA A C    1 
ATOM   119 O  O    . ALA A 1 18 ? -8.614  13.042  19.886  1.00 20.40 ? 169 ALA A O    1 
ATOM   120 C  CB   . ALA A 1 18 ? -10.955 14.573  21.638  1.00 22.85 ? 169 ALA A CB   1 
ATOM   121 H  H    . ALA A 1 18 ? -10.102 13.711  23.738  1.00 28.18 ? 169 ALA A H    1 
ATOM   122 H  HA   . ALA A 1 18 ? -10.507 12.603  21.444  1.00 31.57 ? 169 ALA A HA   1 
ATOM   123 H  HB1  . ALA A 1 18 ? -11.139 14.709  20.696  1.00 27.91 ? 169 ALA A HB1  1 
ATOM   124 H  HB2  . ALA A 1 18 ? -11.781 14.400  22.116  1.00 27.91 ? 169 ALA A HB2  1 
ATOM   125 H  HB3  . ALA A 1 18 ? -10.517 15.356  22.007  1.00 27.91 ? 169 ALA A HB3  1 
ATOM   126 N  N    . ALA A 1 19 ? -7.817  14.362  21.524  1.00 23.71 ? 170 ALA A N    1 
ATOM   127 C  CA   . ALA A 1 19 ? -6.560  14.583  20.821  1.00 20.25 ? 170 ALA A CA   1 
ATOM   128 C  C    . ALA A 1 19 ? -5.774  13.290  20.684  1.00 26.71 ? 170 ALA A C    1 
ATOM   129 O  O    . ALA A 1 19 ? -5.144  13.052  19.647  1.00 29.06 ? 170 ALA A O    1 
ATOM   130 C  CB   . ALA A 1 19 ? -5.731  15.641  21.545  1.00 20.08 ? 170 ALA A CB   1 
ATOM   131 H  H    . ALA A 1 19 ? -7.885  14.770  22.278  1.00 28.94 ? 170 ALA A H    1 
ATOM   132 H  HA   . ALA A 1 19 ? -6.752  14.912  19.928  1.00 24.79 ? 170 ALA A HA   1 
ATOM   133 H  HB1  . ALA A 1 19 ? -4.900  15.775  21.064  1.00 24.59 ? 170 ALA A HB1  1 
ATOM   134 H  HB2  . ALA A 1 19 ? -6.234  16.470  21.574  1.00 24.59 ? 170 ALA A HB2  1 
ATOM   135 H  HB3  . ALA A 1 19 ? -5.546  15.334  22.446  1.00 24.59 ? 170 ALA A HB3  1 
ATOM   136 N  N    . LYS A 1 20 ? -5.817  12.434  21.705  1.00 19.66 ? 171 LYS A N    1 
ATOM   137 C  CA   . LYS A 1 20 ? -5.129  11.153  21.627  1.00 18.99 ? 171 LYS A CA   1 
ATOM   138 C  C    . LYS A 1 20 ? -5.683  10.308  20.483  1.00 26.24 ? 171 LYS A C    1 
ATOM   139 O  O    . LYS A 1 20 ? -4.947  9.908   19.571  1.00 23.32 ? 171 LYS A O    1 
ATOM   140 C  CB   . LYS A 1 20 ? -5.251  10.407  22.957  1.00 27.44 ? 171 LYS A CB   1 
ATOM   141 C  CG   . LYS A 1 20 ? -4.297  9.227   23.069  1.00 42.09 ? 171 LYS A CG   1 
ATOM   142 C  CD   . LYS A 1 20 ? -4.737  8.222   24.118  1.00 42.59 ? 171 LYS A CD   1 
ATOM   143 C  CE   . LYS A 1 20 ? -3.850  6.976   24.102  1.00 54.27 ? 171 LYS A CE   1 
ATOM   144 N  NZ   . LYS A 1 20 ? -3.885  6.243   22.796  1.00 56.00 ? 171 LYS A NZ   1 
ATOM   145 H  H    . LYS A 1 20 ? -6.233  12.572  22.445  1.00 24.08 ? 171 LYS A H    1 
ATOM   146 H  HA   . LYS A 1 20 ? -4.188  11.310  21.456  1.00 23.28 ? 171 LYS A HA   1 
ATOM   147 H  HB2  . LYS A 1 20 ? -5.052  11.021  23.681  1.00 33.42 ? 171 LYS A HB2  1 
ATOM   148 H  HB3  . LYS A 1 20 ? -6.156  10.070  23.048  1.00 33.42 ? 171 LYS A HB3  1 
ATOM   149 H  HG2  . LYS A 1 20 ? -4.254  8.772   22.215  1.00 51.00 ? 171 LYS A HG2  1 
ATOM   150 H  HG3  . LYS A 1 20 ? -3.418  9.554   23.316  1.00 51.00 ? 171 LYS A HG3  1 
ATOM   151 H  HD2  . LYS A 1 20 ? -4.676  8.628   24.997  1.00 51.59 ? 171 LYS A HD2  1 
ATOM   152 H  HD3  . LYS A 1 20 ? -5.650  7.948   23.937  1.00 51.59 ? 171 LYS A HD3  1 
ATOM   153 H  HE2  . LYS A 1 20 ? -2.933  7.241   24.272  1.00 65.61 ? 171 LYS A HE2  1 
ATOM   154 H  HE3  . LYS A 1 20 ? -4.152  6.367   24.795  1.00 65.61 ? 171 LYS A HE3  1 
ATOM   155 H  HZ1  . LYS A 1 20 ? -3.560  6.760   22.149  1.00 67.69 ? 171 LYS A HZ1  1 
ATOM   156 H  HZ2  . LYS A 1 20 ? -3.393  5.504   22.851  1.00 67.69 ? 171 LYS A HZ2  1 
ATOM   157 H  HZ3  . LYS A 1 20 ? -4.723  6.019   22.596  1.00 67.69 ? 171 LYS A HZ3  1 
ATOM   158 N  N    A CYS A 1 21 ? -6.990  10.028  20.520  0.51 25.46 ? 172 CYS A N    1 
ATOM   159 N  N    B CYS A 1 21 ? -6.986  10.022  20.513  0.49 25.45 ? 172 CYS A N    1 
ATOM   160 C  CA   A CYS A 1 21 ? -7.579  9.202   19.469  0.51 23.53 ? 172 CYS A CA   1 
ATOM   161 C  CA   B CYS A 1 21 ? -7.568  9.192   19.462  0.49 23.56 ? 172 CYS A CA   1 
ATOM   162 C  C    A CYS A 1 21 ? -7.367  9.830   18.096  0.51 22.06 ? 172 CYS A C    1 
ATOM   163 C  C    B CYS A 1 21 ? -7.367  9.829   18.090  0.49 22.10 ? 172 CYS A C    1 
ATOM   164 O  O    A CYS A 1 21 ? -7.098  9.126   17.115  0.51 18.30 ? 172 CYS A O    1 
ATOM   165 O  O    B CYS A 1 21 ? -7.105  9.130   17.105  0.49 18.39 ? 172 CYS A O    1 
ATOM   166 C  CB   A CYS A 1 21 ? -9.069  8.990   19.730  0.51 20.41 ? 172 CYS A CB   1 
ATOM   167 C  CB   B CYS A 1 21 ? -9.053  8.960   19.733  0.49 20.48 ? 172 CYS A CB   1 
ATOM   168 S  SG   A CYS A 1 21 ? -9.869  7.900   18.523  0.51 15.12 ? 172 CYS A SG   1 
ATOM   169 S  SG   B CYS A 1 21 ? -10.054 10.439  19.571  0.49 38.83 ? 172 CYS A SG   1 
ATOM   170 H  H    A CYS A 1 21 ? -7.541  10.297  21.124  0.51 31.04 ? 172 CYS A H    1 
ATOM   171 H  H    B CYS A 1 21 ? -7.540  10.289  21.114  0.49 31.03 ? 172 CYS A H    1 
ATOM   172 H  HA   A CYS A 1 21 ? -7.148  8.334   19.470  0.51 28.73 ? 172 CYS A HA   1 
ATOM   173 H  HA   B CYS A 1 21 ? -7.126  8.329   19.460  0.49 28.76 ? 172 CYS A HA   1 
ATOM   174 H  HB2  A CYS A 1 21 ? -9.181  8.593   20.608  0.51 24.98 ? 172 CYS A HB2  1 
ATOM   175 H  HB2  B CYS A 1 21 ? -9.387  8.305   19.102  0.49 25.06 ? 172 CYS A HB2  1 
ATOM   176 H  HB3  A CYS A 1 21 ? -9.519  9.849   19.697  0.51 24.98 ? 172 CYS A HB3  1 
ATOM   177 H  HB3  B CYS A 1 21 ? -9.158  8.629   20.639  0.49 25.06 ? 172 CYS A HB3  1 
ATOM   178 H  HG   A CYS A 1 21 ? -11.030 7.790   18.804  0.51 18.63 ? 172 CYS A HG   1 
ATOM   179 H  HG   B CYS A 1 21 ? -9.626  11.075  20.485  0.49 47.09 ? 172 CYS A HG   1 
ATOM   180 N  N    . ARG A 1 22 ? -7.479  11.157  18.015  1.00 19.60 ? 173 ARG A N    1 
ATOM   181 C  CA   . ARG A 1 22 ? -7.258  11.858  16.752  1.00 23.33 ? 173 ARG A CA   1 
ATOM   182 C  C    . ARG A 1 22 ? -5.864  11.581  16.205  1.00 16.21 ? 173 ARG A C    1 
ATOM   183 O  O    . ARG A 1 22 ? -5.701  11.246  15.026  1.00 19.40 ? 173 ARG A O    1 
ATOM   184 C  CB   . ARG A 1 22 ? -7.450  13.358  16.969  1.00 14.83 ? 173 ARG A CB   1 
ATOM   185 C  CG   . ARG A 1 22 ? -7.426  14.218  15.720  1.00 18.83 ? 173 ARG A CG   1 
ATOM   186 C  CD   . ARG A 1 22 ? -7.252  15.675  16.111  1.00 31.16 ? 173 ARG A CD   1 
ATOM   187 N  NE   . ARG A 1 22 ? -5.918  15.913  16.659  1.00 37.17 ? 173 ARG A NE   1 
ATOM   188 C  CZ   . ARG A 1 22 ? -5.628  16.811  17.598  1.00 36.53 ? 173 ARG A CZ   1 
ATOM   189 N  NH1  . ARG A 1 22 ? -6.579  17.576  18.128  1.00 45.91 ? 173 ARG A NH1  1 
ATOM   190 N  NH2  . ARG A 1 22 ? -4.379  16.936  18.023  1.00 38.08 ? 173 ARG A NH2  1 
ATOM   191 H  H    A ARG A 1 22 ? -7.680  11.671  18.674  0.51 24.00 ? 173 ARG A H    1 
ATOM   192 H  H    B ARG A 1 22 ? -7.680  11.669  18.676  0.49 24.00 ? 173 ARG A H    1 
ATOM   193 H  HA   . ARG A 1 22 ? -7.908  11.558  16.098  1.00 28.48 ? 173 ARG A HA   1 
ATOM   194 H  HB2  . ARG A 1 22 ? -8.308  13.496  17.397  1.00 18.28 ? 173 ARG A HB2  1 
ATOM   195 H  HB3  . ARG A 1 22 ? -6.744  13.672  17.554  1.00 18.28 ? 173 ARG A HB3  1 
ATOM   196 H  HG2  . ARG A 1 22 ? -6.681  13.959  15.156  1.00 23.08 ? 173 ARG A HG2  1 
ATOM   197 H  HG3  . ARG A 1 22 ? -8.265  14.123  15.242  1.00 23.08 ? 173 ARG A HG3  1 
ATOM   198 H  HD2  . ARG A 1 22 ? -7.365  16.234  15.327  1.00 37.88 ? 173 ARG A HD2  1 
ATOM   199 H  HD3  . ARG A 1 22 ? -7.913  15.899  16.783  1.00 37.88 ? 173 ARG A HD3  1 
ATOM   200 H  HE   . ARG A 1 22 ? -5.271  15.437  16.352  1.00 45.09 ? 173 ARG A HE   1 
ATOM   201 H  HH11 . ARG A 1 22 ? -7.392  17.505  17.863  1.00 55.59 ? 173 ARG A HH11 1 
ATOM   202 H  HH12 . ARG A 1 22 ? -6.376  18.151  18.735  1.00 55.59 ? 173 ARG A HH12 1 
ATOM   203 H  HH21 . ARG A 1 22 ? -3.760  16.443  17.685  1.00 46.18 ? 173 ARG A HH21 1 
ATOM   204 H  HH22 . ARG A 1 22 ? -4.187  17.514  18.630  1.00 46.18 ? 173 ARG A HH22 1 
ATOM   205 N  N    . ASN A 1 23 ? -4.842  11.731  17.049  1.00 15.91 ? 174 ASN A N    1 
ATOM   206 C  CA   . ASN A 1 23 ? -3.468  11.576  16.583  1.00 19.05 ? 174 ASN A CA   1 
ATOM   207 C  C    . ASN A 1 23 ? -3.176  10.128  16.203  1.00 19.00 ? 174 ASN A C    1 
ATOM   208 O  O    . ASN A 1 23 ? -2.553  9.856   15.167  1.00 16.58 ? 174 ASN A O    1 
ATOM   209 C  CB   . ASN A 1 23 ? -2.504  12.068  17.661  1.00 21.53 ? 174 ASN A CB   1 
ATOM   210 C  CG   . ASN A 1 23 ? -2.642  13.555  17.927  1.00 29.85 ? 174 ASN A CG   1 
ATOM   211 O  OD1  . ASN A 1 23 ? -2.966  14.328  17.023  1.00 37.01 ? 174 ASN A OD1  1 
ATOM   212 N  ND2  . ASN A 1 23 ? -2.392  13.964  19.168  1.00 44.70 ? 174 ASN A ND2  1 
ATOM   213 H  H    . ASN A 1 23 ? -4.918  11.920  17.884  1.00 19.58 ? 174 ASN A H    1 
ATOM   214 H  HA   . ASN A 1 23 ? -3.339  12.124  15.793  1.00 23.35 ? 174 ASN A HA   1 
ATOM   215 H  HB2  . ASN A 1 23 ? -2.687  11.597  18.488  1.00 26.32 ? 174 ASN A HB2  1 
ATOM   216 H  HB3  . ASN A 1 23 ? -1.593  11.897  17.375  1.00 26.32 ? 174 ASN A HB3  1 
ATOM   217 H  HD21 . ASN A 1 23 ? -2.457  14.798  19.366  1.00 54.13 ? 174 ASN A HD21 1 
ATOM   218 H  HD22 . ASN A 1 23 ? -2.165  13.395  19.771  1.00 54.13 ? 174 ASN A HD22 1 
ATOM   219 N  N    . ARG A 1 24 ? -3.619  9.180   17.030  1.00 19.38 ? 175 ARG A N    1 
ATOM   220 C  CA   . ARG A 1 24 ? -3.464  7.769   16.685  1.00 15.19 ? 175 ARG A CA   1 
ATOM   221 C  C    . ARG A 1 24 ? -4.133  7.461   15.348  1.00 22.98 ? 175 ARG A C    1 
ATOM   222 O  O    . ARG A 1 24 ? -3.594  6.712   14.520  1.00 24.65 ? 175 ARG A O    1 
ATOM   223 C  CB   . ARG A 1 24 ? -4.053  6.916   17.811  1.00 12.13 ? 175 ARG A CB   1 
ATOM   224 C  CG   . ARG A 1 24 ? -3.809  5.428   17.708  1.00 38.74 ? 175 ARG A CG   1 
ATOM   225 C  CD   . ARG A 1 24 ? -4.324  4.751   18.965  1.00 52.02 ? 175 ARG A CD   1 
ATOM   226 N  NE   . ARG A 1 24 ? -4.389  3.300   18.840  1.00 52.71 ? 175 ARG A NE   1 
ATOM   227 C  CZ   . ARG A 1 24 ? -4.873  2.492   19.777  1.00 46.10 ? 175 ARG A CZ   1 
ATOM   228 N  NH1  . ARG A 1 24 ? -5.341  2.993   20.916  1.00 56.12 ? 175 ARG A NH1  1 
ATOM   229 N  NH2  . ARG A 1 24 ? -4.892  1.182   19.576  1.00 56.26 ? 175 ARG A NH2  1 
ATOM   230 H  H    . ARG A 1 24 ? -4.005  9.325   17.784  1.00 23.75 ? 175 ARG A H    1 
ATOM   231 H  HA   . ARG A 1 24 ? -2.519  7.561   16.608  1.00 18.71 ? 175 ARG A HA   1 
ATOM   232 H  HB2  . ARG A 1 24 ? -3.672  7.214   18.651  1.00 15.05 ? 175 ARG A HB2  1 
ATOM   233 H  HB3  . ARG A 1 24 ? -5.013  7.051   17.826  1.00 15.05 ? 175 ARG A HB3  1 
ATOM   234 H  HG2  . ARG A 1 24 ? -4.286  5.070   16.943  1.00 46.98 ? 175 ARG A HG2  1 
ATOM   235 H  HG3  . ARG A 1 24 ? -2.857  5.258   17.630  1.00 46.98 ? 175 ARG A HG3  1 
ATOM   236 H  HD2  . ARG A 1 24 ? -3.731  4.962   19.703  1.00 62.91 ? 175 ARG A HD2  1 
ATOM   237 H  HD3  . ARG A 1 24 ? -5.218  5.076   19.155  1.00 62.91 ? 175 ARG A HD3  1 
ATOM   238 H  HE   . ARG A 1 24 ? -4.147  2.949   18.093  1.00 63.74 ? 175 ARG A HE   1 
ATOM   239 H  HH11 . ARG A 1 24 ? -5.332  3.841   21.053  1.00 67.83 ? 175 ARG A HH11 1 
ATOM   240 H  HH12 . ARG A 1 24 ? -5.654  2.465   21.519  1.00 67.83 ? 175 ARG A HH12 1 
ATOM   241 H  HH21 . ARG A 1 24 ? -4.590  0.855   18.840  1.00 68.00 ? 175 ARG A HH21 1 
ATOM   242 H  HH22 . ARG A 1 24 ? -5.206  0.659   20.182  1.00 68.00 ? 175 ARG A HH22 1 
ATOM   243 N  N    . ARG A 1 25 ? -5.304  8.051   15.116  1.00 15.75 ? 176 ARG A N    1 
ATOM   244 C  CA   . ARG A 1 25 ? -6.019  7.849   13.861  1.00 13.01 ? 176 ARG A CA   1 
ATOM   245 C  C    . ARG A 1 25 ? -5.252  8.434   12.679  1.00 15.86 ? 176 ARG A C    1 
ATOM   246 O  O    . ARG A 1 25 ? -5.177  7.810   11.613  1.00 15.49 ? 176 ARG A O    1 
ATOM   247 C  CB   . ARG A 1 25 ? -7.415  8.473   13.964  1.00 19.32 ? 176 ARG A CB   1 
ATOM   248 C  CG   . ARG A 1 25 ? -8.288  8.281   12.734  1.00 30.65 ? 176 ARG A CG   1 
ATOM   249 C  CD   . ARG A 1 25 ? -8.577  9.606   12.055  1.00 31.38 ? 176 ARG A CD   1 
ATOM   250 N  NE   . ARG A 1 25 ? -9.315  10.513  12.934  1.00 30.46 ? 176 ARG A NE   1 
ATOM   251 C  CZ   . ARG A 1 25 ? -9.415  11.828  12.743  1.00 40.45 ? 176 ARG A CZ   1 
ATOM   252 N  NH1  . ARG A 1 25 ? -8.819  12.401  11.705  1.00 34.42 ? 176 ARG A NH1  1 
ATOM   253 N  NH2  . ARG A 1 25 ? -10.104 12.576  13.596  1.00 38.77 ? 176 ARG A NH2  1 
ATOM   254 H  H    . ARG A 1 25 ? -5.704  8.572   15.670  1.00 19.39 ? 176 ARG A H    1 
ATOM   255 H  HA   . ARG A 1 25 ? -6.126  6.897   13.709  1.00 16.10 ? 176 ARG A HA   1 
ATOM   256 H  HB2  . ARG A 1 25 ? -7.878  8.074   14.717  1.00 23.68 ? 176 ARG A HB2  1 
ATOM   257 H  HB3  . ARG A 1 25 ? -7.315  9.427   14.110  1.00 23.68 ? 176 ARG A HB3  1 
ATOM   258 H  HG2  . ARG A 1 25 ? -7.831  7.707   12.100  1.00 37.27 ? 176 ARG A HG2  1 
ATOM   259 H  HG3  . ARG A 1 25 ? -9.133  7.885   12.999  1.00 37.27 ? 176 ARG A HG3  1 
ATOM   260 H  HD2  . ARG A 1 25 ? -7.738  10.029  11.816  1.00 38.14 ? 176 ARG A HD2  1 
ATOM   261 H  HD3  . ARG A 1 25 ? -9.111  9.449   11.261  1.00 38.14 ? 176 ARG A HD3  1 
ATOM   262 H  HE   . ARG A 1 25 ? -9.711  10.175  13.619  1.00 37.03 ? 176 ARG A HE   1 
ATOM   263 H  HH11 . ARG A 1 25 ? -8.369  11.927  11.147  1.00 41.79 ? 176 ARG A HH11 1 
ATOM   264 H  HH12 . ARG A 1 25 ? -8.887  13.250  11.589  1.00 41.79 ? 176 ARG A HH12 1 
ATOM   265 H  HH21 . ARG A 1 25 ? -10.492 12.212  14.271  1.00 47.01 ? 176 ARG A HH21 1 
ATOM   266 H  HH22 . ARG A 1 25 ? -10.167 13.425  13.471  1.00 47.01 ? 176 ARG A HH22 1 
ATOM   267 N  N    . ARG A 1 26 ? -4.695  9.640   12.831  1.00 19.24 ? 177 ARG A N    1 
ATOM   268 C  CA   . ARG A 1 26 ? -3.901  10.215  11.748  1.00 14.69 ? 177 ARG A CA   1 
ATOM   269 C  C    . ARG A 1 26 ? -2.676  9.356   11.457  1.00 23.26 ? 177 ARG A C    1 
ATOM   270 O  O    . ARG A 1 26 ? -2.285  9.185   10.294  1.00 20.65 ? 177 ARG A O    1 
ATOM   271 C  CB   . ARG A 1 26 ? -3.481  11.644  12.091  1.00 11.88 ? 177 ARG A CB   1 
ATOM   272 C  CG   . ARG A 1 26 ? -4.568  12.695  11.867  1.00 16.45 ? 177 ARG A CG   1 
ATOM   273 C  CD   . ARG A 1 26 ? -4.317  13.972  12.673  1.00 15.90 ? 177 ARG A CD   1 
ATOM   274 N  NE   . ARG A 1 26 ? -5.346  14.984  12.442  1.00 19.31 ? 177 ARG A NE   1 
ATOM   275 C  CZ   . ARG A 1 26 ? -5.423  16.145  13.091  1.00 18.83 ? 177 ARG A CZ   1 
ATOM   276 N  NH1  . ARG A 1 26 ? -4.529  16.460  14.013  1.00 19.48 ? 177 ARG A NH1  1 
ATOM   277 N  NH2  . ARG A 1 26 ? -6.398  17.003  12.823  1.00 18.41 ? 177 ARG A NH2  1 
ATOM   278 H  H    . ARG A 1 26 ? -4.761  10.132  13.532  1.00 23.58 ? 177 ARG A H    1 
ATOM   279 H  HA   . ARG A 1 26 ? -4.442  10.247  10.943  1.00 18.11 ? 177 ARG A HA   1 
ATOM   280 H  HB2  . ARG A 1 26 ? -3.229  11.677  13.028  1.00 14.74 ? 177 ARG A HB2  1 
ATOM   281 H  HB3  . ARG A 1 26 ? -2.721  11.885  11.540  1.00 14.74 ? 177 ARG A HB3  1 
ATOM   282 H  HG2  . ARG A 1 26 ? -4.593  12.931  10.926  1.00 20.23 ? 177 ARG A HG2  1 
ATOM   283 H  HG3  . ARG A 1 26 ? -5.424  12.329  12.141  1.00 20.23 ? 177 ARG A HG3  1 
ATOM   284 H  HD2  . ARG A 1 26 ? -4.328  13.751  13.618  1.00 19.56 ? 177 ARG A HD2  1 
ATOM   285 H  HD3  . ARG A 1 26 ? -3.457  14.344  12.436  1.00 19.56 ? 177 ARG A HD3  1 
ATOM   286 H  HE   . ARG A 1 26 ? -5.943  14.819  11.845  1.00 23.66 ? 177 ARG A HE   1 
ATOM   287 H  HH11 . ARG A 1 26 ? -3.892  15.915  14.201  1.00 23.87 ? 177 ARG A HH11 1 
ATOM   288 H  HH12 . ARG A 1 26 ? -4.585  17.211  14.426  1.00 23.87 ? 177 ARG A HH12 1 
ATOM   289 H  HH21 . ARG A 1 26 ? -6.986  16.813  12.225  1.00 22.58 ? 177 ARG A HH21 1 
ATOM   290 H  HH22 . ARG A 1 26 ? -6.439  17.753  13.243  1.00 22.58 ? 177 ARG A HH22 1 
ATOM   291 N  N    . GLU A 1 27 ? -2.056  8.809   12.501  1.00 22.96 ? 178 GLU A N    1 
ATOM   292 C  CA   . GLU A 1 27 ? -0.898  7.945   12.303  1.00 24.37 ? 178 GLU A CA   1 
ATOM   293 C  C    . GLU A 1 27 ? -1.277  6.697   11.509  1.00 24.65 ? 178 GLU A C    1 
ATOM   294 O  O    . GLU A 1 27 ? -0.615  6.348   10.521  1.00 26.49 ? 178 GLU A O    1 
ATOM   295 C  CB   . GLU A 1 27 ? -0.294  7.578   13.661  1.00 30.03 ? 178 GLU A CB   1 
ATOM   296 C  CG   . GLU A 1 27 ? 0.709   8.604   14.171  1.00 39.33 ? 178 GLU A CG   1 
ATOM   297 C  CD   . GLU A 1 27 ? 0.741   8.718   15.685  1.00 57.15 ? 178 GLU A CD   1 
ATOM   298 O  OE1  . GLU A 1 27 ? 0.144   7.858   16.365  1.00 62.82 ? 178 GLU A OE1  1 
ATOM   299 O  OE2  . GLU A 1 27 ? 1.366   9.674   16.195  1.00 64.01 ? 178 GLU A OE2  1 
ATOM   300 H  H    . GLU A 1 27 ? -2.283  8.922   13.323  1.00 28.04 ? 178 GLU A H    1 
ATOM   301 H  HA   . GLU A 1 27 ? -0.227  8.429   11.797  1.00 29.73 ? 178 GLU A HA   1 
ATOM   302 H  HB2  . GLU A 1 27 ? -1.010  7.507   14.311  1.00 36.52 ? 178 GLU A HB2  1 
ATOM   303 H  HB3  . GLU A 1 27 ? 0.166   6.727   13.580  1.00 36.52 ? 178 GLU A HB3  1 
ATOM   304 H  HG2  . GLU A 1 27 ? 1.597   8.351   13.873  1.00 47.68 ? 178 GLU A HG2  1 
ATOM   305 H  HG3  . GLU A 1 27 ? 0.477   9.476   13.813  1.00 47.68 ? 178 GLU A HG3  1 
ATOM   306 N  N    . LEU A 1 28 ? -2.347  6.013   11.923  1.00 22.80 ? 179 LEU A N    1 
ATOM   307 C  CA   . LEU A 1 28 ? -2.788  4.838   11.172  1.00 20.29 ? 179 LEU A CA   1 
ATOM   308 C  C    . LEU A 1 28 ? -3.151  5.206   9.737   1.00 18.61 ? 179 LEU A C    1 
ATOM   309 O  O    . LEU A 1 28 ? -2.887  4.438   8.806   1.00 22.80 ? 179 LEU A O    1 
ATOM   310 C  CB   . LEU A 1 28 ? -3.976  4.183   11.872  1.00 21.73 ? 179 LEU A CB   1 
ATOM   311 C  CG   . LEU A 1 28 ? -3.749  3.651   13.290  1.00 15.48 ? 179 LEU A CG   1 
ATOM   312 C  CD1  . LEU A 1 28 ? -5.067  3.154   13.879  1.00 26.03 ? 179 LEU A CD1  1 
ATOM   313 C  CD2  . LEU A 1 28 ? -2.707  2.554   13.307  1.00 26.32 ? 179 LEU A CD2  1 
ATOM   314 H  H    . LEU A 1 28 ? -2.821  6.201   12.616  1.00 27.85 ? 179 LEU A H    1 
ATOM   315 H  HA   . LEU A 1 28 ? -2.064  4.194   11.141  1.00 24.84 ? 179 LEU A HA   1 
ATOM   316 H  HB2  . LEU A 1 28 ? -4.692  4.835   11.925  1.00 26.56 ? 179 LEU A HB2  1 
ATOM   317 H  HB3  . LEU A 1 28 ? -4.268  3.433   11.330  1.00 26.56 ? 179 LEU A HB3  1 
ATOM   318 H  HG   . LEU A 1 28 ? -3.427  4.375   13.849  1.00 19.06 ? 179 LEU A HG   1 
ATOM   319 H  HD11 . LEU A 1 28 ? -4.908  2.833   14.780  1.00 31.73 ? 179 LEU A HD11 1 
ATOM   320 H  HD12 . LEU A 1 28 ? -5.701  3.887   13.896  1.00 31.73 ? 179 LEU A HD12 1 
ATOM   321 H  HD13 . LEU A 1 28 ? -5.408  2.434   13.325  1.00 31.73 ? 179 LEU A HD13 1 
ATOM   322 H  HD21 . LEU A 1 28 ? -2.648  2.191   14.204  1.00 32.07 ? 179 LEU A HD21 1 
ATOM   323 H  HD22 . LEU A 1 28 ? -2.971  1.859   12.685  1.00 32.07 ? 179 LEU A HD22 1 
ATOM   324 H  HD23 . LEU A 1 28 ? -1.851  2.927   13.043  1.00 32.07 ? 179 LEU A HD23 1 
ATOM   325 N  N    . THR A 1 29 ? -3.762  6.377   9.536   1.00 15.14 ? 180 THR A N    1 
ATOM   326 C  CA   . THR A 1 29 ? -4.064  6.827   8.179   1.00 21.47 ? 180 THR A CA   1 
ATOM   327 C  C    . THR A 1 29 ? -2.792  6.930   7.346   1.00 18.21 ? 180 THR A C    1 
ATOM   328 O  O    . THR A 1 29 ? -2.736  6.440   6.210   1.00 20.93 ? 180 THR A O    1 
ATOM   329 C  CB   . THR A 1 29 ? -4.797  8.173   8.218   1.00 15.72 ? 180 THR A CB   1 
ATOM   330 O  OG1  . THR A 1 29 ? -6.050  8.020   8.904   1.00 22.06 ? 180 THR A OG1  1 
ATOM   331 C  CG2  . THR A 1 29 ? -5.074  8.679   6.820   1.00 18.10 ? 180 THR A CG2  1 
ATOM   332 H  H    . THR A 1 29 ? -4.007  6.919   10.158  1.00 18.65 ? 180 THR A H    1 
ATOM   333 H  HA   . THR A 1 29 ? -4.648  6.179   7.755   1.00 26.25 ? 180 THR A HA   1 
ATOM   334 H  HB   . THR A 1 29 ? -4.251  8.827   8.681   1.00 19.35 ? 180 THR A HB   1 
ATOM   335 H  HG1  . THR A 1 29 ? -5.918  7.757   9.690   1.00 26.96 ? 180 THR A HG1  1 
ATOM   336 H  HG21 . THR A 1 29 ? -5.720  9.401   6.854   1.00 22.21 ? 180 THR A HG21 1 
ATOM   337 H  HG22 . THR A 1 29 ? -4.256  9.009   6.415   1.00 22.21 ? 180 THR A HG22 1 
ATOM   338 H  HG23 . THR A 1 29 ? -5.432  7.963   6.273   1.00 22.21 ? 180 THR A HG23 1 
ATOM   339 N  N    . ASP A 1 30 ? -1.752  7.561   7.897   1.00 22.54 ? 181 ASP A N    1 
ATOM   340 C  CA   . ASP A 1 30 ? -0.523  7.746   7.135   1.00 18.58 ? 181 ASP A CA   1 
ATOM   341 C  C    . ASP A 1 30 ? 0.124   6.408   6.812   1.00 24.00 ? 181 ASP A C    1 
ATOM   342 O  O    . ASP A 1 30 ? 0.479   6.138   5.657   1.00 22.54 ? 181 ASP A O    1 
ATOM   343 C  CB   . ASP A 1 30 ? 0.439   8.644   7.909   1.00 22.99 ? 181 ASP A CB   1 
ATOM   344 C  CG   . ASP A 1 30 ? -0.116  10.043  8.119   1.00 28.95 ? 181 ASP A CG   1 
ATOM   345 O  OD1  . ASP A 1 30 ? -0.963  10.486  7.309   1.00 17.99 ? 181 ASP A OD1  1 
ATOM   346 O  OD2  . ASP A 1 30 ? 0.293   10.704  9.098   1.00 30.31 ? 181 ASP A OD2  1 
ATOM   347 H  H    . ASP A 1 30 ? -1.735  7.884   8.694   1.00 27.53 ? 181 ASP A H    1 
ATOM   348 H  HA   . ASP A 1 30 ? -0.735  8.187   6.296   1.00 22.79 ? 181 ASP A HA   1 
ATOM   349 H  HB2  . ASP A 1 30 ? 0.606   8.252   8.781   1.00 28.08 ? 181 ASP A HB2  1 
ATOM   350 H  HB3  . ASP A 1 30 ? 1.269   8.721   7.413   1.00 28.08 ? 181 ASP A HB3  1 
ATOM   351 N  N    . ARG A 1 31 ? 0.269   5.544   7.821   1.00 21.79 ? 182 ARG A N    1 
ATOM   352 C  CA   . ARG A 1 31 ? 0.870   4.237   7.577   1.00 19.26 ? 182 ARG A CA   1 
ATOM   353 C  C    . ARG A 1 31 ? 0.090   3.470   6.515   1.00 23.76 ? 182 ARG A C    1 
ATOM   354 O  O    . ARG A 1 31 ? 0.682   2.874   5.604   1.00 22.40 ? 182 ARG A O    1 
ATOM   355 C  CB   . ARG A 1 31 ? 0.945   3.445   8.886   1.00 23.86 ? 182 ARG A CB   1 
ATOM   356 C  CG   . ARG A 1 31 ? 2.010   3.970   9.846   1.00 30.46 ? 182 ARG A CG   1 
ATOM   357 C  CD   . ARG A 1 31 ? 1.718   3.615   11.298  1.00 43.17 ? 182 ARG A CD   1 
ATOM   358 N  NE   . ARG A 1 31 ? 1.580   2.178   11.515  1.00 51.84 ? 182 ARG A NE   1 
ATOM   359 C  CZ   . ARG A 1 31 ? 1.428   1.617   12.711  1.00 55.32 ? 182 ARG A CZ   1 
ATOM   360 N  NH1  . ARG A 1 31 ? 1.405   2.370   13.803  1.00 43.54 ? 182 ARG A NH1  1 
ATOM   361 N  NH2  . ARG A 1 31 ? 1.305   0.301   12.820  1.00 56.05 ? 182 ARG A NH2  1 
ATOM   362 H  H    . ARG A 1 31 ? 0.034   5.688   8.636   1.00 26.63 ? 182 ARG A H    1 
ATOM   363 H  HA   . ARG A 1 31 ? 1.775   4.361   7.251   1.00 23.60 ? 182 ARG A HA   1 
ATOM   364 H  HB2  . ARG A 1 31 ? 0.086   3.497   9.335   1.00 29.12 ? 182 ARG A HB2  1 
ATOM   365 H  HB3  . ARG A 1 31 ? 1.156   2.520   8.682   1.00 29.12 ? 182 ARG A HB3  1 
ATOM   366 H  HG2  . ARG A 1 31 ? 2.868   3.584   9.610   1.00 37.04 ? 182 ARG A HG2  1 
ATOM   367 H  HG3  . ARG A 1 31 ? 2.050   4.937   9.776   1.00 37.04 ? 182 ARG A HG3  1 
ATOM   368 H  HD2  . ARG A 1 31 ? 2.447   3.933   11.853  1.00 52.29 ? 182 ARG A HD2  1 
ATOM   369 H  HD3  . ARG A 1 31 ? 0.888   4.040   11.567  1.00 52.29 ? 182 ARG A HD3  1 
ATOM   370 H  HE   . ARG A 1 31 ? 1.655   1.659   10.834  1.00 62.69 ? 182 ARG A HE   1 
ATOM   371 H  HH11 . ARG A 1 31 ? 1.483   3.225   13.743  1.00 52.74 ? 182 ARG A HH11 1 
ATOM   372 H  HH12 . ARG A 1 31 ? 1.307   2.003   14.575  1.00 52.74 ? 182 ARG A HH12 1 
ATOM   373 H  HH21 . ARG A 1 31 ? 1.322   -0.192  12.116  1.00 67.74 ? 182 ARG A HH21 1 
ATOM   374 H  HH22 . ARG A 1 31 ? 1.210   -0.059  13.595  1.00 67.74 ? 182 ARG A HH22 1 
ATOM   375 N  N    . LEU A 1 32 ? -1.241  3.506   6.592   1.00 19.23 ? 183 LEU A N    1 
ATOM   376 C  CA   . LEU A 1 32 ? -2.056  2.778   5.626   1.00 18.40 ? 183 LEU A CA   1 
ATOM   377 C  C    . LEU A 1 32 ? -1.856  3.328   4.220   1.00 29.99 ? 183 LEU A C    1 
ATOM   378 O  O    . LEU A 1 32 ? -1.833  2.567   3.244   1.00 20.80 ? 183 LEU A O    1 
ATOM   379 C  CB   . LEU A 1 32 ? -3.530  2.845   6.032   1.00 16.85 ? 183 LEU A CB   1 
ATOM   380 C  CG   . LEU A 1 32 ? -4.480  1.888   5.318   1.00 24.65 ? 183 LEU A CG   1 
ATOM   381 C  CD1  . LEU A 1 32 ? -4.083  0.439   5.566   1.00 27.23 ? 183 LEU A CD1  1 
ATOM   382 C  CD2  . LEU A 1 32 ? -5.903  2.141   5.788   1.00 28.09 ? 183 LEU A CD2  1 
ATOM   383 H  H    . LEU A 1 32 ? -1.689  3.940   7.185   1.00 23.57 ? 183 LEU A H    1 
ATOM   384 H  HA   . LEU A 1 32 ? -1.781  1.848   5.623   1.00 22.57 ? 183 LEU A HA   1 
ATOM   385 H  HB2  . LEU A 1 32 ? -3.592  2.655   6.981   1.00 20.71 ? 183 LEU A HB2  1 
ATOM   386 H  HB3  . LEU A 1 32 ? -3.850  3.746   5.863   1.00 20.71 ? 183 LEU A HB3  1 
ATOM   387 H  HG   . LEU A 1 32 ? -4.442  2.054   4.363   1.00 30.06 ? 183 LEU A HG   1 
ATOM   388 H  HD11 . LEU A 1 32 ? -4.788  -0.141  5.241   1.00 33.17 ? 183 LEU A HD11 1 
ATOM   389 H  HD12 . LEU A 1 32 ? -3.257  0.251   5.095   1.00 33.17 ? 183 LEU A HD12 1 
ATOM   390 H  HD13 . LEU A 1 32 ? -3.960  0.307   6.519   1.00 33.17 ? 183 LEU A HD13 1 
ATOM   391 H  HD21 . LEU A 1 32 ? -6.501  1.530   5.329   1.00 34.19 ? 183 LEU A HD21 1 
ATOM   392 H  HD22 . LEU A 1 32 ? -5.950  1.993   6.745   1.00 34.19 ? 183 LEU A HD22 1 
ATOM   393 H  HD23 . LEU A 1 32 ? -6.145  3.058   5.582   1.00 34.19 ? 183 LEU A HD23 1 
ATOM   394 N  N    . GLN A 1 33 ? -1.703  4.649   4.094   1.00 28.93 ? 184 GLN A N    1 
ATOM   395 C  CA   . GLN A 1 33 ? -1.387  5.221   2.788   1.00 31.99 ? 184 GLN A CA   1 
ATOM   396 C  C    . GLN A 1 33 ? -0.050  4.702   2.279   1.00 32.18 ? 184 GLN A C    1 
ATOM   397 O  O    . GLN A 1 33 ? 0.083   4.345   1.101   1.00 28.59 ? 184 GLN A O    1 
ATOM   398 C  CB   . GLN A 1 33 ? -1.368  6.747   2.871   1.00 30.42 ? 184 GLN A CB   1 
ATOM   399 C  CG   . GLN A 1 33 ? -1.185  7.441   1.529   1.00 42.08 ? 184 GLN A CG   1 
ATOM   400 C  CD   . GLN A 1 33 ? -2.319  7.149   0.569   1.00 55.43 ? 184 GLN A CD   1 
ATOM   401 O  OE1  . GLN A 1 33 ? -3.476  7.034   0.975   1.00 43.75 ? 184 GLN A OE1  1 
ATOM   402 N  NE2  . GLN A 1 33 ? -1.991  7.012   -0.710  1.00 70.25 ? 184 GLN A NE2  1 
ATOM   403 H  H    . GLN A 1 33 ? -1.775  5.220   4.733   1.00 35.20 ? 184 GLN A H    1 
ATOM   404 H  HA   . GLN A 1 33 ? -2.072  4.960   2.154   1.00 38.87 ? 184 GLN A HA   1 
ATOM   405 H  HB2  . GLN A 1 33 ? -2.210  7.048   3.247   1.00 36.99 ? 184 GLN A HB2  1 
ATOM   406 H  HB3  . GLN A 1 33 ? -0.636  7.018   3.446   1.00 36.99 ? 184 GLN A HB3  1 
ATOM   407 H  HG2  . GLN A 1 33 ? -1.153  8.400   1.672   1.00 50.98 ? 184 GLN A HG2  1 
ATOM   408 H  HG3  . GLN A 1 33 ? -0.358  7.139   1.122   1.00 50.98 ? 184 GLN A HG3  1 
ATOM   409 H  HE21 . GLN A 1 33 ? -1.171  7.091   -0.954  1.00 84.79 ? 184 GLN A HE21 1 
ATOM   410 H  HE22 . GLN A 1 33 ? -2.600  6.845   -1.295  1.00 84.79 ? 184 GLN A HE22 1 
ATOM   411 N  N    . ALA A 1 34 ? 0.950   4.644   3.157   1.00 19.93 ? 185 ALA A N    1 
ATOM   412 C  CA   . ALA A 1 34 ? 2.262   4.151   2.755   1.00 28.43 ? 185 ALA A CA   1 
ATOM   413 C  C    . ALA A 1 34 ? 2.175   2.722   2.221   1.00 23.87 ? 185 ALA A C    1 
ATOM   414 O  O    . ALA A 1 34 ? 2.589   2.436   1.089   1.00 38.83 ? 185 ALA A O    1 
ATOM   415 C  CB   . ALA A 1 34 ? 3.219   4.238   3.942   1.00 24.56 ? 185 ALA A CB   1 
ATOM   416 H  H    . ALA A 1 34 ? 0.895   4.882   3.981   1.00 24.40 ? 185 ALA A H    1 
ATOM   417 H  HA   . ALA A 1 34 ? 2.610   4.715   2.047   1.00 34.60 ? 185 ALA A HA   1 
ATOM   418 H  HB1  . ALA A 1 34 ? 4.091   3.911   3.668   1.00 29.96 ? 185 ALA A HB1  1 
ATOM   419 H  HB2  . ALA A 1 34 ? 3.286   5.163   4.225   1.00 29.96 ? 185 ALA A HB2  1 
ATOM   420 H  HB3  . ALA A 1 34 ? 2.873   3.695   4.666   1.00 29.96 ? 185 ALA A HB3  1 
ATOM   421 N  N    . GLU A 1 35 ? 1.620   1.808   3.023   1.00 29.35 ? 186 GLU A N    1 
ATOM   422 C  CA   . GLU A 1 35 ? 1.534   0.415   2.592   1.00 23.96 ? 186 GLU A CA   1 
ATOM   423 C  C    . GLU A 1 35 ? 0.673   0.264   1.344   1.00 24.88 ? 186 GLU A C    1 
ATOM   424 O  O    . GLU A 1 35 ? 0.937   -0.613  0.513   1.00 23.35 ? 186 GLU A O    1 
ATOM   425 C  CB   . GLU A 1 35 ? 0.983   -0.456  3.720   1.00 26.84 ? 186 GLU A CB   1 
ATOM   426 C  CG   . GLU A 1 35 ? 1.912   -0.591  4.908   1.00 18.75 ? 186 GLU A CG   1 
ATOM   427 C  CD   . GLU A 1 35 ? 1.364   -1.537  5.953   1.00 19.67 ? 186 GLU A CD   1 
ATOM   428 O  OE1  . GLU A 1 35 ? 0.264   -2.086  5.734   1.00 26.75 ? 186 GLU A OE1  1 
ATOM   429 O  OE2  . GLU A 1 35 ? 2.029   -1.738  6.992   1.00 36.85 ? 186 GLU A OE2  1 
ATOM   430 H  H    . GLU A 1 35 ? 1.293   1.966   3.803   1.00 35.70 ? 186 GLU A H    1 
ATOM   431 H  HA   . GLU A 1 35 ? 2.425   0.098   2.378   1.00 29.24 ? 186 GLU A HA   1 
ATOM   432 H  HB2  . GLU A 1 35 ? 0.153   -0.067  4.037   1.00 32.69 ? 186 GLU A HB2  1 
ATOM   433 H  HB3  . GLU A 1 35 ? 0.817   -1.346  3.372   1.00 32.69 ? 186 GLU A HB3  1 
ATOM   434 H  HG2  . GLU A 1 35 ? 2.767   -0.937  4.606   1.00 22.99 ? 186 GLU A HG2  1 
ATOM   435 H  HG3  . GLU A 1 35 ? 2.031   0.279   5.319   1.00 22.99 ? 186 GLU A HG3  1 
ATOM   436 N  N    . THR A 1 36 ? -0.353  1.105   1.185   1.00 26.17 ? 187 THR A N    1 
ATOM   437 C  CA   . THR A 1 36 ? -1.165  1.041   -0.027  1.00 26.63 ? 187 THR A CA   1 
ATOM   438 C  C    . THR A 1 36 ? -0.351  1.442   -1.249  1.00 31.61 ? 187 THR A C    1 
ATOM   439 O  O    . THR A 1 36 ? -0.412  0.780   -2.291  1.00 31.66 ? 187 THR A O    1 
ATOM   440 C  CB   . THR A 1 36 ? -2.397  1.932   0.117   1.00 32.25 ? 187 THR A CB   1 
ATOM   441 O  OG1  . THR A 1 36 ? -3.169  1.503   1.248   1.00 36.35 ? 187 THR A OG1  1 
ATOM   442 C  CG2  . THR A 1 36 ? -3.266  1.871   -1.136  1.00 34.79 ? 187 THR A CG2  1 
ATOM   443 H  H    . THR A 1 36 ? -0.593  1.706   1.751   1.00 31.89 ? 187 THR A H    1 
ATOM   444 H  HA   . THR A 1 36 ? -1.469  0.129   -0.156  1.00 32.44 ? 187 THR A HA   1 
ATOM   445 H  HB   . THR A 1 36 ? -2.116  2.851   0.249   1.00 39.19 ? 187 THR A HB   1 
ATOM   446 H  HG1  . THR A 1 36 ? -2.709  1.563   1.949   1.00 44.11 ? 187 THR A HG1  1 
ATOM   447 H  HG21 . THR A 1 36 ? -4.127  2.283   -0.962  1.00 42.23 ? 187 THR A HG21 1 
ATOM   448 H  HG22 . THR A 1 36 ? -2.835  2.343   -1.866  1.00 42.23 ? 187 THR A HG22 1 
ATOM   449 H  HG23 . THR A 1 36 ? -3.408  0.948   -1.396  1.00 42.23 ? 187 THR A HG23 1 
ATOM   450 N  N    . ASP A 1 37 ? 0.427   2.520   -1.142  1.00 28.43 ? 188 ASP A N    1 
ATOM   451 C  CA   . ASP A 1 37 ? 1.314   2.893   -2.238  1.00 35.25 ? 188 ASP A CA   1 
ATOM   452 C  C    . ASP A 1 37 ? 2.263   1.751   -2.584  1.00 36.36 ? 188 ASP A C    1 
ATOM   453 O  O    . ASP A 1 37 ? 2.411   1.384   -3.757  1.00 40.01 ? 188 ASP A O    1 
ATOM   454 C  CB   . ASP A 1 37 ? 2.092   4.156   -1.872  1.00 39.60 ? 188 ASP A CB   1 
ATOM   455 C  CG   . ASP A 1 37 ? 1.193   5.371   -1.736  1.00 42.34 ? 188 ASP A CG   1 
ATOM   456 O  OD1  . ASP A 1 37 ? 0.001   5.274   -2.102  1.00 43.71 ? 188 ASP A OD1  1 
ATOM   457 O  OD2  . ASP A 1 37 ? 1.674   6.422   -1.260  1.00 42.85 ? 188 ASP A OD2  1 
ATOM   458 H  H    . ASP A 1 37 ? 0.460   3.040   -0.458  1.00 34.61 ? 188 ASP A H    1 
ATOM   459 H  HA   . ASP A 1 37 ? 0.780   3.086   -3.025  1.00 42.79 ? 188 ASP A HA   1 
ATOM   460 H  HB2  . ASP A 1 37 ? 2.541   4.017   -1.023  1.00 48.01 ? 188 ASP A HB2  1 
ATOM   461 H  HB3  . ASP A 1 37 ? 2.744   4.339   -2.567  1.00 48.01 ? 188 ASP A HB3  1 
ATOM   462 N  N    . GLN A 1 38 ? 2.910   1.166   -1.572  1.00 29.10 ? 189 GLN A N    1 
ATOM   463 C  CA   . GLN A 1 38 ? 3.803   0.041   -1.833  1.00 31.19 ? 189 GLN A CA   1 
ATOM   464 C  C    . GLN A 1 38 ? 3.078   -1.079  -2.571  1.00 38.54 ? 189 GLN A C    1 
ATOM   465 O  O    . GLN A 1 38 ? 3.619   -1.660  -3.522  1.00 36.69 ? 189 GLN A O    1 
ATOM   466 C  CB   . GLN A 1 38 ? 4.394   -0.476  -0.523  1.00 34.03 ? 189 GLN A CB   1 
ATOM   467 C  CG   . GLN A 1 38 ? 5.196   -1.773  -0.648  1.00 42.13 ? 189 GLN A CG   1 
ATOM   468 C  CD   . GLN A 1 38 ? 6.456   -1.615  -1.480  1.00 55.74 ? 189 GLN A CD   1 
ATOM   469 O  OE1  . GLN A 1 38 ? 6.715   -0.549  -2.041  1.00 52.78 ? 189 GLN A OE1  1 
ATOM   470 N  NE2  . GLN A 1 38 ? 7.250   -2.678  -1.560  1.00 56.11 ? 189 GLN A NE2  1 
ATOM   471 H  H    . GLN A 1 38 ? 2.849   1.397   -0.745  1.00 35.41 ? 189 GLN A H    1 
ATOM   472 H  HA   . GLN A 1 38 ? 4.532   0.346   -2.394  1.00 37.91 ? 189 GLN A HA   1 
ATOM   473 H  HB2  . GLN A 1 38 ? 4.988   0.202   -0.163  1.00 41.32 ? 189 GLN A HB2  1 
ATOM   474 H  HB3  . GLN A 1 38 ? 3.669   -0.639  0.101   1.00 41.32 ? 189 GLN A HB3  1 
ATOM   475 H  HG2  . GLN A 1 38 ? 5.466   -2.055  0.240   1.00 51.04 ? 189 GLN A HG2  1 
ATOM   476 H  HG3  . GLN A 1 38 ? 4.648   -2.461  -1.055  1.00 51.04 ? 189 GLN A HG3  1 
ATOM   477 H  HE21 . GLN A 1 38 ? 7.021   -3.415  -1.182  1.00 67.82 ? 189 GLN A HE21 1 
ATOM   478 H  HE22 . GLN A 1 38 ? 7.992   -2.629  -1.992  1.00 67.82 ? 189 GLN A HE22 1 
ATOM   479 N  N    . LEU A 1 39 ? 1.848   -1.397  -2.154  1.00 29.10 ? 190 LEU A N    1 
ATOM   480 C  CA   . LEU A 1 39 ? 1.102   -2.448  -2.837  1.00 29.82 ? 190 LEU A CA   1 
ATOM   481 C  C    . LEU A 1 39 ? 0.837   -2.074  -4.289  1.00 40.04 ? 190 LEU A C    1 
ATOM   482 O  O    . LEU A 1 39 ? 0.884   -2.934  -5.175  1.00 34.86 ? 190 LEU A O    1 
ATOM   483 C  CB   . LEU A 1 39 ? -0.212  -2.730  -2.112  1.00 24.06 ? 190 LEU A CB   1 
ATOM   484 C  CG   . LEU A 1 39 ? -0.135  -3.424  -0.747  1.00 25.20 ? 190 LEU A CG   1 
ATOM   485 C  CD1  . LEU A 1 39 ? -1.507  -3.461  -0.100  1.00 39.72 ? 190 LEU A CD1  1 
ATOM   486 C  CD2  . LEU A 1 39 ? 0.426   -4.824  -0.864  1.00 40.25 ? 190 LEU A CD2  1 
ATOM   487 H  H    . LEU A 1 39 ? 1.436   -1.028  -1.496  1.00 35.41 ? 190 LEU A H    1 
ATOM   488 H  HA   . LEU A 1 39 ? 1.631   -3.260  -2.834  1.00 36.27 ? 190 LEU A HA   1 
ATOM   489 H  HB2  . LEU A 1 39 ? -0.664  -1.883  -1.974  1.00 29.36 ? 190 LEU A HB2  1 
ATOM   490 H  HB3  . LEU A 1 39 ? -0.756  -3.291  -2.686  1.00 29.36 ? 190 LEU A HB3  1 
ATOM   491 H  HG   . LEU A 1 39 ? 0.453   -2.915  -0.168  1.00 30.73 ? 190 LEU A HG   1 
ATOM   492 H  HD11 . LEU A 1 39 ? -1.438  -3.903  0.761   1.00 48.15 ? 190 LEU A HD11 1 
ATOM   493 H  HD12 . LEU A 1 39 ? -1.825  -2.552  0.020   1.00 48.15 ? 190 LEU A HD12 1 
ATOM   494 H  HD13 . LEU A 1 39 ? -2.114  -3.952  -0.676  1.00 48.15 ? 190 LEU A HD13 1 
ATOM   495 H  HD21 . LEU A 1 39 ? 0.548   -5.187  0.027   1.00 48.79 ? 190 LEU A HD21 1 
ATOM   496 H  HD22 . LEU A 1 39 ? -0.200  -5.373  -1.360  1.00 48.79 ? 190 LEU A HD22 1 
ATOM   497 H  HD23 . LEU A 1 39 ? 1.278   -4.791  -1.325  1.00 48.79 ? 190 LEU A HD23 1 
ATOM   498 N  N    . GLU A 1 40 ? 0.558   -0.794  -4.556  1.00 33.55 ? 191 GLU A N    1 
ATOM   499 C  CA   . GLU A 1 40 ? 0.353   -0.365  -5.936  1.00 40.59 ? 191 GLU A CA   1 
ATOM   500 C  C    . GLU A 1 40 ? 1.616   -0.588  -6.760  1.00 31.95 ? 191 GLU A C    1 
ATOM   501 O  O    . GLU A 1 40 ? 1.567   -1.145  -7.868  1.00 41.33 ? 191 GLU A O    1 
ATOM   502 C  CB   . GLU A 1 40 ? -0.070  1.107   -5.973  1.00 43.39 ? 191 GLU A CB   1 
ATOM   503 C  CG   . GLU A 1 40 ? -1.447  1.384   -5.367  1.00 43.39 ? 191 GLU A CG   1 
ATOM   504 C  CD   . GLU A 1 40 ? -2.591  0.952   -6.263  1.00 49.40 ? 191 GLU A CD   1 
ATOM   505 O  OE1  . GLU A 1 40 ? -2.334  0.278   -7.283  1.00 58.80 ? 191 GLU A OE1  1 
ATOM   506 O  OE2  . GLU A 1 40 ? -3.751  1.291   -5.947  1.00 49.11 ? 191 GLU A OE2  1 
ATOM   507 H  H    . GLU A 1 40 ? 0.483   -0.170  -3.968  1.00 40.75 ? 191 GLU A H    1 
ATOM   508 H  HA   . GLU A 1 40 ? -0.360  -0.893  -6.329  1.00 49.19 ? 191 GLU A HA   1 
ATOM   509 H  HB2  . GLU A 1 40 ? 0.580   1.629   -5.478  1.00 52.55 ? 191 GLU A HB2  1 
ATOM   510 H  HB3  . GLU A 1 40 ? -0.090  1.401   -6.897  1.00 52.55 ? 191 GLU A HB3  1 
ATOM   511 H  HG2  . GLU A 1 40 ? -1.526  0.902   -4.529  1.00 52.55 ? 191 GLU A HG2  1 
ATOM   512 H  HG3  . GLU A 1 40 ? -1.534  2.337   -5.208  1.00 52.55 ? 191 GLU A HG3  1 
ATOM   513 N  N    . GLU A 1 41 ? 2.765   -0.168  -6.225  1.00 28.44 ? 192 GLU A N    1 
ATOM   514 C  CA   . GLU A 1 41 ? 4.030   -0.452  -6.891  1.00 37.90 ? 192 GLU A CA   1 
ATOM   515 C  C    . GLU A 1 41 ? 4.140   -1.935  -7.218  1.00 37.10 ? 192 GLU A C    1 
ATOM   516 O  O    . GLU A 1 41 ? 4.433   -2.315  -8.358  1.00 42.98 ? 192 GLU A O    1 
ATOM   517 C  CB   . GLU A 1 41 ? 5.199   0.001   -6.013  1.00 47.57 ? 192 GLU A CB   1 
ATOM   518 C  CG   . GLU A 1 41 ? 5.313   1.511   -5.863  1.00 50.76 ? 192 GLU A CG   1 
ATOM   519 C  CD   . GLU A 1 41 ? 6.468   1.924   -4.969  1.00 69.50 ? 192 GLU A CD   1 
ATOM   520 O  OE1  . GLU A 1 41 ? 7.382   1.099   -4.756  1.00 74.14 ? 192 GLU A OE1  1 
ATOM   521 O  OE2  . GLU A 1 41 ? 6.462   3.072   -4.478  1.00 75.56 ? 192 GLU A OE2  1 
ATOM   522 H  H    . GLU A 1 41 ? 2.836   0.275   -5.492  1.00 34.61 ? 192 GLU A H    1 
ATOM   523 H  HA   . GLU A 1 41 ? 4.069   0.044   -7.724  1.00 45.96 ? 192 GLU A HA   1 
ATOM   524 H  HB2  . GLU A 1 41 ? 5.088   -0.377  -5.126  1.00 57.57 ? 192 GLU A HB2  1 
ATOM   525 H  HB3  . GLU A 1 41 ? 6.026   -0.321  -6.405  1.00 57.57 ? 192 GLU A HB3  1 
ATOM   526 H  HG2  . GLU A 1 41 ? 5.454   1.906   -6.738  1.00 61.39 ? 192 GLU A HG2  1 
ATOM   527 H  HG3  . GLU A 1 41 ? 4.493   1.853   -5.472  1.00 61.39 ? 192 GLU A HG3  1 
ATOM   528 N  N    . GLU A 1 42 ? 3.879   -2.794  -6.229  1.00 36.61 ? 193 GLU A N    1 
ATOM   529 C  CA   . GLU A 1 42 ? 3.930   -4.232  -6.476  1.00 36.85 ? 193 GLU A CA   1 
ATOM   530 C  C    . GLU A 1 42 ? 2.984   -4.635  -7.605  1.00 39.87 ? 193 GLU A C    1 
ATOM   531 O  O    . GLU A 1 42 ? 3.307   -5.511  -8.410  1.00 38.01 ? 193 GLU A O    1 
ATOM   532 C  CB   . GLU A 1 42 ? 3.594   -4.998  -5.198  1.00 47.32 ? 193 GLU A CB   1 
ATOM   533 C  CG   . GLU A 1 42 ? 4.642   -6.012  -4.780  1.00 53.18 ? 193 GLU A CG   1 
ATOM   534 C  CD   . GLU A 1 42 ? 5.279   -5.672  -3.444  1.00 65.42 ? 193 GLU A CD   1 
ATOM   535 O  OE1  . GLU A 1 42 ? 4.541   -5.298  -2.507  1.00 51.86 ? 193 GLU A OE1  1 
ATOM   536 O  OE2  . GLU A 1 42 ? 6.522   -5.770  -3.333  1.00 67.67 ? 193 GLU A OE2  1 
ATOM   537 H  H    . GLU A 1 42 ? 3.675   -2.572  -5.425  1.00 44.42 ? 193 GLU A H    1 
ATOM   538 H  HA   . GLU A 1 42 ? 4.830   -4.466  -6.749  1.00 44.70 ? 193 GLU A HA   1 
ATOM   539 H  HB2  . GLU A 1 42 ? 3.489   -4.365  -4.472  1.00 57.27 ? 193 GLU A HB2  1 
ATOM   540 H  HB3  . GLU A 1 42 ? 2.761   -5.476  -5.335  1.00 57.27 ? 193 GLU A HB3  1 
ATOM   541 H  HG2  . GLU A 1 42 ? 4.218   -6.881  -4.698  1.00 64.30 ? 193 GLU A HG2  1 
ATOM   542 H  HG3  . GLU A 1 42 ? 5.345   -6.052  -5.446  1.00 64.30 ? 193 GLU A HG3  1 
ATOM   543 N  N    . LYS A 1 43 ? 1.805   -4.015  -7.678  1.00 36.50 ? 194 LYS A N    1 
ATOM   544 C  CA   . LYS A 1 43 ? 0.887   -4.306  -8.775  1.00 36.38 ? 194 LYS A CA   1 
ATOM   545 C  C    . LYS A 1 43 ? 1.556   -4.036  -10.115 1.00 44.46 ? 194 LYS A C    1 
ATOM   546 O  O    . LYS A 1 43 ? 1.701   -4.938  -10.951 1.00 34.81 ? 194 LYS A O    1 
ATOM   547 C  CB   . LYS A 1 43 ? -0.383  -3.462  -8.634  1.00 31.09 ? 194 LYS A CB   1 
ATOM   548 C  CG   . LYS A 1 43 ? -1.503  -3.815  -9.610  1.00 40.53 ? 194 LYS A CG   1 
ATOM   549 C  CD   . LYS A 1 43 ? -2.485  -2.652  -9.737  1.00 61.31 ? 194 LYS A CD   1 
ATOM   550 C  CE   . LYS A 1 43 ? -3.784  -3.065  -10.412 1.00 70.73 ? 194 LYS A CE   1 
ATOM   551 N  NZ   . LYS A 1 43 ? -3.835  -2.688  -11.854 1.00 64.15 ? 194 LYS A NZ   1 
ATOM   552 H  H    . LYS A 1 43 ? 1.519   -3.433  -7.114  1.00 44.29 ? 194 LYS A H    1 
ATOM   553 H  HA   . LYS A 1 43 ? 0.635   -5.242  -8.744  1.00 44.14 ? 194 LYS A HA   1 
ATOM   554 H  HB2  . LYS A 1 43 ? -0.730  -3.570  -7.736  1.00 37.79 ? 194 LYS A HB2  1 
ATOM   555 H  HB3  . LYS A 1 43 ? -0.153  -2.533  -8.783  1.00 37.79 ? 194 LYS A HB3  1 
ATOM   556 H  HG2  . LYS A 1 43 ? -1.128  -3.995  -10.486 1.00 49.13 ? 194 LYS A HG2  1 
ATOM   557 H  HG3  . LYS A 1 43 ? -1.983  -4.590  -9.281  1.00 49.13 ? 194 LYS A HG3  1 
ATOM   558 H  HD2  . LYS A 1 43 ? -2.698  -2.318  -8.851  1.00 74.06 ? 194 LYS A HD2  1 
ATOM   559 H  HD3  . LYS A 1 43 ? -2.079  -1.950  -10.269 1.00 74.06 ? 194 LYS A HD3  1 
ATOM   560 H  HE2  . LYS A 1 43 ? -3.880  -4.027  -10.351 1.00 85.36 ? 194 LYS A HE2  1 
ATOM   561 H  HE3  . LYS A 1 43 ? -4.525  -2.630  -9.963  1.00 85.36 ? 194 LYS A HE3  1 
ATOM   562 H  HZ1  . LYS A 1 43 ? -4.609  -2.947  -12.209 1.00 77.47 ? 194 LYS A HZ1  1 
ATOM   563 H  HZ2  . LYS A 1 43 ? -3.758  -1.804  -11.940 1.00 77.47 ? 194 LYS A HZ2  1 
ATOM   564 H  HZ3  . LYS A 1 43 ? -3.169  -3.080  -12.295 1.00 77.47 ? 194 LYS A HZ3  1 
ATOM   565 N  N    . ALA A 1 44 ? 1.977   -2.788  -10.334 1.00 38.53 ? 195 ALA A N    1 
ATOM   566 C  CA   . ALA A 1 44 ? 2.633   -2.437  -11.590 1.00 42.00 ? 195 ALA A CA   1 
ATOM   567 C  C    . ALA A 1 44 ? 3.758   -3.417  -11.919 1.00 36.60 ? 195 ALA A C    1 
ATOM   568 O  O    . ALA A 1 44 ? 3.791   -4.013  -13.005 1.00 42.13 ? 195 ALA A O    1 
ATOM   569 C  CB   . ALA A 1 44 ? 3.168   -1.006  -11.509 1.00 38.37 ? 195 ALA A CB   1 
ATOM   570 H  H    . ALA A 1 44 ? 1.896   -2.136  -9.779  1.00 46.72 ? 195 ALA A H    1 
ATOM   571 H  HA   . ALA A 1 44 ? 1.982   -2.475  -12.308 1.00 50.89 ? 195 ALA A HA   1 
ATOM   572 H  HB1  . ALA A 1 44 ? 3.601   -0.784  -12.348 1.00 46.53 ? 195 ALA A HB1  1 
ATOM   573 H  HB2  . ALA A 1 44 ? 2.427   -0.401  -11.349 1.00 46.53 ? 195 ALA A HB2  1 
ATOM   574 H  HB3  . ALA A 1 44 ? 3.806   -0.948  -10.781 1.00 46.53 ? 195 ALA A HB3  1 
ATOM   575 N  N    . GLU A 1 45 ? 4.681   -3.605  -10.973 1.00 34.01 ? 196 GLU A N    1 
ATOM   576 C  CA   . GLU A 1 45 ? 5.820   -4.489  -11.204 1.00 46.97 ? 196 GLU A CA   1 
ATOM   577 C  C    . GLU A 1 45 ? 5.364   -5.886  -11.615 1.00 42.48 ? 196 GLU A C    1 
ATOM   578 O  O    . GLU A 1 45 ? 5.849   -6.440  -12.609 1.00 47.79 ? 196 GLU A O    1 
ATOM   579 C  CB   . GLU A 1 45 ? 6.690   -4.538  -9.948  1.00 41.73 ? 196 GLU A CB   1 
ATOM   580 C  CG   . GLU A 1 45 ? 7.295   -3.189  -9.579  1.00 40.14 ? 196 GLU A CG   1 
ATOM   581 C  CD   . GLU A 1 45 ? 8.049   -3.228  -8.263  1.00 65.50 ? 196 GLU A CD   1 
ATOM   582 O  OE1  . GLU A 1 45 ? 7.681   -4.044  -7.391  1.00 69.40 ? 196 GLU A OE1  1 
ATOM   583 O  OE2  . GLU A 1 45 ? 9.014   -2.448  -8.101  1.00 62.20 ? 196 GLU A OE2  1 
ATOM   584 H  H    . GLU A 1 45 ? 4.670   -3.235  -10.196 1.00 41.30 ? 196 GLU A H    1 
ATOM   585 H  HA   . GLU A 1 45 ? 6.358   -4.127  -11.926 1.00 56.85 ? 196 GLU A HA   1 
ATOM   586 H  HB2  . GLU A 1 45 ? 6.147   -4.835  -9.202  1.00 50.56 ? 196 GLU A HB2  1 
ATOM   587 H  HB3  . GLU A 1 45 ? 7.419   -5.161  -10.095 1.00 50.56 ? 196 GLU A HB3  1 
ATOM   588 H  HG2  . GLU A 1 45 ? 7.917   -2.922  -10.273 1.00 48.65 ? 196 GLU A HG2  1 
ATOM   589 H  HG3  . GLU A 1 45 ? 6.586   -2.533  -9.499  1.00 48.65 ? 196 GLU A HG3  1 
ATOM   590 N  N    . LEU A 1 46 ? 4.421   -6.473  -10.868 1.00 35.80 ? 197 LEU A N    1 
ATOM   591 C  CA   . LEU A 1 46 ? 3.921   -7.802  -11.215 1.00 35.85 ? 197 LEU A CA   1 
ATOM   592 C  C    . LEU A 1 46 ? 3.377   -7.828  -12.636 1.00 37.69 ? 197 LEU A C    1 
ATOM   593 O  O    . LEU A 1 46 ? 3.652   -8.766  -13.394 1.00 43.74 ? 197 LEU A O    1 
ATOM   594 C  CB   . LEU A 1 46 ? 2.839   -8.241  -10.226 1.00 35.15 ? 197 LEU A CB   1 
ATOM   595 C  CG   . LEU A 1 46 ? 3.238   -9.236  -9.131  1.00 40.42 ? 197 LEU A CG   1 
ATOM   596 C  CD1  . LEU A 1 46 ? 4.478   -8.770  -8.388  1.00 53.79 ? 197 LEU A CD1  1 
ATOM   597 C  CD2  . LEU A 1 46 ? 2.077   -9.433  -8.166  1.00 43.62 ? 197 LEU A CD2  1 
ATOM   598 H  H    . LEU A 1 46 ? 4.063   -6.126  -10.167 1.00 43.45 ? 197 LEU A H    1 
ATOM   599 H  HA   . LEU A 1 46 ? 4.652   -8.438  -11.163 1.00 43.51 ? 197 LEU A HA   1 
ATOM   600 H  HB2  . LEU A 1 46 ? 2.497   -7.450  -9.781  1.00 42.67 ? 197 LEU A HB2  1 
ATOM   601 H  HB3  . LEU A 1 46 ? 2.122   -8.653  -10.734 1.00 42.67 ? 197 LEU A HB3  1 
ATOM   602 H  HG   . LEU A 1 46 ? 3.438   -10.093 -9.539  1.00 48.99 ? 197 LEU A HG   1 
ATOM   603 H  HD11 . LEU A 1 46 ? 4.629   -9.356  -7.629  1.00 65.04 ? 197 LEU A HD11 1 
ATOM   604 H  HD12 . LEU A 1 46 ? 5.239   -8.804  -8.987  1.00 65.04 ? 197 LEU A HD12 1 
ATOM   605 H  HD13 . LEU A 1 46 ? 4.338   -7.860  -8.081  1.00 65.04 ? 197 LEU A HD13 1 
ATOM   606 H  HD21 . LEU A 1 46 ? 2.342   -10.065 -7.479  1.00 52.83 ? 197 LEU A HD21 1 
ATOM   607 H  HD22 . LEU A 1 46 ? 1.854   -8.581  -7.762  1.00 52.83 ? 197 LEU A HD22 1 
ATOM   608 H  HD23 . LEU A 1 46 ? 1.315   -9.778  -8.656  1.00 52.83 ? 197 LEU A HD23 1 
ATOM   609 N  N    . GLU A 1 47 ? 2.599   -6.813  -13.016 1.00 40.57 ? 198 GLU A N    1 
ATOM   610 C  CA   . GLU A 1 47 ? 2.074   -6.751  -14.376 1.00 47.96 ? 198 GLU A CA   1 
ATOM   611 C  C    . GLU A 1 47 ? 3.206   -6.806  -15.395 1.00 44.37 ? 198 GLU A C    1 
ATOM   612 O  O    . GLU A 1 47 ? 3.239   -7.681  -16.274 1.00 47.60 ? 198 GLU A O    1 
ATOM   613 C  CB   . GLU A 1 47 ? 1.245   -5.478  -14.556 1.00 45.16 ? 198 GLU A CB   1 
ATOM   614 H  H    . GLU A 1 47 ? 2.363   -6.158  -12.512 1.00 49.17 ? 198 GLU A H    1 
ATOM   615 H  HA   . GLU A 1 47 ? 1.493   -7.513  -14.529 1.00 58.04 ? 198 GLU A HA   1 
ATOM   616 N  N    . SER A 1 48 ? 4.160   -5.878  -15.280 1.00 42.04 ? 199 SER A N    1 
ATOM   617 C  CA   A SER A 1 48 ? 5.293   -5.855  -16.198 0.60 43.97 ? 199 SER A CA   1 
ATOM   618 C  CA   B SER A 1 48 ? 5.290   -5.857  -16.202 0.40 43.99 ? 199 SER A CA   1 
ATOM   619 C  C    . SER A 1 48 ? 5.952   -7.226  -16.291 1.00 47.58 ? 199 SER A C    1 
ATOM   620 O  O    . SER A 1 48 ? 6.144   -7.767  -17.386 1.00 42.25 ? 199 SER A O    1 
ATOM   621 C  CB   A SER A 1 48 ? 6.305   -4.801  -15.746 0.60 49.08 ? 199 SER A CB   1 
ATOM   622 C  CB   B SER A 1 48 ? 6.305   -4.801  -15.761 0.40 49.02 ? 199 SER A CB   1 
ATOM   623 O  OG   A SER A 1 48 ? 7.467   -4.825  -16.555 0.60 53.15 ? 199 SER A OG   1 
ATOM   624 O  OG   B SER A 1 48 ? 6.881   -5.139  -14.513 0.40 42.18 ? 199 SER A OG   1 
ATOM   625 H  H    A SER A 1 48 ? 4.171   -5.258  -14.685 0.60 50.93 ? 199 SER A H    1 
ATOM   626 H  H    B SER A 1 48 ? 4.173   -5.259  -14.684 0.40 50.93 ? 199 SER A H    1 
ATOM   627 H  HA   A SER A 1 48 ? 4.979   -5.611  -17.084 0.60 53.25 ? 199 SER A HA   1 
ATOM   628 H  HA   B SER A 1 48 ? 4.972   -5.618  -17.086 0.40 53.27 ? 199 SER A HA   1 
ATOM   629 H  HB2  A SER A 1 48 ? 5.896   -3.924  -15.809 0.60 59.38 ? 199 SER A HB2  1 
ATOM   630 H  HB2  B SER A 1 48 ? 7.008   -4.742  -16.427 0.40 59.32 ? 199 SER A HB2  1 
ATOM   631 H  HB3  A SER A 1 48 ? 6.558   -4.983  -14.827 0.60 59.38 ? 199 SER A HB3  1 
ATOM   632 H  HB3  B SER A 1 48 ? 5.855   -3.945  -15.680 0.40 59.32 ? 199 SER A HB3  1 
ATOM   633 H  HG   A SER A 1 48 ? 8.011   -4.242  -16.292 0.60 64.27 ? 199 SER A HG   1 
ATOM   634 H  HG   B SER A 1 48 ? 6.283   -5.179  -13.924 0.40 51.10 ? 199 SER A HG   1 
ATOM   635 N  N    . GLU A 1 49 ? 6.304   -7.806  -15.139 1.00 41.05 ? 200 GLU A N    1 
ATOM   636 C  CA   . GLU A 1 49 ? 6.994   -9.092  -15.143 1.00 38.45 ? 200 GLU A CA   1 
ATOM   637 C  C    . GLU A 1 49 ? 6.173   -10.159 -15.855 1.00 48.56 ? 200 GLU A C    1 
ATOM   638 O  O    . GLU A 1 49 ? 6.717   -10.949 -16.633 1.00 47.72 ? 200 GLU A O    1 
ATOM   639 C  CB   . GLU A 1 49 ? 7.309   -9.527  -13.712 1.00 31.42 ? 200 GLU A CB   1 
ATOM   640 H  H    . GLU A 1 49 ? 6.157   -7.480  -14.358 1.00 49.74 ? 200 GLU A H    1 
ATOM   641 H  HA   . GLU A 1 49 ? 7.834   -8.996  -15.617 1.00 46.63 ? 200 GLU A HA   1 
ATOM   642 N  N    . ILE A 1 50 ? 4.864   -10.202 -15.604 1.00 38.09 ? 201 ILE A N    1 
ATOM   643 C  CA   . ILE A 1 50 ? 4.021   -11.184 -16.283 1.00 42.31 ? 201 ILE A CA   1 
ATOM   644 C  C    . ILE A 1 50 ? 4.129   -11.010 -17.791 1.00 51.39 ? 201 ILE A C    1 
ATOM   645 O  O    . ILE A 1 50 ? 4.364   -11.974 -18.533 1.00 47.67 ? 201 ILE A O    1 
ATOM   646 C  CB   . ILE A 1 50 ? 2.562   -11.079 -15.799 1.00 41.33 ? 201 ILE A CB   1 
ATOM   647 C  CG1  . ILE A 1 50 ? 2.457   -11.584 -14.356 1.00 46.64 ? 201 ILE A CG1  1 
ATOM   648 C  CG2  . ILE A 1 50 ? 1.635   -11.897 -16.703 1.00 42.92 ? 201 ILE A CG2  1 
ATOM   649 C  CD1  . ILE A 1 50 ? 1.096   -11.383 -13.718 1.00 43.37 ? 201 ILE A CD1  1 
ATOM   650 H  H    . ILE A 1 50 ? 4.448   -9.685  -15.057 1.00 46.20 ? 201 ILE A H    1 
ATOM   651 H  HA   . ILE A 1 50 ? 4.341   -12.074 -16.065 1.00 51.26 ? 201 ILE A HA   1 
ATOM   652 H  HB   . ILE A 1 50 ? 2.288   -10.149 -15.827 1.00 50.08 ? 201 ILE A HB   1 
ATOM   653 H  HG12 . ILE A 1 50 ? 2.649   -12.534 -14.346 1.00 56.46 ? 201 ILE A HG12 1 
ATOM   654 H  HG13 . ILE A 1 50 ? 3.110   -11.114 -13.813 1.00 56.46 ? 201 ILE A HG13 1 
ATOM   655 H  HG21 . ILE A 1 50 ? 0.759   -11.962 -16.294 1.00 51.99 ? 201 ILE A HG21 1 
ATOM   656 H  HG22 . ILE A 1 50 ? 1.556   -11.455 -17.562 1.00 51.99 ? 201 ILE A HG22 1 
ATOM   657 H  HG23 . ILE A 1 50 ? 2.011   -12.783 -16.819 1.00 51.99 ? 201 ILE A HG23 1 
ATOM   658 H  HD11 . ILE A 1 50 ? 1.157   -11.598 -12.775 1.00 52.54 ? 201 ILE A HD11 1 
ATOM   659 H  HD12 . ILE A 1 50 ? 0.830   -10.457 -13.829 1.00 52.54 ? 201 ILE A HD12 1 
ATOM   660 H  HD13 . ILE A 1 50 ? 0.452   -11.964 -14.147 1.00 52.54 ? 201 ILE A HD13 1 
ATOM   661 N  N    . ALA A 1 51 ? 3.971   -9.774  -18.271 1.00 53.94 ? 202 ALA A N    1 
ATOM   662 C  CA   . ALA A 1 51 ? 4.067   -9.540  -19.708 1.00 50.56 ? 202 ALA A CA   1 
ATOM   663 C  C    . ALA A 1 51 ? 5.409   -10.027 -20.248 1.00 47.44 ? 202 ALA A C    1 
ATOM   664 O  O    . ALA A 1 51 ? 5.468   -10.758 -21.246 1.00 59.46 ? 202 ALA A O    1 
ATOM   665 C  CB   . ALA A 1 51 ? 3.861   -8.056  -20.011 1.00 53.24 ? 202 ALA A CB   1 
ATOM   666 H  H    . ALA A 1 51 ? 3.812   -9.074  -17.799 1.00 65.21 ? 202 ALA A H    1 
ATOM   667 H  HA   . ALA A 1 51 ? 3.365   -10.038 -20.157 1.00 61.16 ? 202 ALA A HA   1 
ATOM   668 H  HB1  . ALA A 1 51 ? 3.928   -7.917  -20.969 1.00 64.38 ? 202 ALA A HB1  1 
ATOM   669 H  HB2  . ALA A 1 51 ? 2.983   -7.788  -19.697 1.00 64.38 ? 202 ALA A HB2  1 
ATOM   670 H  HB3  . ALA A 1 51 ? 4.546   -7.542  -19.554 1.00 64.38 ? 202 ALA A HB3  1 
ATOM   671 N  N    . GLU A 1 52 ? 6.499   -9.657  -19.572 1.00 39.72 ? 203 GLU A N    1 
ATOM   672 C  CA   . GLU A 1 52 ? 7.832   -9.985  -20.066 1.00 39.48 ? 203 GLU A CA   1 
ATOM   673 C  C    . GLU A 1 52 ? 8.053   -11.493 -20.111 1.00 53.53 ? 203 GLU A C    1 
ATOM   674 O  O    . GLU A 1 52 ? 8.604   -12.018 -21.086 1.00 51.85 ? 203 GLU A O    1 
ATOM   675 C  CB   . GLU A 1 52 ? 8.890   -9.309  -19.192 1.00 36.69 ? 203 GLU A CB   1 
ATOM   676 H  H    . GLU A 1 52 ? 6.492   -9.220  -18.831 1.00 48.15 ? 203 GLU A H    1 
ATOM   677 H  HA   . GLU A 1 52 ? 7.926   -9.642  -20.969 1.00 47.87 ? 203 GLU A HA   1 
ATOM   678 N  N    . LEU A 1 53 ? 7.642   -12.209 -19.063 1.00 53.79 ? 204 LEU A N    1 
ATOM   679 C  CA   . LEU A 1 53 ? 7.823   -13.656 -19.062 1.00 50.12 ? 204 LEU A CA   1 
ATOM   680 C  C    . LEU A 1 53 ? 6.980   -14.309 -20.146 1.00 46.50 ? 204 LEU A C    1 
ATOM   681 O  O    . LEU A 1 53 ? 7.424   -15.263 -20.790 1.00 42.41 ? 204 LEU A O    1 
ATOM   682 C  CB   . LEU A 1 53 ? 7.477   -14.244 -17.694 1.00 47.39 ? 204 LEU A CB   1 
ATOM   683 C  CG   . LEU A 1 53 ? 8.362   -13.826 -16.519 1.00 46.81 ? 204 LEU A CG   1 
ATOM   684 C  CD1  . LEU A 1 53 ? 8.046   -14.686 -15.305 1.00 41.17 ? 204 LEU A CD1  1 
ATOM   685 C  CD2  . LEU A 1 53 ? 9.846   -13.907 -16.866 1.00 47.85 ? 204 LEU A CD2  1 
ATOM   686 H  H    . LEU A 1 53 ? 7.266   -11.889 -18.358 1.00 65.04 ? 204 LEU A H    1 
ATOM   687 H  HA   . LEU A 1 53 ? 8.752   -13.856 -19.256 1.00 60.64 ? 204 LEU A HA   1 
ATOM   688 H  HB2  . LEU A 1 53 ? 6.568   -13.985 -17.475 1.00 57.36 ? 204 LEU A HB2  1 
ATOM   689 H  HB3  . LEU A 1 53 ? 7.526   -15.211 -17.760 1.00 57.36 ? 204 LEU A HB3  1 
ATOM   690 H  HG   . LEU A 1 53 ? 8.161   -12.905 -16.289 1.00 56.66 ? 204 LEU A HG   1 
ATOM   691 H  HD11 . LEU A 1 53 ? 8.608   -14.407 -14.565 1.00 49.89 ? 204 LEU A HD11 1 
ATOM   692 H  HD12 . LEU A 1 53 ? 7.111   -14.573 -15.072 1.00 49.89 ? 204 LEU A HD12 1 
ATOM   693 H  HD13 . LEU A 1 53 ? 8.222   -15.615 -15.522 1.00 49.89 ? 204 LEU A HD13 1 
ATOM   694 H  HD21 . LEU A 1 53 ? 10.366  -13.798 -16.054 1.00 57.91 ? 204 LEU A HD21 1 
ATOM   695 H  HD22 . LEU A 1 53 ? 10.031  -14.773 -17.263 1.00 57.91 ? 204 LEU A HD22 1 
ATOM   696 H  HD23 . LEU A 1 53 ? 10.063  -13.201 -17.494 1.00 57.91 ? 204 LEU A HD23 1 
ATOM   697 N  N    . GLN A 1 54 ? 5.762   -13.812 -20.368 1.00 45.23 ? 205 GLN A N    1 
ATOM   698 C  CA   . GLN A 1 54 ? 4.942   -14.379 -21.432 1.00 46.43 ? 205 GLN A CA   1 
ATOM   699 C  C    . GLN A 1 54 ? 5.609   -14.184 -22.789 1.00 53.74 ? 205 GLN A C    1 
ATOM   700 O  O    . GLN A 1 54 ? 5.612   -15.098 -23.627 1.00 53.35 ? 205 GLN A O    1 
ATOM   701 C  CB   . GLN A 1 54 ? 3.548   -13.757 -21.406 1.00 50.31 ? 205 GLN A CB   1 
ATOM   702 C  CG   . GLN A 1 54 ? 2.666   -14.300 -20.294 1.00 49.97 ? 205 GLN A CG   1 
ATOM   703 C  CD   . GLN A 1 54 ? 1.355   -13.555 -20.179 1.00 56.80 ? 205 GLN A CD   1 
ATOM   704 O  OE1  . GLN A 1 54 ? 1.271   -12.368 -20.500 1.00 44.55 ? 205 GLN A OE1  1 
ATOM   705 N  NE2  . GLN A 1 54 ? 0.318   -14.248 -19.722 1.00 54.32 ? 205 GLN A NE2  1 
ATOM   706 H  H    . GLN A 1 54 ? 5.398   -13.167 -19.931 1.00 54.76 ? 205 GLN A H    1 
ATOM   707 H  HA   . GLN A 1 54 ? 4.846   -15.332 -21.280 1.00 56.20 ? 205 GLN A HA   1 
ATOM   708 H  HB2  . GLN A 1 54 ? 3.634   -12.799 -21.278 1.00 60.86 ? 205 GLN A HB2  1 
ATOM   709 H  HB3  . GLN A 1 54 ? 3.107   -13.939 -22.252 1.00 60.86 ? 205 GLN A HB3  1 
ATOM   710 H  HG2  . GLN A 1 54 ? 2.464   -15.231 -20.477 1.00 60.45 ? 205 GLN A HG2  1 
ATOM   711 H  HG3  . GLN A 1 54 ? 3.135   -14.218 -19.448 1.00 60.45 ? 205 GLN A HG3  1 
ATOM   712 H  HE21 . GLN A 1 54 ? 0.414   -15.076 -19.510 1.00 65.67 ? 205 GLN A HE21 1 
ATOM   713 H  HE22 . GLN A 1 54 ? -0.450  -13.869 -19.638 1.00 65.67 ? 205 GLN A HE22 1 
ATOM   714 N  N    . LYS A 1 55 ? 6.201   -13.010 -23.016 1.00 49.90 ? 206 LYS A N    1 
ATOM   715 C  CA   . LYS A 1 55 ? 6.945   -12.788 -24.253 1.00 42.53 ? 206 LYS A CA   1 
ATOM   716 C  C    . LYS A 1 55 ? 8.109   -13.768 -24.370 1.00 45.00 ? 206 LYS A C    1 
ATOM   717 O  O    . LYS A 1 55 ? 8.240   -14.487 -25.370 1.00 47.91 ? 206 LYS A O    1 
ATOM   718 C  CB   . LYS A 1 55 ? 7.445   -11.344 -24.311 1.00 46.98 ? 206 LYS A CB   1 
ATOM   719 H  H    . LYS A 1 55 ? 6.188   -12.338 -22.480 1.00 60.37 ? 206 LYS A H    1 
ATOM   720 H  HA   . LYS A 1 55 ? 6.354   -12.932 -25.009 1.00 51.52 ? 206 LYS A HA   1 
ATOM   721 N  N    . GLU A 1 56 ? 8.969   -13.807 -23.350 1.00 42.57 ? 207 GLU A N    1 
ATOM   722 C  CA   . GLU A 1 56 ? 10.111  -14.714 -23.366 1.00 38.96 ? 207 GLU A CA   1 
ATOM   723 C  C    . GLU A 1 56 ? 9.676   -16.149 -23.632 1.00 44.80 ? 207 GLU A C    1 
ATOM   724 O  O    . GLU A 1 56 ? 10.383  -16.907 -24.307 1.00 48.81 ? 207 GLU A O    1 
ATOM   725 C  CB   . GLU A 1 56 ? 10.870  -14.627 -22.039 1.00 40.35 ? 207 GLU A CB   1 
ATOM   726 H  H    . GLU A 1 56 ? 8.911   -13.321 -22.642 1.00 51.58 ? 207 GLU A H    1 
ATOM   727 H  HA   . GLU A 1 56 ? 10.716  -14.448 -24.075 1.00 47.24 ? 207 GLU A HA   1 
ATOM   728 N  N    . LYS A 1 57 ? 8.517   -16.543 -23.105 1.00 33.05 ? 208 LYS A N    1 
ATOM   729 C  CA   . LYS A 1 57 ? 7.993   -17.873 -23.392 1.00 42.10 ? 208 LYS A CA   1 
ATOM   730 C  C    . LYS A 1 57 ? 7.637   -18.007 -24.864 1.00 55.46 ? 208 LYS A C    1 
ATOM   731 O  O    . LYS A 1 57 ? 7.983   -19.006 -25.502 1.00 50.74 ? 208 LYS A O    1 
ATOM   732 C  CB   . LYS A 1 57 ? 6.769   -18.159 -22.524 1.00 33.13 ? 208 LYS A CB   1 
ATOM   733 C  CG   . LYS A 1 57 ? 6.279   -19.596 -22.608 1.00 49.00 ? 208 LYS A CG   1 
ATOM   734 C  CD   . LYS A 1 57 ? 5.059   -19.837 -21.726 1.00 51.24 ? 208 LYS A CD   1 
ATOM   735 C  CE   . LYS A 1 57 ? 4.723   -21.318 -21.664 1.00 61.61 ? 208 LYS A CE   1 
ATOM   736 N  NZ   . LYS A 1 57 ? 3.497   -21.585 -20.870 1.00 60.73 ? 208 LYS A NZ   1 
ATOM   737 H  H    . LYS A 1 57 ? 8.023   -16.066 -22.587 1.00 40.15 ? 208 LYS A H    1 
ATOM   738 H  HA   . LYS A 1 57 ? 8.671   -18.534 -23.184 1.00 51.00 ? 208 LYS A HA   1 
ATOM   739 H  HB2  . LYS A 1 57 ? 6.994   -17.976 -21.598 1.00 40.25 ? 208 LYS A HB2  1 
ATOM   740 H  HB3  . LYS A 1 57 ? 6.044   -17.581 -22.806 1.00 40.25 ? 208 LYS A HB3  1 
ATOM   741 H  HG2  . LYS A 1 57 ? 6.032   -19.796 -23.524 1.00 59.29 ? 208 LYS A HG2  1 
ATOM   742 H  HG3  . LYS A 1 57 ? 6.986   -20.192 -22.315 1.00 59.29 ? 208 LYS A HG3  1 
ATOM   743 H  HD2  . LYS A 1 57 ? 5.246   -19.528 -20.826 1.00 61.98 ? 208 LYS A HD2  1 
ATOM   744 H  HD3  . LYS A 1 57 ? 4.296   -19.365 -22.095 1.00 61.98 ? 208 LYS A HD3  1 
ATOM   745 H  HE2  . LYS A 1 57 ? 4.577   -21.647 -22.564 1.00 74.42 ? 208 LYS A HE2  1 
ATOM   746 H  HE3  . LYS A 1 57 ? 5.459   -21.794 -21.250 1.00 74.42 ? 208 LYS A HE3  1 
ATOM   747 H  HZ1  . LYS A 1 57 ? 3.329   -22.459 -20.854 1.00 73.36 ? 208 LYS A HZ1  1 
ATOM   748 H  HZ2  . LYS A 1 57 ? 3.606   -21.296 -20.035 1.00 73.36 ? 208 LYS A HZ2  1 
ATOM   749 H  HZ3  . LYS A 1 57 ? 2.802   -21.163 -21.232 1.00 73.36 ? 208 LYS A HZ3  1 
ATOM   750 N  N    . GLU A 1 58 ? 6.954   -17.005 -25.422 1.00 48.49 ? 209 GLU A N    1 
ATOM   751 C  CA   . GLU A 1 58 ? 6.611   -17.051 -26.839 1.00 51.89 ? 209 GLU A CA   1 
ATOM   752 C  C    . GLU A 1 58 ? 7.857   -17.268 -27.689 1.00 54.31 ? 209 GLU A C    1 
ATOM   753 O  O    . GLU A 1 58 ? 7.900   -18.167 -28.540 1.00 56.50 ? 209 GLU A O    1 
ATOM   754 C  CB   . GLU A 1 58 ? 5.891   -15.764 -27.248 1.00 49.81 ? 209 GLU A CB   1 
ATOM   755 H  H    . GLU A 1 58 ? 6.683   -16.301 -25.009 1.00 58.68 ? 209 GLU A H    1 
ATOM   756 H  HA   . GLU A 1 58 ? 6.009   -17.795 -26.995 1.00 62.76 ? 209 GLU A HA   1 
ATOM   757 N  N    . ARG A 1 59 ? 8.892   -16.454 -27.467 1.00 35.31 ? 210 ARG A N    1 
ATOM   758 C  CA   . ARG A 1 59 ? 10.126  -16.607 -28.229 1.00 51.50 ? 210 ARG A CA   1 
ATOM   759 C  C    . ARG A 1 59 ? 10.735  -17.987 -28.008 1.00 53.29 ? 210 ARG A C    1 
ATOM   760 O  O    . ARG A 1 59 ? 11.123  -18.672 -28.961 1.00 52.81 ? 210 ARG A O    1 
ATOM   761 C  CB   . ARG A 1 59 ? 11.121  -15.515 -27.838 1.00 47.48 ? 210 ARG A CB   1 
ATOM   762 C  CG   . ARG A 1 59 ? 10.571  -14.095 -27.919 1.00 49.84 ? 210 ARG A CG   1 
ATOM   763 C  CD   . ARG A 1 59 ? 11.678  -13.075 -27.704 1.00 58.64 ? 210 ARG A CD   1 
ATOM   764 N  NE   . ARG A 1 59 ? 12.545  -13.451 -26.591 1.00 72.33 ? 210 ARG A NE   1 
ATOM   765 C  CZ   . ARG A 1 59 ? 13.719  -12.888 -26.325 1.00 77.79 ? 210 ARG A CZ   1 
ATOM   766 N  NH1  . ARG A 1 59 ? 14.187  -11.913 -27.096 1.00 75.41 ? 210 ARG A NH1  1 
ATOM   767 N  NH2  . ARG A 1 59 ? 14.432  -13.306 -25.289 1.00 76.50 ? 210 ARG A NH2  1 
ATOM   768 H  H    . ARG A 1 59 ? 8.902   -15.818 -26.889 1.00 42.86 ? 210 ARG A H    1 
ATOM   769 H  HA   . ARG A 1 59 ? 9.930   -16.512 -29.174 1.00 62.29 ? 210 ARG A HA   1 
ATOM   770 H  HB2  . ARG A 1 59 ? 11.401  -15.674 -26.922 1.00 57.46 ? 210 ARG A HB2  1 
ATOM   771 H  HB3  . ARG A 1 59 ? 11.889  -15.567 -28.428 1.00 57.46 ? 210 ARG A HB3  1 
ATOM   772 H  HG2  . ARG A 1 59 ? 10.186  -13.948 -28.798 1.00 60.30 ? 210 ARG A HG2  1 
ATOM   773 H  HG3  . ARG A 1 59 ? 9.900   -13.968 -27.230 1.00 60.30 ? 210 ARG A HG3  1 
ATOM   774 H  HD2  . ARG A 1 59 ? 12.219  -13.018 -28.506 1.00 70.85 ? 210 ARG A HD2  1 
ATOM   775 H  HD3  . ARG A 1 59 ? 11.283  -12.212 -27.504 1.00 70.85 ? 210 ARG A HD3  1 
ATOM   776 H  HE   . ARG A 1 59 ? 12.215  -13.973 -25.993 1.00 87.29 ? 210 ARG A HE   1 
ATOM   777 H  HH11 . ARG A 1 59 ? 13.731  -11.638 -27.771 1.00 90.98 ? 210 ARG A HH11 1 
ATOM   778 H  HH12 . ARG A 1 59 ? 14.948  -11.555 -26.918 1.00 90.98 ? 210 ARG A HH12 1 
ATOM   779 H  HH21 . ARG A 1 59 ? 14.133  -13.938 -24.788 1.00 92.29 ? 210 ARG A HH21 1 
ATOM   780 H  HH22 . ARG A 1 59 ? 15.193  -12.943 -25.115 1.00 92.29 ? 210 ARG A HH22 1 
ATOM   781 N  N    . LEU A 1 60 ? 10.825  -18.409 -26.744 1.00 47.46 ? 211 LEU A N    1 
ATOM   782 C  CA   . LEU A 1 60 ? 11.361  -19.729 -26.428 1.00 41.37 ? 211 LEU A CA   1 
ATOM   783 C  C    . LEU A 1 60 ? 10.655  -20.815 -27.230 1.00 49.48 ? 211 LEU A C    1 
ATOM   784 O  O    . LEU A 1 60 ? 11.290  -21.764 -27.703 1.00 51.07 ? 211 LEU A O    1 
ATOM   785 C  CB   . LEU A 1 60 ? 11.222  -19.987 -24.924 1.00 43.69 ? 211 LEU A CB   1 
ATOM   786 C  CG   . LEU A 1 60 ? 11.803  -21.271 -24.315 1.00 41.96 ? 211 LEU A CG   1 
ATOM   787 C  CD1  . LEU A 1 60 ? 10.855  -22.458 -24.475 1.00 54.36 ? 211 LEU A CD1  1 
ATOM   788 C  CD2  . LEU A 1 60 ? 13.166  -21.589 -24.902 1.00 52.26 ? 211 LEU A CD2  1 
ATOM   789 H  H    . LEU A 1 60 ? 10.584  -17.952 -26.058 1.00 57.44 ? 211 LEU A H    1 
ATOM   790 H  HA   . LEU A 1 60 ? 12.302  -19.750 -26.658 1.00 50.13 ? 211 LEU A HA   1 
ATOM   791 H  HB2  . LEU A 1 60 ? 11.645  -19.247 -24.461 1.00 52.92 ? 211 LEU A HB2  1 
ATOM   792 H  HB3  . LEU A 1 60 ? 10.276  -19.986 -24.714 1.00 52.92 ? 211 LEU A HB3  1 
ATOM   793 H  HG   . LEU A 1 60 ? 11.926  -21.126 -23.364 1.00 50.84 ? 211 LEU A HG   1 
ATOM   794 H  HD11 . LEU A 1 60 ? 11.215  -23.208 -23.978 1.00 65.72 ? 211 LEU A HD11 1 
ATOM   795 H  HD12 . LEU A 1 60 ? 9.983   -22.217 -24.125 1.00 65.72 ? 211 LEU A HD12 1 
ATOM   796 H  HD13 . LEU A 1 60 ? 10.785  -22.691 -25.412 1.00 65.72 ? 211 LEU A HD13 1 
ATOM   797 H  HD21 . LEU A 1 60 ? 13.524  -22.372 -24.455 1.00 63.20 ? 211 LEU A HD21 1 
ATOM   798 H  HD22 . LEU A 1 60 ? 13.071  -21.767 -25.851 1.00 63.20 ? 211 LEU A HD22 1 
ATOM   799 H  HD23 . LEU A 1 60 ? 13.756  -20.833 -24.762 1.00 63.20 ? 211 LEU A HD23 1 
ATOM   800 N  N    . GLU A 1 61 ? 9.338   -20.683 -27.401 1.00 43.71 ? 212 GLU A N    1 
ATOM   801 C  CA   . GLU A 1 61 ? 8.572   -21.683 -28.133 1.00 46.92 ? 212 GLU A CA   1 
ATOM   802 C  C    . GLU A 1 61 ? 8.766   -21.564 -29.637 1.00 47.04 ? 212 GLU A C    1 
ATOM   803 O  O    . GLU A 1 61 ? 8.714   -22.578 -30.338 1.00 48.48 ? 212 GLU A O    1 
ATOM   804 C  CB   . GLU A 1 61 ? 7.089   -21.571 -27.781 1.00 51.05 ? 212 GLU A CB   1 
ATOM   805 C  CG   . GLU A 1 61 ? 6.666   -22.491 -26.647 1.00 55.06 ? 212 GLU A CG   1 
ATOM   806 C  CD   . GLU A 1 61 ? 5.303   -22.139 -26.080 1.00 69.82 ? 212 GLU A CD   1 
ATOM   807 O  OE1  . GLU A 1 61 ? 4.527   -21.450 -26.773 1.00 67.78 ? 212 GLU A OE1  1 
ATOM   808 O  OE2  . GLU A 1 61 ? 5.011   -22.549 -24.937 1.00 74.23 ? 212 GLU A OE2  1 
ATOM   809 H  H    . GLU A 1 61 ? 8.871   -20.025 -27.104 1.00 52.94 ? 212 GLU A H    1 
ATOM   810 H  HA   . GLU A 1 61 ? 8.873   -22.565 -27.864 1.00 56.80 ? 212 GLU A HA   1 
ATOM   811 H  HB2  . GLU A 1 61 ? 6.897   -20.659 -27.512 1.00 61.75 ? 212 GLU A HB2  1 
ATOM   812 H  HB3  . GLU A 1 61 ? 6.563   -21.801 -28.563 1.00 61.75 ? 212 GLU A HB3  1 
ATOM   813 H  HG2  . GLU A 1 61 ? 6.626   -23.402 -26.978 1.00 66.55 ? 212 GLU A HG2  1 
ATOM   814 H  HG3  . GLU A 1 61 ? 7.315   -22.427 -25.930 1.00 66.55 ? 212 GLU A HG3  1 
ATOM   815 N  N    . PHE A 1 62 ? 8.976   -20.352 -30.158 1.00 46.85 ? 213 PHE A N    1 
ATOM   816 C  CA   . PHE A 1 62 ? 9.358   -20.232 -31.561 1.00 51.12 ? 213 PHE A CA   1 
ATOM   817 C  C    . PHE A 1 62 ? 10.679  -20.942 -31.816 1.00 52.01 ? 213 PHE A C    1 
ATOM   818 O  O    . PHE A 1 62 ? 10.842  -21.627 -32.833 1.00 52.86 ? 213 PHE A O    1 
ATOM   819 C  CB   . PHE A 1 62 ? 9.466   -18.763 -31.972 1.00 52.12 ? 213 PHE A CB   1 
ATOM   820 C  CG   . PHE A 1 62 ? 8.146   -18.057 -32.094 1.00 60.33 ? 213 PHE A CG   1 
ATOM   821 C  CD1  . PHE A 1 62 ? 7.058   -18.676 -32.689 1.00 62.86 ? 213 PHE A CD1  1 
ATOM   822 C  CD2  . PHE A 1 62 ? 7.997   -16.768 -31.611 1.00 56.96 ? 213 PHE A CD2  1 
ATOM   823 C  CE1  . PHE A 1 62 ? 5.846   -18.022 -32.798 1.00 61.45 ? 213 PHE A CE1  1 
ATOM   824 C  CE2  . PHE A 1 62 ? 6.791   -16.109 -31.714 1.00 60.38 ? 213 PHE A CE2  1 
ATOM   825 C  CZ   . PHE A 1 62 ? 5.712   -16.736 -32.310 1.00 72.70 ? 213 PHE A CZ   1 
ATOM   826 H  H    . PHE A 1 62 ? 8.906   -19.607 -29.733 1.00 56.71 ? 213 PHE A H    1 
ATOM   827 H  HA   . PHE A 1 62 ? 8.686   -20.662 -32.111 1.00 61.83 ? 213 PHE A HA   1 
ATOM   828 H  HB2  . PHE A 1 62 ? 9.992   -18.291 -31.307 1.00 63.04 ? 213 PHE A HB2  1 
ATOM   829 H  HB3  . PHE A 1 62 ? 9.908   -18.712 -32.835 1.00 63.04 ? 213 PHE A HB3  1 
ATOM   830 H  HD1  . PHE A 1 62 ? 7.144   -19.541 -33.019 1.00 75.92 ? 213 PHE A HD1  1 
ATOM   831 H  HD2  . PHE A 1 62 ? 8.720   -16.342 -31.209 1.00 68.84 ? 213 PHE A HD2  1 
ATOM   832 H  HE1  . PHE A 1 62 ? 5.122   -18.446 -33.199 1.00 74.23 ? 213 PHE A HE1  1 
ATOM   833 H  HE2  . PHE A 1 62 ? 6.703   -15.244 -31.385 1.00 72.95 ? 213 PHE A HE2  1 
ATOM   834 H  HZ   . PHE A 1 62 ? 4.897   -16.294 -32.382 1.00 87.73 ? 213 PHE A HZ   1 
ATOM   835 N  N    . VAL A 1 63 ? 11.638  -20.789 -30.902 1.00 50.15 ? 214 VAL A N    1 
ATOM   836 C  CA   . VAL A 1 63 ? 12.923  -21.462 -31.056 1.00 34.86 ? 214 VAL A CA   1 
ATOM   837 C  C    . VAL A 1 63 ? 12.753  -22.972 -30.948 1.00 47.22 ? 214 VAL A C    1 
ATOM   838 O  O    . VAL A 1 63 ? 13.370  -23.732 -31.704 1.00 46.38 ? 214 VAL A O    1 
ATOM   839 C  CB   . VAL A 1 63 ? 13.928  -20.920 -30.026 1.00 35.09 ? 214 VAL A CB   1 
ATOM   840 C  CG1  . VAL A 1 63 ? 15.215  -21.739 -30.025 1.00 48.87 ? 214 VAL A CG1  1 
ATOM   841 C  CG2  . VAL A 1 63 ? 14.235  -19.470 -30.331 1.00 39.31 ? 214 VAL A CG2  1 
ATOM   842 H  H    . VAL A 1 63 ? 11.570  -20.306 -30.194 1.00 60.67 ? 214 VAL A H    1 
ATOM   843 H  HA   . VAL A 1 63 ? 13.272  -21.268 -31.941 1.00 42.32 ? 214 VAL A HA   1 
ATOM   844 H  HB   . VAL A 1 63 ? 13.537  -20.968 -29.141 1.00 42.59 ? 214 VAL A HB   1 
ATOM   845 H  HG11 . VAL A 1 63 ? 15.901  -21.245 -29.550 1.00 59.13 ? 214 VAL A HG11 1 
ATOM   846 H  HG12 . VAL A 1 63 ? 15.053  -22.586 -29.583 1.00 59.13 ? 214 VAL A HG12 1 
ATOM   847 H  HG13 . VAL A 1 63 ? 15.494  -21.890 -30.942 1.00 59.13 ? 214 VAL A HG13 1 
ATOM   848 H  HG21 . VAL A 1 63 ? 14.883  -19.143 -29.687 1.00 47.66 ? 214 VAL A HG21 1 
ATOM   849 H  HG22 . VAL A 1 63 ? 14.598  -19.406 -31.227 1.00 47.66 ? 214 VAL A HG22 1 
ATOM   850 H  HG23 . VAL A 1 63 ? 13.417  -18.954 -30.267 1.00 47.66 ? 214 VAL A HG23 1 
ATOM   851 N  N    . LEU A 1 64 ? 11.914  -23.436 -30.018 1.00 43.41 ? 215 LEU A N    1 
ATOM   852 C  CA   . LEU A 1 64 ? 11.711  -24.876 -29.882 1.00 50.13 ? 215 LEU A CA   1 
ATOM   853 C  C    . LEU A 1 64 ? 10.969  -25.465 -31.078 1.00 45.24 ? 215 LEU A C    1 
ATOM   854 O  O    . LEU A 1 64 ? 11.197  -26.628 -31.431 1.00 41.26 ? 215 LEU A O    1 
ATOM   855 C  CB   . LEU A 1 64 ? 10.946  -25.196 -28.598 1.00 37.58 ? 215 LEU A CB   1 
ATOM   856 C  CG   . LEU A 1 64 ? 11.715  -25.255 -27.274 1.00 44.26 ? 215 LEU A CG   1 
ATOM   857 C  CD1  . LEU A 1 64 ? 10.790  -25.740 -26.169 1.00 51.31 ? 215 LEU A CD1  1 
ATOM   858 C  CD2  . LEU A 1 64 ? 12.942  -26.151 -27.355 1.00 38.10 ? 215 LEU A CD2  1 
ATOM   859 H  H    . LEU A 1 64 ? 11.464  -22.952 -29.469 1.00 52.58 ? 215 LEU A H    1 
ATOM   860 H  HA   . LEU A 1 64 ? 12.576  -25.309 -29.836 1.00 60.64 ? 215 LEU A HA   1 
ATOM   861 H  HB2  . LEU A 1 64 ? 10.256  -24.522 -28.490 1.00 45.58 ? 215 LEU A HB2  1 
ATOM   862 H  HB3  . LEU A 1 64 ? 10.524  -26.061 -28.715 1.00 45.58 ? 215 LEU A HB3  1 
ATOM   863 H  HG   . LEU A 1 64 ? 12.013  -24.361 -27.043 1.00 53.60 ? 215 LEU A HG   1 
ATOM   864 H  HD11 . LEU A 1 64 ? 11.281  -25.762 -25.333 1.00 62.06 ? 215 LEU A HD11 1 
ATOM   865 H  HD12 . LEU A 1 64 ? 10.040  -25.130 -26.095 1.00 62.06 ? 215 LEU A HD12 1 
ATOM   866 H  HD13 . LEU A 1 64 ? 10.473  -26.630 -26.391 1.00 62.06 ? 215 LEU A HD13 1 
ATOM   867 H  HD21 . LEU A 1 64 ? 13.277  -26.308 -26.459 1.00 46.20 ? 215 LEU A HD21 1 
ATOM   868 H  HD22 . LEU A 1 64 ? 12.691  -26.993 -27.768 1.00 46.20 ? 215 LEU A HD22 1 
ATOM   869 H  HD23 . LEU A 1 64 ? 13.621  -25.711 -27.890 1.00 46.20 ? 215 LEU A HD23 1 
ATOM   870 N  N    . VAL A 1 65 ? 10.083  -24.694 -31.709 1.00 52.44 ? 216 VAL A N    1 
ATOM   871 C  CA   . VAL A 1 65 ? 9.306   -25.211 -32.832 1.00 55.19 ? 216 VAL A CA   1 
ATOM   872 C  C    . VAL A 1 65 ? 10.163  -25.288 -34.089 1.00 48.30 ? 216 VAL A C    1 
ATOM   873 O  O    . VAL A 1 65 ? 10.207  -26.323 -34.766 1.00 47.93 ? 216 VAL A O    1 
ATOM   874 C  CB   . VAL A 1 65 ? 8.048   -24.347 -33.050 1.00 49.17 ? 216 VAL A CB   1 
ATOM   875 C  CG1  . VAL A 1 65 ? 7.486   -24.521 -34.459 1.00 51.19 ? 216 VAL A CG1  1 
ATOM   876 C  CG2  . VAL A 1 65 ? 6.989   -24.704 -32.022 1.00 48.68 ? 216 VAL A CG2  1 
ATOM   877 H  H    . VAL A 1 65 ? 9.914   -23.875 -31.507 1.00 63.41 ? 216 VAL A H    1 
ATOM   878 H  HA   . VAL A 1 65 ? 9.012   -26.111 -32.619 1.00 66.71 ? 216 VAL A HA   1 
ATOM   879 H  HB   . VAL A 1 65 ? 8.281   -23.413 -32.931 1.00 59.49 ? 216 VAL A HB   1 
ATOM   880 H  HG11 . VAL A 1 65 ? 6.577   -24.182 -34.477 1.00 61.92 ? 216 VAL A HG11 1 
ATOM   881 H  HG12 . VAL A 1 65 ? 8.034   -24.022 -35.086 1.00 61.92 ? 216 VAL A HG12 1 
ATOM   882 H  HG13 . VAL A 1 65 ? 7.489   -25.464 -34.687 1.00 61.92 ? 216 VAL A HG13 1 
ATOM   883 H  HG21 . VAL A 1 65 ? 6.216   -24.133 -32.155 1.00 58.90 ? 216 VAL A HG21 1 
ATOM   884 H  HG22 . VAL A 1 65 ? 6.737   -25.634 -32.139 1.00 58.90 ? 216 VAL A HG22 1 
ATOM   885 H  HG23 . VAL A 1 65 ? 7.353   -24.567 -31.134 1.00 58.90 ? 216 VAL A HG23 1 
ATOM   886 N  N    . ALA A 1 66 ? 10.858  -24.204 -34.416 1.00 45.60 ? 217 ALA A N    1 
ATOM   887 C  CA   . ALA A 1 66 ? 11.711  -24.179 -35.595 1.00 46.51 ? 217 ALA A CA   1 
ATOM   888 C  C    . ALA A 1 66 ? 12.929  -25.071 -35.385 1.00 53.87 ? 217 ALA A C    1 
ATOM   889 O  O    . ALA A 1 66 ? 12.804  -26.294 -35.291 1.00 52.82 ? 217 ALA A O    1 
ATOM   890 C  CB   . ALA A 1 66 ? 12.136  -22.753 -35.912 1.00 46.79 ? 217 ALA A CB   1 
ATOM   891 H  H    . ALA A 1 66 ? 10.852  -23.469 -33.970 1.00 55.21 ? 217 ALA A H    1 
ATOM   892 H  HA   . ALA A 1 66 ? 11.217  -24.522 -36.354 1.00 56.30 ? 217 ALA A HA   1 
ATOM   893 H  HB1  . ALA A 1 66 ? 12.702  -22.760 -36.700 1.00 56.63 ? 217 ALA A HB1  1 
ATOM   894 H  HB2  . ALA A 1 66 ? 11.344  -22.217 -36.078 1.00 56.63 ? 217 ALA A HB2  1 
ATOM   895 H  HB3  . ALA A 1 66 ? 12.625  -22.394 -35.155 1.00 56.63 ? 217 ALA A HB3  1 
HETATM 896 CL CL   . CL  B 2 .  ? -7.863  15.345  10.035  1.00 42.30 ? 301 CL  A CL   1 
HETATM 897 CL CL   . CL  C 2 .  ? -1.355  2.559   16.788  1.00 61.00 ? 302 CL  A CL   1 
HETATM 898 CL CL   . CL  D 2 .  ? -11.930 15.510  15.078  1.00 74.31 ? 303 CL  A CL   1 
HETATM 899 O  O    . HOH E 3 .  ? -2.087  14.704  15.017  1.00 20.35 ? 401 HOH A O    1 
HETATM 900 O  O    . HOH E 3 .  ? -8.617  16.842  18.902  1.00 31.46 ? 402 HOH A O    1 
HETATM 901 O  O    . HOH E 3 .  ? -8.630  8.998   23.613  1.00 38.72 ? 403 HOH A O    1 
HETATM 902 O  O    . HOH E 3 .  ? 12.401  -28.809 -34.592 1.00 41.70 ? 404 HOH A O    1 
HETATM 903 O  O    . HOH E 3 .  ? -10.947 12.773  18.499  1.00 24.55 ? 405 HOH A O    1 
HETATM 904 O  O    . HOH E 3 .  ? -0.671  11.988  14.050  1.00 24.17 ? 406 HOH A O    1 
HETATM 905 O  O    . HOH E 3 .  ? 1.448   8.694   4.081   1.00 27.24 ? 407 HOH A O    1 
HETATM 906 O  O    . HOH E 3 .  ? -8.540  7.954   6.848   1.00 37.73 ? 408 HOH A O    1 
HETATM 907 O  O    . HOH E 3 .  ? 11.729  -12.117 -19.973 1.00 49.26 ? 409 HOH A O    1 
HETATM 908 O  O    . HOH E 3 .  ? 2.078   1.578   17.234  1.00 51.45 ? 410 HOH A O    1 
HETATM 909 O  O    . HOH E 3 .  ? -3.339  -3.011  17.729  1.00 38.65 ? 411 HOH A O    1 
# 
